data_1UKS
#
_entry.id   1UKS
#
_cell.length_a   64.85
_cell.length_b   74.53
_cell.length_c   78.94
_cell.angle_alpha   85.19
_cell.angle_beta   104.86
_cell.angle_gamma   101.04
#
_symmetry.space_group_name_H-M   'P 1'
#
loop_
_entity.id
_entity.type
_entity.pdbx_description
1 polymer 'Cyclomaltodextrin glucanotransferase'
2 branched 4,6-dideoxy-alpha-D-xylo-hexopyranose-(1-4)-beta-D-galactopyranose
3 non-polymer alpha-D-glucopyranose
4 non-polymer 6-AMINO-4-HYDROXYMETHYL-CYCLOHEX-4-ENE-1,2,3-TRIOL
5 non-polymer 'CALCIUM ION'
6 water water
#
_entity_poly.entity_id   1
_entity_poly.type   'polypeptide(L)'
_entity_poly.pdbx_seq_one_letter_code
;APDTSVSNKQNFSTDVIYQIFTDRFSDGNPANNPTGAAFDGSCTNLRLYCGGDWQGIINKINDGYLTGMGITAIWISQPV
ENIYSVINYSGVNNTAYHGYWARDFKKTNPAYGTMQDFKNLIDTAHAHNIKVIIDFAPNHTSPASSDDPSFAENGRLYDN
GNLLGGYTNDTQNLFHHYGGTDLSTIENGIYKNLYDLADLNHNNSSVDVYLKDAIKMWLDLGVDGIRVDAVKHMPFGWQK
SFMATINNYKPVFTFGEWLLGVNEISPEYHQFANESGMSLLDFRFAQKARQVFRDNTDNMYGLKAMLEGSEVDYAQVNDQ
VTFIDNHDMERFHTSNGDRRKLEQALAFTLTSRGVPAIYYGSEQYMSGGNDPDNRARLPSFSTTTTAYQVIQKLAPLRKS
NPAIAYGSTHERWINNDVIIYERKFGNNVAVVAINRNMNTPASITGLVTSLPRGSYNDVLGGILNGNTLTVGAGGAASNF
TLAPGGTAVWQYTTDATTPIIGNVGPMMAKPGVTITIDGRGFGSGKGTVYFGTTAVTGADIVAWEDTQIQVKIPAVPGGI
YDIRVANAAGAASNIYDNFEVLTGDQVTVRFVINNATTALGQNVFLTGNVSELGNWDPNNAIGPMYNQVVYQYPTWYYDV
SVPAGQTIEFKFLKKQGSTVTWEGGANRTFTTPTSGTATVNVNWQP
;
_entity_poly.pdbx_strand_id   A,B
#
# COMPACT_ATOMS: atom_id res chain seq x y z
N ALA A 1 -15.89 23.96 1.46
CA ALA A 1 -15.36 24.53 2.71
C ALA A 1 -14.19 23.60 3.07
N PRO A 2 -13.25 23.81 4.00
CA PRO A 2 -12.21 22.83 4.27
C PRO A 2 -12.71 21.55 4.92
N ASP A 3 -11.93 20.49 4.78
CA ASP A 3 -12.22 19.21 5.42
C ASP A 3 -12.40 19.34 6.93
N THR A 4 -11.74 20.29 7.61
CA THR A 4 -11.80 20.40 9.06
C THR A 4 -12.99 21.22 9.56
N SER A 5 -13.80 21.78 8.67
CA SER A 5 -14.89 22.64 9.05
C SER A 5 -15.93 21.91 9.88
N VAL A 6 -16.59 22.62 10.80
CA VAL A 6 -17.70 22.06 11.58
C VAL A 6 -18.81 21.73 10.60
N SER A 7 -18.93 22.38 9.45
CA SER A 7 -20.03 22.02 8.56
C SER A 7 -19.80 20.67 7.85
N ASN A 8 -18.66 19.99 8.03
CA ASN A 8 -18.45 18.71 7.40
C ASN A 8 -19.17 17.62 8.18
N LYS A 9 -20.46 17.38 7.89
CA LYS A 9 -21.24 16.33 8.56
C LYS A 9 -20.91 14.95 8.07
N GLN A 10 -20.28 14.79 6.91
CA GLN A 10 -20.03 13.47 6.35
C GLN A 10 -18.84 12.73 6.91
N ASN A 11 -17.76 13.37 7.34
CA ASN A 11 -16.56 12.63 7.71
C ASN A 11 -16.04 13.25 8.97
N PHE A 12 -15.62 12.38 9.88
CA PHE A 12 -15.21 12.80 11.22
C PHE A 12 -13.78 12.41 11.59
N SER A 13 -12.89 11.98 10.69
CA SER A 13 -11.53 11.59 11.04
C SER A 13 -10.75 12.78 11.62
N THR A 14 -11.11 14.04 11.32
CA THR A 14 -10.41 15.17 11.89
C THR A 14 -10.97 15.56 13.27
N ASP A 15 -11.96 14.84 13.79
CA ASP A 15 -12.63 15.18 15.04
C ASP A 15 -12.22 14.33 16.19
N VAL A 16 -12.47 14.85 17.41
CA VAL A 16 -12.36 14.02 18.60
C VAL A 16 -13.71 14.18 19.26
N ILE A 17 -14.31 13.02 19.45
CA ILE A 17 -15.63 12.90 20.03
C ILE A 17 -15.57 12.72 21.54
N TYR A 18 -16.41 13.43 22.29
CA TYR A 18 -16.53 13.26 23.71
C TYR A 18 -17.94 12.67 23.93
N GLN A 19 -18.01 11.45 24.45
CA GLN A 19 -19.26 10.70 24.61
C GLN A 19 -19.83 11.03 25.98
N ILE A 20 -21.00 11.68 25.99
CA ILE A 20 -21.65 12.13 27.20
C ILE A 20 -22.91 11.33 27.46
N PHE A 21 -23.07 10.82 28.67
CA PHE A 21 -24.37 10.33 29.11
C PHE A 21 -25.03 11.60 29.68
N THR A 22 -25.97 12.20 28.95
CA THR A 22 -26.55 13.49 29.27
C THR A 22 -26.97 13.66 30.74
N ASP A 23 -27.52 12.61 31.35
CA ASP A 23 -27.97 12.68 32.72
C ASP A 23 -26.88 12.80 33.79
N ARG A 24 -25.69 12.30 33.43
CA ARG A 24 -24.57 12.18 34.33
C ARG A 24 -23.50 13.26 34.13
N PHE A 25 -23.73 14.24 33.27
CA PHE A 25 -22.77 15.28 33.02
C PHE A 25 -23.10 16.56 33.81
N SER A 26 -24.01 17.47 33.43
CA SER A 26 -24.27 18.62 34.25
C SER A 26 -25.74 18.97 34.23
N ASP A 27 -26.28 19.13 35.44
CA ASP A 27 -27.63 19.58 35.57
C ASP A 27 -27.59 21.10 35.42
N GLY A 28 -27.81 21.65 34.22
CA GLY A 28 -27.87 23.09 34.01
C GLY A 28 -29.26 23.68 34.28
N ASN A 29 -30.32 22.88 34.35
CA ASN A 29 -31.67 23.38 34.62
C ASN A 29 -32.35 22.40 35.59
N PRO A 30 -32.42 22.74 36.89
CA PRO A 30 -33.07 21.94 37.93
C PRO A 30 -34.58 21.85 37.76
N ALA A 31 -35.24 22.81 37.11
CA ALA A 31 -36.70 22.78 36.93
C ALA A 31 -37.17 21.65 36.02
N ASN A 32 -36.31 21.14 35.13
CA ASN A 32 -36.74 20.02 34.31
C ASN A 32 -36.45 18.67 34.92
N ASN A 33 -36.03 18.63 36.19
CA ASN A 33 -35.62 17.36 36.79
C ASN A 33 -36.84 16.51 37.10
N PRO A 34 -36.87 15.21 36.78
CA PRO A 34 -37.88 14.29 37.28
C PRO A 34 -38.12 14.46 38.79
N THR A 35 -39.30 14.16 39.28
CA THR A 35 -39.57 14.23 40.70
C THR A 35 -39.92 12.85 41.25
N GLY A 36 -39.94 12.78 42.57
CA GLY A 36 -40.41 11.60 43.26
C GLY A 36 -39.41 10.50 43.14
N ALA A 37 -39.96 9.33 42.92
CA ALA A 37 -39.17 8.12 42.87
C ALA A 37 -38.28 7.98 41.64
N ALA A 38 -38.49 8.84 40.63
CA ALA A 38 -37.67 8.81 39.43
C ALA A 38 -36.37 9.61 39.58
N PHE A 39 -36.22 10.35 40.68
CA PHE A 39 -35.10 11.23 40.82
C PHE A 39 -34.26 10.95 42.03
N ASP A 40 -32.95 11.06 41.86
CA ASP A 40 -32.01 11.02 42.94
C ASP A 40 -30.94 12.08 42.71
N GLY A 41 -31.11 13.21 43.38
CA GLY A 41 -30.18 14.31 43.25
C GLY A 41 -28.79 13.95 43.76
N SER A 42 -28.62 13.00 44.69
CA SER A 42 -27.26 12.70 45.12
C SER A 42 -26.52 11.84 44.09
N CYS A 43 -27.27 11.29 43.13
CA CYS A 43 -26.79 10.36 42.13
C CYS A 43 -26.03 9.21 42.76
N THR A 44 -26.54 8.64 43.86
CA THR A 44 -25.95 7.43 44.40
C THR A 44 -26.73 6.19 43.98
N ASN A 45 -27.98 6.31 43.50
CA ASN A 45 -28.68 5.19 42.92
C ASN A 45 -28.54 5.55 41.45
N LEU A 46 -27.59 4.84 40.86
CA LEU A 46 -27.20 5.04 39.48
C LEU A 46 -28.21 4.57 38.43
N ARG A 47 -29.41 4.10 38.84
CA ARG A 47 -30.43 3.73 37.86
C ARG A 47 -31.55 4.75 37.85
N LEU A 48 -31.42 5.82 38.63
CA LEU A 48 -32.42 6.86 38.67
C LEU A 48 -31.90 8.07 37.92
N TYR A 49 -32.74 9.07 37.66
CA TYR A 49 -32.30 10.29 37.04
C TYR A 49 -31.52 11.11 38.08
N CYS A 50 -30.34 11.62 37.70
CA CYS A 50 -29.53 12.52 38.52
C CYS A 50 -29.75 13.99 38.17
N GLY A 51 -30.29 14.29 36.98
CA GLY A 51 -30.67 15.66 36.63
C GLY A 51 -29.93 16.34 35.49
N GLY A 52 -28.89 15.70 34.96
CA GLY A 52 -28.10 16.25 33.88
C GLY A 52 -28.94 16.45 32.63
N ASP A 53 -28.62 17.51 31.88
CA ASP A 53 -29.44 17.96 30.78
C ASP A 53 -28.68 18.69 29.68
N TRP A 54 -29.42 19.14 28.66
CA TRP A 54 -28.82 19.87 27.54
C TRP A 54 -28.34 21.25 27.92
N GLN A 55 -29.00 21.96 28.85
CA GLN A 55 -28.47 23.21 29.35
C GLN A 55 -27.10 23.02 30.03
N GLY A 56 -26.87 21.89 30.70
CA GLY A 56 -25.62 21.62 31.39
C GLY A 56 -24.50 21.48 30.40
N ILE A 57 -24.75 20.83 29.27
CA ILE A 57 -23.75 20.70 28.20
C ILE A 57 -23.50 22.08 27.58
N ILE A 58 -24.54 22.91 27.29
CA ILE A 58 -24.36 24.26 26.76
C ILE A 58 -23.43 25.05 27.69
N ASN A 59 -23.61 24.90 28.99
CA ASN A 59 -22.79 25.60 29.96
C ASN A 59 -21.32 25.21 29.92
N LYS A 60 -21.05 23.91 29.75
CA LYS A 60 -19.68 23.43 29.72
C LYS A 60 -19.02 23.66 28.37
N ILE A 61 -19.78 23.97 27.32
CA ILE A 61 -19.21 24.42 26.07
C ILE A 61 -18.88 25.91 26.23
N ASN A 62 -19.77 26.75 26.75
CA ASN A 62 -19.55 28.17 26.96
C ASN A 62 -18.43 28.57 27.89
N ASP A 63 -18.26 27.89 29.01
CA ASP A 63 -17.22 28.25 29.94
C ASP A 63 -15.85 27.65 29.63
N GLY A 64 -15.76 27.02 28.45
CA GLY A 64 -14.54 26.47 27.97
C GLY A 64 -14.14 25.14 28.55
N TYR A 65 -14.95 24.36 29.27
CA TYR A 65 -14.50 23.09 29.78
C TYR A 65 -14.27 22.13 28.62
N LEU A 66 -15.21 22.05 27.68
CA LEU A 66 -15.09 21.10 26.58
C LEU A 66 -14.17 21.61 25.48
N THR A 67 -14.24 22.89 25.15
CA THR A 67 -13.43 23.42 24.07
C THR A 67 -11.99 23.58 24.56
N GLY A 68 -11.70 23.77 25.85
CA GLY A 68 -10.33 23.88 26.33
C GLY A 68 -9.57 22.57 26.17
N MET A 69 -10.32 21.47 26.12
CA MET A 69 -9.80 20.15 25.97
C MET A 69 -9.53 19.82 24.51
N GLY A 70 -10.03 20.60 23.55
CA GLY A 70 -9.84 20.33 22.13
C GLY A 70 -10.90 19.42 21.51
N ILE A 71 -12.00 19.18 22.23
CA ILE A 71 -13.09 18.34 21.74
C ILE A 71 -13.75 19.02 20.56
N THR A 72 -14.03 18.28 19.48
CA THR A 72 -14.71 18.89 18.37
C THR A 72 -16.02 18.20 18.04
N ALA A 73 -16.46 17.20 18.79
CA ALA A 73 -17.72 16.52 18.52
C ALA A 73 -18.19 16.00 19.86
N ILE A 74 -19.49 16.02 20.07
CA ILE A 74 -20.13 15.61 21.31
C ILE A 74 -21.05 14.46 20.88
N TRP A 75 -21.13 13.37 21.63
CA TRP A 75 -22.06 12.30 21.30
C TRP A 75 -22.94 12.19 22.55
N ILE A 76 -24.23 12.46 22.40
CA ILE A 76 -25.16 12.47 23.52
C ILE A 76 -26.18 11.33 23.45
N SER A 77 -26.80 11.10 24.62
CA SER A 77 -27.85 10.12 24.82
C SER A 77 -28.99 10.37 23.85
N GLN A 78 -29.75 9.33 23.50
CA GLN A 78 -30.84 9.46 22.52
C GLN A 78 -31.80 10.54 23.00
N PRO A 79 -32.14 11.54 22.16
CA PRO A 79 -32.87 12.73 22.58
C PRO A 79 -34.39 12.61 22.66
N VAL A 80 -34.94 11.50 22.16
CA VAL A 80 -36.39 11.33 22.01
C VAL A 80 -37.11 11.07 23.32
N GLU A 81 -38.40 11.38 23.35
CA GLU A 81 -39.20 11.14 24.55
C GLU A 81 -39.21 9.66 24.92
N ASN A 82 -38.96 9.41 26.21
CA ASN A 82 -38.91 8.07 26.76
C ASN A 82 -40.08 7.87 27.70
N ILE A 83 -40.32 6.62 28.12
CA ILE A 83 -41.36 6.34 29.08
C ILE A 83 -41.01 7.02 30.40
N TYR A 84 -42.06 7.35 31.14
CA TYR A 84 -41.95 8.01 32.44
C TYR A 84 -41.98 7.05 33.62
N SER A 85 -42.28 5.76 33.45
CA SER A 85 -42.40 4.81 34.53
C SER A 85 -41.14 4.56 35.37
N VAL A 86 -41.29 4.31 36.67
CA VAL A 86 -40.16 3.87 37.49
C VAL A 86 -40.41 2.36 37.54
N ILE A 87 -39.56 1.53 36.95
CA ILE A 87 -39.81 0.10 36.90
C ILE A 87 -39.00 -0.53 38.00
N ASN A 88 -39.62 -1.40 38.78
CA ASN A 88 -38.88 -2.03 39.85
C ASN A 88 -38.46 -3.39 39.36
N TYR A 89 -37.17 -3.62 39.23
CA TYR A 89 -36.67 -4.93 38.85
C TYR A 89 -36.08 -5.51 40.10
N SER A 90 -36.82 -6.49 40.62
CA SER A 90 -36.50 -7.24 41.83
C SER A 90 -35.83 -6.41 42.93
N GLY A 91 -36.61 -5.43 43.35
CA GLY A 91 -36.20 -4.58 44.41
C GLY A 91 -35.72 -3.25 43.89
N VAL A 92 -34.85 -3.21 42.88
CA VAL A 92 -34.32 -1.90 42.53
C VAL A 92 -35.10 -1.24 41.41
N ASN A 93 -35.38 0.03 41.68
CA ASN A 93 -36.09 0.92 40.79
C ASN A 93 -35.22 1.39 39.64
N ASN A 94 -35.78 1.47 38.45
CA ASN A 94 -35.05 1.81 37.24
C ASN A 94 -35.83 2.85 36.48
N THR A 95 -35.17 3.81 35.86
CA THR A 95 -35.83 4.83 35.07
C THR A 95 -35.15 4.86 33.69
N ALA A 96 -35.67 5.66 32.75
CA ALA A 96 -35.15 5.78 31.42
C ALA A 96 -34.03 6.84 31.32
N TYR A 97 -33.19 7.03 32.37
CA TYR A 97 -32.14 8.07 32.43
C TYR A 97 -31.20 8.03 31.23
N HIS A 98 -31.00 6.81 30.74
CA HIS A 98 -30.11 6.49 29.62
C HIS A 98 -30.64 6.80 28.22
N GLY A 99 -31.93 7.18 28.09
CA GLY A 99 -32.50 7.58 26.82
C GLY A 99 -32.89 6.41 25.93
N TYR A 100 -32.79 5.16 26.36
CA TYR A 100 -32.99 4.03 25.47
C TYR A 100 -34.39 3.43 25.43
N TRP A 101 -35.32 3.91 26.23
CA TRP A 101 -36.65 3.32 26.33
C TRP A 101 -37.66 4.30 25.74
N ALA A 102 -37.55 4.47 24.44
CA ALA A 102 -38.38 5.36 23.66
C ALA A 102 -39.89 5.13 23.64
N ARG A 103 -40.65 6.22 23.60
CA ARG A 103 -42.08 6.10 23.41
C ARG A 103 -42.47 7.07 22.31
N ASP A 104 -41.79 8.19 22.04
CA ASP A 104 -42.16 9.01 20.89
C ASP A 104 -40.86 9.52 20.26
N PHE A 105 -40.53 9.04 19.04
CA PHE A 105 -39.30 9.43 18.35
C PHE A 105 -39.38 10.81 17.67
N LYS A 106 -40.52 11.51 17.79
CA LYS A 106 -40.69 12.83 17.23
C LYS A 106 -40.63 13.91 18.30
N LYS A 107 -40.53 13.58 19.59
CA LYS A 107 -40.55 14.60 20.64
C LYS A 107 -39.30 14.49 21.49
N THR A 108 -38.96 15.47 22.32
CA THR A 108 -37.77 15.37 23.16
C THR A 108 -38.09 14.71 24.49
N ASN A 109 -37.07 14.20 25.15
CA ASN A 109 -37.18 13.78 26.53
C ASN A 109 -37.14 15.09 27.30
N PRO A 110 -38.21 15.53 28.03
CA PRO A 110 -38.21 16.81 28.73
C PRO A 110 -37.24 16.88 29.92
N ALA A 111 -36.73 15.77 30.44
CA ALA A 111 -35.73 15.83 31.48
C ALA A 111 -34.43 16.43 30.90
N TYR A 112 -34.19 16.19 29.62
CA TYR A 112 -33.01 16.72 28.96
C TYR A 112 -33.30 18.12 28.48
N GLY A 113 -34.49 18.34 27.94
CA GLY A 113 -34.88 19.68 27.55
C GLY A 113 -36.03 19.69 26.56
N THR A 114 -36.41 20.89 26.18
CA THR A 114 -37.46 21.10 25.21
C THR A 114 -36.82 21.08 23.82
N MET A 115 -37.62 21.07 22.78
CA MET A 115 -37.14 21.23 21.42
C MET A 115 -36.36 22.53 21.26
N GLN A 116 -36.71 23.61 21.97
CA GLN A 116 -35.91 24.83 21.91
C GLN A 116 -34.54 24.61 22.55
N ASP A 117 -34.47 23.86 23.63
CA ASP A 117 -33.23 23.53 24.25
C ASP A 117 -32.37 22.73 23.30
N PHE A 118 -32.94 21.79 22.54
CA PHE A 118 -32.14 21.03 21.60
C PHE A 118 -31.55 21.95 20.51
N LYS A 119 -32.37 22.84 19.94
CA LYS A 119 -31.94 23.83 18.96
C LYS A 119 -30.81 24.67 19.53
N ASN A 120 -30.98 25.20 20.74
CA ASN A 120 -29.95 25.96 21.40
C ASN A 120 -28.70 25.12 21.54
N LEU A 121 -28.74 23.82 21.81
CA LEU A 121 -27.55 22.98 21.90
C LEU A 121 -26.86 22.87 20.54
N ILE A 122 -27.62 22.68 19.44
CA ILE A 122 -27.04 22.52 18.11
C ILE A 122 -26.33 23.81 17.76
N ASP A 123 -26.99 24.94 18.00
CA ASP A 123 -26.41 26.23 17.61
C ASP A 123 -25.24 26.63 18.49
N THR A 124 -25.21 26.33 19.79
CA THR A 124 -24.06 26.74 20.59
C THR A 124 -22.87 25.80 20.35
N ALA A 125 -23.13 24.52 20.04
CA ALA A 125 -22.08 23.60 19.69
C ALA A 125 -21.47 24.07 18.36
N HIS A 126 -22.26 24.34 17.34
CA HIS A 126 -21.78 24.78 16.05
C HIS A 126 -21.04 26.12 16.10
N ALA A 127 -21.45 27.06 16.94
CA ALA A 127 -20.77 28.32 17.08
C ALA A 127 -19.39 28.14 17.67
N HIS A 128 -19.18 27.02 18.37
CA HIS A 128 -17.90 26.71 18.96
C HIS A 128 -17.20 25.59 18.21
N ASN A 129 -17.58 25.37 16.95
CA ASN A 129 -17.04 24.34 16.07
C ASN A 129 -17.05 22.92 16.58
N ILE A 130 -18.13 22.62 17.30
CA ILE A 130 -18.45 21.29 17.80
C ILE A 130 -19.66 20.71 17.03
N LYS A 131 -19.45 19.50 16.51
CA LYS A 131 -20.45 18.68 15.83
C LYS A 131 -21.25 17.90 16.87
N VAL A 132 -22.51 17.49 16.59
CA VAL A 132 -23.37 16.85 17.58
C VAL A 132 -23.86 15.55 17.00
N ILE A 133 -23.56 14.43 17.66
CA ILE A 133 -23.96 13.09 17.26
C ILE A 133 -25.01 12.71 18.29
N ILE A 134 -26.11 12.10 17.82
CA ILE A 134 -27.16 11.61 18.71
C ILE A 134 -27.26 10.09 18.58
N ASP A 135 -27.49 9.41 19.70
CA ASP A 135 -27.91 8.01 19.67
C ASP A 135 -29.28 7.89 18.99
N PHE A 136 -29.54 6.77 18.33
CA PHE A 136 -30.83 6.53 17.73
C PHE A 136 -30.92 5.04 17.86
N ALA A 137 -32.00 4.57 18.49
CA ALA A 137 -32.20 3.18 18.80
C ALA A 137 -33.53 2.69 18.22
N PRO A 138 -33.66 2.44 16.89
CA PRO A 138 -34.90 2.03 16.23
C PRO A 138 -35.30 0.54 16.35
N ASN A 139 -34.63 -0.24 17.18
CA ASN A 139 -34.89 -1.65 17.32
C ASN A 139 -36.11 -1.89 18.22
N HIS A 140 -36.42 -0.97 19.15
CA HIS A 140 -37.40 -1.26 20.17
C HIS A 140 -37.99 0.03 20.71
N THR A 141 -39.05 -0.08 21.51
CA THR A 141 -39.54 1.07 22.28
C THR A 141 -39.08 0.91 23.75
N SER A 142 -39.84 0.30 24.67
CA SER A 142 -39.51 0.26 26.08
C SER A 142 -39.92 -1.05 26.74
N PRO A 143 -39.62 -1.35 28.02
CA PRO A 143 -40.06 -2.58 28.71
C PRO A 143 -41.59 -2.82 28.56
N ALA A 144 -41.99 -4.05 28.22
CA ALA A 144 -43.39 -4.35 27.99
C ALA A 144 -43.67 -5.81 28.25
N SER A 145 -44.92 -6.11 28.67
CA SER A 145 -45.39 -7.48 28.82
C SER A 145 -46.71 -7.44 28.12
N SER A 146 -46.89 -8.24 27.10
CA SER A 146 -48.19 -8.28 26.48
C SER A 146 -49.15 -9.03 27.43
N ASP A 147 -48.67 -9.94 28.30
CA ASP A 147 -49.54 -10.61 29.25
C ASP A 147 -50.01 -9.66 30.30
N ASP A 148 -49.17 -8.71 30.72
CA ASP A 148 -49.61 -7.73 31.67
C ASP A 148 -49.56 -6.31 31.09
N PRO A 149 -50.66 -5.80 30.55
CA PRO A 149 -50.70 -4.47 29.99
C PRO A 149 -50.45 -3.34 30.99
N SER A 150 -50.47 -3.59 32.29
CA SER A 150 -50.27 -2.53 33.28
C SER A 150 -48.81 -2.31 33.62
N PHE A 151 -47.97 -3.24 33.15
CA PHE A 151 -46.55 -3.13 33.36
C PHE A 151 -46.00 -1.97 32.53
N ALA A 152 -45.33 -1.02 33.21
CA ALA A 152 -44.68 0.12 32.59
C ALA A 152 -45.64 0.86 31.68
N GLU A 153 -45.36 1.17 30.41
CA GLU A 153 -46.33 1.81 29.55
C GLU A 153 -46.61 0.83 28.42
N ASN A 154 -46.43 -0.48 28.66
CA ASN A 154 -46.76 -1.52 27.70
C ASN A 154 -46.16 -1.33 26.31
N GLY A 155 -44.93 -0.78 26.32
CA GLY A 155 -44.19 -0.54 25.10
C GLY A 155 -44.86 0.42 24.16
N ARG A 156 -45.81 1.28 24.55
CA ARG A 156 -46.53 2.11 23.60
C ARG A 156 -45.72 3.11 22.77
N LEU A 157 -46.02 3.10 21.47
CA LEU A 157 -45.38 3.99 20.52
C LEU A 157 -46.36 5.09 20.12
N TYR A 158 -45.93 6.35 20.20
CA TYR A 158 -46.71 7.50 19.81
C TYR A 158 -45.99 8.17 18.66
N ASP A 159 -46.70 8.95 17.86
CA ASP A 159 -46.15 9.69 16.75
C ASP A 159 -46.56 11.13 17.00
N ASN A 160 -45.62 11.93 17.48
CA ASN A 160 -45.86 13.31 17.85
C ASN A 160 -47.10 13.54 18.71
N GLY A 161 -47.35 12.67 19.68
CA GLY A 161 -48.51 12.82 20.56
C GLY A 161 -49.59 11.80 20.24
N ASN A 162 -49.66 11.29 19.01
CA ASN A 162 -50.73 10.41 18.62
C ASN A 162 -50.41 8.96 18.86
N LEU A 163 -51.18 8.18 19.62
CA LEU A 163 -50.87 6.79 19.90
C LEU A 163 -50.92 5.96 18.65
N LEU A 164 -49.83 5.28 18.33
CA LEU A 164 -49.89 4.33 17.24
C LEU A 164 -50.29 2.99 17.84
N GLY A 165 -49.76 2.53 18.96
CA GLY A 165 -50.21 1.27 19.54
C GLY A 165 -49.33 0.76 20.65
N GLY A 166 -49.80 -0.28 21.35
CA GLY A 166 -49.12 -0.92 22.44
C GLY A 166 -48.84 -2.37 22.09
N TYR A 167 -48.15 -3.01 23.04
CA TYR A 167 -47.68 -4.39 22.91
C TYR A 167 -48.77 -5.42 23.16
N THR A 168 -49.66 -5.11 24.11
CA THR A 168 -50.82 -5.96 24.34
C THR A 168 -51.82 -5.51 23.28
N ASN A 169 -52.48 -6.51 22.73
CA ASN A 169 -53.47 -6.32 21.69
C ASN A 169 -53.02 -5.52 20.48
N ASP A 170 -51.87 -5.96 19.99
CA ASP A 170 -51.24 -5.33 18.83
C ASP A 170 -51.80 -5.96 17.55
N THR A 171 -52.99 -5.50 17.18
CA THR A 171 -53.69 -6.04 16.02
C THR A 171 -53.07 -5.57 14.71
N GLN A 172 -52.32 -4.46 14.74
CA GLN A 172 -51.57 -3.92 13.60
C GLN A 172 -50.23 -4.63 13.35
N ASN A 173 -49.74 -5.42 14.32
CA ASN A 173 -48.42 -6.04 14.32
C ASN A 173 -47.28 -5.06 14.13
N LEU A 174 -47.36 -4.03 14.96
CA LEU A 174 -46.32 -3.03 15.01
C LEU A 174 -45.10 -3.61 15.67
N PHE A 175 -45.25 -4.70 16.43
CA PHE A 175 -44.17 -5.25 17.21
C PHE A 175 -43.96 -6.69 16.83
N HIS A 176 -42.82 -7.25 17.24
CA HIS A 176 -42.50 -8.67 17.13
C HIS A 176 -43.06 -9.43 18.32
N HIS A 177 -43.61 -10.62 18.10
CA HIS A 177 -44.17 -11.43 19.19
C HIS A 177 -43.71 -12.86 19.07
N TYR A 178 -42.40 -13.06 19.11
CA TYR A 178 -41.85 -14.40 18.91
C TYR A 178 -41.18 -14.90 20.16
N GLY A 179 -41.32 -14.20 21.29
CA GLY A 179 -40.63 -14.62 22.50
C GLY A 179 -39.27 -13.94 22.58
N GLY A 180 -38.48 -14.28 23.60
CA GLY A 180 -37.19 -13.64 23.87
C GLY A 180 -36.03 -14.41 23.26
N THR A 181 -34.97 -13.69 22.88
CA THR A 181 -33.80 -14.29 22.29
C THR A 181 -32.97 -15.01 23.36
N ASP A 182 -32.37 -16.10 22.90
CA ASP A 182 -31.35 -16.81 23.67
C ASP A 182 -29.99 -16.50 23.03
N LEU A 183 -29.95 -15.62 22.02
CA LEU A 183 -28.77 -15.21 21.28
C LEU A 183 -27.96 -16.29 20.59
N SER A 184 -28.57 -17.44 20.35
CA SER A 184 -27.89 -18.56 19.74
C SER A 184 -27.46 -18.31 18.30
N THR A 185 -28.26 -17.56 17.54
CA THR A 185 -27.95 -17.27 16.16
C THR A 185 -28.27 -15.78 15.97
N ILE A 186 -27.77 -15.20 14.87
CA ILE A 186 -28.01 -13.80 14.58
C ILE A 186 -29.48 -13.65 14.25
N GLU A 187 -29.99 -14.60 13.49
CA GLU A 187 -31.42 -14.68 13.19
C GLU A 187 -32.28 -14.60 14.46
N ASN A 188 -31.93 -15.45 15.45
CA ASN A 188 -32.61 -15.46 16.74
C ASN A 188 -32.49 -14.09 17.46
N GLY A 189 -31.33 -13.42 17.43
CA GLY A 189 -31.15 -12.11 18.03
C GLY A 189 -31.84 -10.97 17.30
N ILE A 190 -32.25 -11.14 16.04
CA ILE A 190 -32.96 -10.12 15.29
C ILE A 190 -34.47 -10.11 15.55
N TYR A 191 -35.13 -11.28 15.49
CA TYR A 191 -36.58 -11.28 15.55
C TYR A 191 -37.18 -11.58 16.90
N LYS A 192 -36.35 -12.07 17.83
CA LYS A 192 -36.81 -12.30 19.19
C LYS A 192 -36.34 -11.10 19.97
N ASN A 193 -37.05 -10.86 21.07
CA ASN A 193 -36.92 -9.65 21.87
C ASN A 193 -35.74 -9.80 22.79
N LEU A 194 -35.06 -8.70 23.04
CA LEU A 194 -33.90 -8.67 23.92
C LEU A 194 -34.37 -8.08 25.25
N TYR A 195 -34.11 -8.81 26.32
CA TYR A 195 -34.51 -8.48 27.69
C TYR A 195 -36.06 -8.47 27.65
N ASP A 196 -36.73 -7.39 28.04
CA ASP A 196 -38.17 -7.30 28.05
C ASP A 196 -38.62 -6.17 27.14
N LEU A 197 -37.76 -5.77 26.20
CA LEU A 197 -38.06 -4.60 25.40
C LEU A 197 -39.01 -4.96 24.26
N ALA A 198 -40.01 -4.12 24.02
CA ALA A 198 -40.92 -4.31 22.90
C ALA A 198 -40.20 -4.03 21.56
N ASP A 199 -39.89 -5.11 20.87
CA ASP A 199 -39.23 -5.08 19.59
C ASP A 199 -40.12 -4.55 18.49
N LEU A 200 -39.66 -3.55 17.75
CA LEU A 200 -40.41 -3.03 16.63
C LEU A 200 -40.28 -3.96 15.43
N ASN A 201 -41.36 -4.01 14.69
CA ASN A 201 -41.46 -4.80 13.48
C ASN A 201 -41.27 -3.90 12.27
N HIS A 202 -40.07 -3.98 11.70
CA HIS A 202 -39.68 -3.12 10.59
C HIS A 202 -40.26 -3.58 9.26
N ASN A 203 -40.88 -4.75 9.23
CA ASN A 203 -41.57 -5.22 8.03
C ASN A 203 -42.99 -4.62 8.07
N ASN A 204 -43.42 -3.91 9.10
CA ASN A 204 -44.70 -3.26 9.07
C ASN A 204 -44.47 -1.92 8.39
N SER A 205 -45.17 -1.62 7.29
CA SER A 205 -45.04 -0.35 6.60
C SER A 205 -45.19 0.91 7.46
N SER A 206 -46.08 0.92 8.45
CA SER A 206 -46.22 2.08 9.30
C SER A 206 -44.97 2.28 10.12
N VAL A 207 -44.37 1.21 10.67
CA VAL A 207 -43.18 1.35 11.49
C VAL A 207 -42.01 1.79 10.61
N ASP A 208 -41.88 1.18 9.43
CA ASP A 208 -40.83 1.54 8.50
C ASP A 208 -40.84 3.03 8.19
N VAL A 209 -41.98 3.52 7.70
CA VAL A 209 -42.11 4.90 7.29
C VAL A 209 -41.95 5.88 8.45
N TYR A 210 -42.51 5.56 9.61
CA TYR A 210 -42.41 6.38 10.81
C TYR A 210 -40.97 6.59 11.26
N LEU A 211 -40.17 5.51 11.32
CA LEU A 211 -38.78 5.58 11.74
C LEU A 211 -37.96 6.37 10.73
N LYS A 212 -38.31 6.23 9.44
CA LYS A 212 -37.61 6.98 8.42
C LYS A 212 -37.99 8.45 8.48
N ASP A 213 -39.27 8.75 8.74
CA ASP A 213 -39.71 10.11 8.95
C ASP A 213 -39.10 10.75 10.18
N ALA A 214 -38.94 10.01 11.27
CA ALA A 214 -38.39 10.54 12.50
C ALA A 214 -36.89 10.85 12.33
N ILE A 215 -36.08 10.02 11.66
CA ILE A 215 -34.65 10.35 11.46
C ILE A 215 -34.49 11.58 10.60
N LYS A 216 -35.32 11.80 9.57
CA LYS A 216 -35.25 13.00 8.78
C LYS A 216 -35.60 14.22 9.61
N MET A 217 -36.50 14.11 10.58
CA MET A 217 -36.81 15.23 11.47
C MET A 217 -35.58 15.66 12.27
N TRP A 218 -34.85 14.72 12.87
CA TRP A 218 -33.65 15.03 13.61
C TRP A 218 -32.57 15.57 12.65
N LEU A 219 -32.43 15.08 11.43
CA LEU A 219 -31.51 15.63 10.43
C LEU A 219 -31.88 17.07 10.11
N ASP A 220 -33.18 17.38 9.95
CA ASP A 220 -33.60 18.76 9.75
C ASP A 220 -33.31 19.67 10.93
N LEU A 221 -33.19 19.14 12.15
CA LEU A 221 -32.83 19.94 13.31
C LEU A 221 -31.34 20.28 13.35
N GLY A 222 -30.54 19.73 12.45
CA GLY A 222 -29.14 20.11 12.34
C GLY A 222 -28.19 19.12 12.97
N VAL A 223 -28.55 17.88 13.29
CA VAL A 223 -27.56 16.98 13.90
C VAL A 223 -26.50 16.62 12.86
N ASP A 224 -25.30 16.30 13.31
CA ASP A 224 -24.20 16.04 12.39
C ASP A 224 -23.84 14.58 12.32
N GLY A 225 -24.36 13.74 13.21
CA GLY A 225 -24.01 12.35 13.17
C GLY A 225 -25.02 11.57 13.97
N ILE A 226 -25.02 10.25 13.77
CA ILE A 226 -25.96 9.33 14.38
C ILE A 226 -25.18 8.10 14.79
N ARG A 227 -25.40 7.65 16.02
CA ARG A 227 -24.83 6.42 16.49
C ARG A 227 -26.03 5.49 16.64
N VAL A 228 -26.12 4.42 15.84
CA VAL A 228 -27.26 3.56 16.04
C VAL A 228 -26.94 2.32 16.86
N ASP A 229 -27.86 2.14 17.79
CA ASP A 229 -27.83 1.08 18.77
C ASP A 229 -28.28 -0.27 18.24
N ALA A 230 -27.69 -1.36 18.75
CA ALA A 230 -28.03 -2.74 18.44
C ALA A 230 -28.10 -3.16 16.98
N VAL A 231 -27.10 -2.75 16.15
CA VAL A 231 -27.13 -3.08 14.73
C VAL A 231 -27.06 -4.59 14.44
N LYS A 232 -26.60 -5.48 15.34
CA LYS A 232 -26.66 -6.89 14.96
C LYS A 232 -28.01 -7.49 15.31
N HIS A 233 -28.94 -6.67 15.83
CA HIS A 233 -30.25 -7.14 16.22
C HIS A 233 -31.40 -6.58 15.35
N MET A 234 -31.06 -6.08 14.18
CA MET A 234 -32.02 -5.55 13.22
C MET A 234 -31.67 -6.15 11.88
N PRO A 235 -32.62 -6.36 10.94
CA PRO A 235 -32.35 -6.94 9.64
C PRO A 235 -31.34 -6.07 8.91
N PHE A 236 -30.32 -6.70 8.33
CA PHE A 236 -29.28 -5.96 7.63
C PHE A 236 -29.93 -5.31 6.41
N GLY A 237 -30.85 -5.97 5.70
CA GLY A 237 -31.54 -5.34 4.58
C GLY A 237 -32.41 -4.15 4.99
N TRP A 238 -33.05 -4.12 6.18
CA TRP A 238 -33.80 -2.94 6.56
C TRP A 238 -32.81 -1.84 6.89
N GLN A 239 -31.72 -2.11 7.62
CA GLN A 239 -30.75 -1.08 7.97
C GLN A 239 -30.11 -0.49 6.74
N LYS A 240 -29.84 -1.25 5.67
CA LYS A 240 -29.34 -0.69 4.41
C LYS A 240 -30.36 0.28 3.79
N SER A 241 -31.69 0.01 3.84
CA SER A 241 -32.66 0.93 3.28
C SER A 241 -32.78 2.14 4.19
N PHE A 242 -32.60 1.99 5.52
CA PHE A 242 -32.61 3.10 6.45
C PHE A 242 -31.39 3.99 6.12
N MET A 243 -30.17 3.47 5.90
CA MET A 243 -29.01 4.27 5.50
C MET A 243 -29.20 4.97 4.17
N ALA A 244 -29.82 4.31 3.20
CA ALA A 244 -30.09 4.95 1.94
C ALA A 244 -31.03 6.12 2.11
N THR A 245 -31.95 6.08 3.10
CA THR A 245 -32.90 7.16 3.35
C THR A 245 -32.12 8.34 3.85
N ILE A 246 -31.19 8.12 4.76
CA ILE A 246 -30.34 9.18 5.30
C ILE A 246 -29.43 9.72 4.19
N ASN A 247 -28.72 8.86 3.48
CA ASN A 247 -27.70 9.29 2.53
C ASN A 247 -28.28 9.95 1.32
N ASN A 248 -29.50 9.55 0.90
CA ASN A 248 -30.15 10.18 -0.23
C ASN A 248 -30.93 11.41 0.17
N TYR A 249 -31.01 11.73 1.45
CA TYR A 249 -31.71 12.91 1.93
C TYR A 249 -30.71 13.95 2.38
N LYS A 250 -30.06 13.73 3.52
CA LYS A 250 -29.08 14.65 4.08
C LYS A 250 -28.01 13.75 4.69
N PRO A 251 -26.94 13.35 3.99
CA PRO A 251 -25.99 12.37 4.51
C PRO A 251 -25.20 12.89 5.72
N VAL A 252 -25.16 12.16 6.83
CA VAL A 252 -24.35 12.54 7.96
C VAL A 252 -23.62 11.26 8.33
N PHE A 253 -22.50 11.41 9.03
CA PHE A 253 -21.71 10.29 9.52
C PHE A 253 -22.52 9.43 10.47
N THR A 254 -22.67 8.14 10.16
CA THR A 254 -23.42 7.20 10.97
C THR A 254 -22.59 6.00 11.30
N PHE A 255 -22.64 5.53 12.54
CA PHE A 255 -21.91 4.36 12.91
C PHE A 255 -22.74 3.56 13.87
N GLY A 256 -22.55 2.26 13.95
CA GLY A 256 -23.30 1.42 14.88
C GLY A 256 -22.44 0.70 15.90
N GLU A 257 -23.12 0.05 16.81
CA GLU A 257 -22.47 -0.73 17.82
C GLU A 257 -22.78 -2.22 17.61
N TRP A 258 -21.77 -3.04 17.36
CA TRP A 258 -21.88 -4.48 17.22
C TRP A 258 -20.74 -4.83 18.18
N LEU A 259 -21.10 -5.40 19.32
CA LEU A 259 -20.12 -5.70 20.33
C LEU A 259 -19.27 -6.94 20.02
N LEU A 260 -17.97 -6.93 20.32
CA LEU A 260 -17.10 -8.08 20.12
C LEU A 260 -16.41 -8.29 21.44
N GLY A 261 -16.09 -9.54 21.77
CA GLY A 261 -15.37 -9.83 22.99
C GLY A 261 -13.87 -9.79 22.69
N VAL A 262 -13.05 -9.94 23.74
CA VAL A 262 -11.61 -9.97 23.60
C VAL A 262 -11.22 -11.12 22.67
N ASN A 263 -10.36 -10.75 21.75
CA ASN A 263 -9.89 -11.56 20.62
C ASN A 263 -10.91 -12.44 19.91
N GLU A 264 -12.04 -11.78 19.65
CA GLU A 264 -13.08 -12.28 18.79
C GLU A 264 -12.92 -11.47 17.51
N ILE A 265 -12.85 -12.18 16.40
CA ILE A 265 -12.82 -11.54 15.10
C ILE A 265 -13.97 -12.24 14.37
N SER A 266 -14.91 -11.40 13.94
CA SER A 266 -16.12 -11.84 13.31
C SER A 266 -16.13 -11.35 11.88
N PRO A 267 -16.33 -12.23 10.88
CA PRO A 267 -16.48 -11.86 9.48
C PRO A 267 -17.75 -11.07 9.23
N GLU A 268 -18.85 -11.40 9.91
CA GLU A 268 -20.13 -10.72 9.79
C GLU A 268 -20.00 -9.27 10.23
N TYR A 269 -19.27 -9.05 11.32
CA TYR A 269 -18.95 -7.72 11.84
C TYR A 269 -18.26 -6.91 10.76
N HIS A 270 -17.19 -7.45 10.16
CA HIS A 270 -16.45 -6.74 9.11
C HIS A 270 -17.31 -6.53 7.88
N GLN A 271 -18.13 -7.52 7.53
CA GLN A 271 -19.06 -7.42 6.41
C GLN A 271 -20.08 -6.29 6.61
N PHE A 272 -20.61 -6.19 7.84
CA PHE A 272 -21.50 -5.11 8.18
C PHE A 272 -20.78 -3.76 8.04
N ALA A 273 -19.56 -3.53 8.58
CA ALA A 273 -18.92 -2.22 8.41
C ALA A 273 -18.63 -1.92 6.94
N ASN A 274 -18.36 -2.97 6.17
CA ASN A 274 -18.01 -2.76 4.79
C ASN A 274 -19.17 -2.61 3.86
N GLU A 275 -20.35 -3.17 4.19
CA GLU A 275 -21.50 -3.12 3.28
C GLU A 275 -22.78 -2.45 3.73
N SER A 276 -22.97 -2.07 4.98
CA SER A 276 -24.24 -1.54 5.37
C SER A 276 -24.54 -0.12 4.93
N GLY A 277 -23.47 0.65 4.74
CA GLY A 277 -23.56 2.07 4.49
C GLY A 277 -23.22 2.81 5.77
N MET A 278 -22.98 2.14 6.91
CA MET A 278 -22.55 2.80 8.13
C MET A 278 -21.25 2.18 8.62
N SER A 279 -20.52 2.87 9.47
CA SER A 279 -19.30 2.29 9.98
C SER A 279 -19.59 1.72 11.36
N LEU A 280 -18.58 1.34 12.13
CA LEU A 280 -18.78 0.66 13.38
C LEU A 280 -17.91 1.25 14.46
N LEU A 281 -18.35 1.05 15.67
CA LEU A 281 -17.57 1.37 16.85
C LEU A 281 -16.50 0.28 16.80
N ASP A 282 -15.22 0.65 16.81
CA ASP A 282 -14.14 -0.29 16.60
C ASP A 282 -13.78 -1.09 17.85
N PHE A 283 -14.60 -2.09 18.18
CA PHE A 283 -14.32 -2.97 19.29
C PHE A 283 -13.07 -3.76 19.15
N ARG A 284 -12.64 -4.07 17.93
CA ARG A 284 -11.41 -4.82 17.73
C ARG A 284 -10.20 -4.01 18.23
N PHE A 285 -10.24 -2.71 17.95
CA PHE A 285 -9.23 -1.81 18.42
C PHE A 285 -9.31 -1.74 19.92
N ALA A 286 -10.51 -1.45 20.44
CA ALA A 286 -10.68 -1.21 21.86
C ALA A 286 -10.25 -2.35 22.74
N GLN A 287 -10.65 -3.56 22.36
CA GLN A 287 -10.31 -4.75 23.10
C GLN A 287 -8.81 -5.00 23.05
N LYS A 288 -8.12 -4.89 21.90
CA LYS A 288 -6.67 -5.14 21.91
C LYS A 288 -5.95 -4.03 22.67
N ALA A 289 -6.34 -2.75 22.55
CA ALA A 289 -5.75 -1.66 23.32
C ALA A 289 -5.90 -1.94 24.80
N ARG A 290 -7.03 -2.47 25.28
CA ARG A 290 -7.18 -2.81 26.69
C ARG A 290 -6.29 -3.98 27.05
N GLN A 291 -6.11 -5.00 26.22
CA GLN A 291 -5.20 -6.12 26.52
C GLN A 291 -3.76 -5.68 26.67
N VAL A 292 -3.29 -4.79 25.81
CA VAL A 292 -1.92 -4.33 25.88
C VAL A 292 -1.69 -3.27 26.97
N PHE A 293 -2.48 -2.19 27.06
CA PHE A 293 -2.24 -1.11 28.01
C PHE A 293 -2.92 -1.25 29.35
N ARG A 294 -3.94 -2.10 29.48
CA ARG A 294 -4.66 -2.17 30.73
C ARG A 294 -4.44 -3.47 31.45
N ASP A 295 -4.77 -4.57 30.78
CA ASP A 295 -4.80 -5.87 31.41
C ASP A 295 -3.52 -6.65 31.31
N ASN A 296 -2.63 -6.22 30.43
CA ASN A 296 -1.39 -6.92 30.12
C ASN A 296 -1.64 -8.37 29.74
N THR A 297 -2.60 -8.61 28.86
CA THR A 297 -2.87 -9.96 28.38
C THR A 297 -2.38 -10.17 26.95
N ASP A 298 -1.71 -9.16 26.38
CA ASP A 298 -1.08 -9.26 25.09
C ASP A 298 0.00 -8.20 25.06
N ASN A 299 0.94 -8.24 24.12
CA ASN A 299 2.05 -7.31 24.14
C ASN A 299 2.07 -6.50 22.88
N MET A 300 3.13 -5.75 22.58
CA MET A 300 3.09 -4.88 21.43
C MET A 300 2.98 -5.57 20.08
N TYR A 301 3.36 -6.85 19.96
CA TYR A 301 3.20 -7.57 18.69
C TYR A 301 1.73 -7.81 18.43
N GLY A 302 0.94 -8.02 19.49
CA GLY A 302 -0.50 -8.11 19.35
C GLY A 302 -1.07 -6.78 18.87
N LEU A 303 -0.62 -5.66 19.45
CA LEU A 303 -1.05 -4.33 19.02
C LEU A 303 -0.73 -4.07 17.54
N LYS A 304 0.49 -4.39 17.12
CA LYS A 304 0.98 -4.27 15.75
C LYS A 304 0.10 -5.08 14.83
N ALA A 305 -0.18 -6.33 15.19
CA ALA A 305 -0.97 -7.20 14.33
C ALA A 305 -2.41 -6.71 14.20
N MET A 306 -2.98 -6.12 15.25
CA MET A 306 -4.31 -5.56 15.13
C MET A 306 -4.27 -4.31 14.25
N LEU A 307 -3.28 -3.42 14.35
CA LEU A 307 -3.26 -2.24 13.50
C LEU A 307 -3.05 -2.62 12.05
N GLU A 308 -2.18 -3.60 11.80
CA GLU A 308 -1.90 -4.06 10.44
C GLU A 308 -3.05 -4.86 9.86
N GLY A 309 -3.63 -5.75 10.62
CA GLY A 309 -4.78 -6.52 10.19
C GLY A 309 -6.03 -5.68 9.96
N SER A 310 -6.36 -4.74 10.84
CA SER A 310 -7.56 -3.97 10.65
C SER A 310 -7.45 -2.98 9.49
N GLU A 311 -6.25 -2.57 9.06
CA GLU A 311 -6.14 -1.63 7.96
C GLU A 311 -6.63 -2.23 6.64
N VAL A 312 -6.55 -3.57 6.59
CA VAL A 312 -6.97 -4.40 5.46
C VAL A 312 -8.43 -4.89 5.54
N ASP A 313 -8.79 -5.42 6.72
CA ASP A 313 -10.13 -5.94 6.94
C ASP A 313 -11.24 -4.91 6.88
N TYR A 314 -11.01 -3.67 7.28
CA TYR A 314 -12.03 -2.65 7.16
C TYR A 314 -11.76 -2.06 5.81
N ALA A 315 -12.78 -1.98 4.96
CA ALA A 315 -12.59 -1.34 3.69
C ALA A 315 -12.38 0.14 3.92
N GLN A 316 -12.95 0.82 4.91
CA GLN A 316 -12.69 2.24 5.06
C GLN A 316 -12.31 2.40 6.50
N VAL A 317 -11.06 2.13 6.85
CA VAL A 317 -10.66 2.18 8.24
C VAL A 317 -10.72 3.59 8.83
N ASN A 318 -10.69 4.66 8.03
CA ASN A 318 -10.72 6.01 8.57
C ASN A 318 -12.08 6.47 9.13
N ASP A 319 -13.07 5.58 8.99
CA ASP A 319 -14.41 5.82 9.47
C ASP A 319 -14.77 5.05 10.71
N GLN A 320 -13.91 4.20 11.23
CA GLN A 320 -14.26 3.41 12.39
C GLN A 320 -14.02 4.24 13.62
N VAL A 321 -14.91 4.16 14.60
CA VAL A 321 -14.79 5.02 15.78
C VAL A 321 -14.01 4.28 16.87
N THR A 322 -12.86 4.75 17.35
CA THR A 322 -12.05 3.99 18.29
C THR A 322 -12.33 4.55 19.67
N PHE A 323 -11.92 3.79 20.69
CA PHE A 323 -12.13 4.15 22.08
C PHE A 323 -11.38 3.15 22.94
N ILE A 324 -11.19 3.45 24.23
CA ILE A 324 -10.61 2.48 25.15
C ILE A 324 -11.65 2.03 26.18
N ASP A 325 -12.80 2.68 26.30
CA ASP A 325 -13.90 2.20 27.16
C ASP A 325 -15.13 2.99 26.72
N ASN A 326 -16.31 2.60 27.17
CA ASN A 326 -17.54 3.32 26.85
C ASN A 326 -18.60 2.77 27.80
N HIS A 327 -19.86 3.12 27.56
CA HIS A 327 -20.98 2.70 28.39
C HIS A 327 -21.18 1.19 28.52
N ASP A 328 -20.55 0.35 27.68
CA ASP A 328 -20.74 -1.08 27.77
C ASP A 328 -19.54 -1.87 28.26
N MET A 329 -18.60 -1.21 28.93
CA MET A 329 -17.36 -1.78 29.45
C MET A 329 -17.04 -1.18 30.81
N GLU A 330 -16.26 -1.92 31.58
CA GLU A 330 -15.71 -1.41 32.82
C GLU A 330 -14.83 -0.24 32.43
N ARG A 331 -14.80 0.82 33.23
CA ARG A 331 -13.94 1.95 32.90
C ARG A 331 -12.46 1.46 32.86
N PHE A 332 -11.66 2.08 31.98
CA PHE A 332 -10.28 1.68 31.74
C PHE A 332 -9.46 1.81 33.01
N HIS A 333 -9.60 2.95 33.72
CA HIS A 333 -8.86 3.18 34.94
C HIS A 333 -9.38 2.30 36.08
N THR A 334 -8.56 1.53 36.80
CA THR A 334 -9.00 0.68 37.90
C THR A 334 -8.54 1.28 39.24
N SER A 335 -8.93 0.78 40.42
CA SER A 335 -8.53 1.39 41.70
C SER A 335 -7.04 1.29 41.96
N ASN A 336 -6.43 0.20 41.53
CA ASN A 336 -5.00 -0.01 41.72
C ASN A 336 -4.20 0.10 40.43
N GLY A 337 -4.78 0.75 39.42
CA GLY A 337 -4.12 0.90 38.14
C GLY A 337 -3.38 2.23 38.13
N ASP A 338 -2.15 2.17 37.61
CA ASP A 338 -1.37 3.37 37.42
C ASP A 338 -2.07 4.29 36.42
N ARG A 339 -2.23 5.56 36.78
CA ARG A 339 -2.84 6.54 35.90
C ARG A 339 -2.09 6.73 34.61
N ARG A 340 -0.78 6.43 34.56
CA ARG A 340 -0.01 6.51 33.32
C ARG A 340 -0.60 5.54 32.32
N LYS A 341 -1.18 4.42 32.73
CA LYS A 341 -1.76 3.51 31.77
C LYS A 341 -2.91 4.17 31.00
N LEU A 342 -3.75 4.95 31.69
CA LEU A 342 -4.85 5.63 31.05
C LEU A 342 -4.29 6.71 30.15
N GLU A 343 -3.30 7.46 30.64
CA GLU A 343 -2.69 8.54 29.86
C GLU A 343 -2.07 8.09 28.55
N GLN A 344 -1.37 6.94 28.53
CA GLN A 344 -0.81 6.40 27.29
C GLN A 344 -1.89 5.88 26.36
N ALA A 345 -2.89 5.17 26.89
CA ALA A 345 -4.00 4.63 26.08
C ALA A 345 -4.78 5.75 25.39
N LEU A 346 -5.01 6.89 26.07
CA LEU A 346 -5.63 8.04 25.45
C LEU A 346 -4.70 8.63 24.39
N ALA A 347 -3.39 8.77 24.62
CA ALA A 347 -2.48 9.29 23.61
C ALA A 347 -2.43 8.35 22.41
N PHE A 348 -2.44 7.04 22.63
CA PHE A 348 -2.48 6.05 21.57
C PHE A 348 -3.76 6.25 20.75
N THR A 349 -4.94 6.35 21.36
CA THR A 349 -6.18 6.48 20.59
C THR A 349 -6.22 7.78 19.80
N LEU A 350 -5.79 8.89 20.41
CA LEU A 350 -5.82 10.20 19.76
C LEU A 350 -4.90 10.33 18.55
N THR A 351 -3.81 9.54 18.49
CA THR A 351 -2.92 9.59 17.35
C THR A 351 -3.09 8.43 16.35
N SER A 352 -4.05 7.54 16.57
CA SER A 352 -4.33 6.41 15.70
C SER A 352 -5.38 6.72 14.67
N ARG A 353 -5.45 5.84 13.69
CA ARG A 353 -6.38 5.99 12.60
C ARG A 353 -7.83 5.84 13.06
N GLY A 354 -8.77 6.42 12.33
CA GLY A 354 -10.17 6.27 12.65
C GLY A 354 -10.73 7.54 13.28
N VAL A 355 -11.74 7.45 14.12
CA VAL A 355 -12.39 8.65 14.65
C VAL A 355 -12.34 8.37 16.14
N PRO A 356 -11.50 9.03 16.93
CA PRO A 356 -11.40 8.78 18.36
C PRO A 356 -12.59 9.27 19.18
N ALA A 357 -13.08 8.44 20.11
CA ALA A 357 -14.11 8.80 21.04
C ALA A 357 -13.58 8.68 22.46
N ILE A 358 -13.80 9.68 23.30
CA ILE A 358 -13.38 9.69 24.69
C ILE A 358 -14.65 9.65 25.52
N TYR A 359 -14.77 8.70 26.42
CA TYR A 359 -15.92 8.56 27.29
C TYR A 359 -15.82 9.61 28.38
N TYR A 360 -16.90 10.36 28.63
CA TYR A 360 -16.89 11.45 29.59
C TYR A 360 -16.29 11.05 30.94
N GLY A 361 -15.49 11.89 31.60
CA GLY A 361 -14.93 11.49 32.88
C GLY A 361 -13.60 10.74 32.77
N SER A 362 -13.13 10.29 31.60
CA SER A 362 -11.80 9.71 31.43
C SER A 362 -10.75 10.70 31.93
N GLU A 363 -10.87 11.97 31.55
CA GLU A 363 -9.94 13.01 31.97
C GLU A 363 -9.97 13.28 33.45
N GLN A 364 -10.92 12.71 34.21
CA GLN A 364 -10.98 12.88 35.64
C GLN A 364 -10.69 11.58 36.36
N TYR A 365 -10.16 10.57 35.63
CA TYR A 365 -9.78 9.25 36.12
C TYR A 365 -10.89 8.49 36.85
N MET A 366 -12.09 8.53 36.30
CA MET A 366 -13.19 7.80 36.91
C MET A 366 -12.95 6.31 36.77
N SER A 367 -13.19 5.52 37.81
CA SER A 367 -13.17 4.06 37.70
C SER A 367 -14.59 3.54 37.92
N GLY A 368 -14.88 2.28 37.60
CA GLY A 368 -16.20 1.72 37.81
C GLY A 368 -16.31 0.48 36.98
N GLY A 369 -17.07 -0.50 37.47
CA GLY A 369 -17.31 -1.70 36.72
C GLY A 369 -18.38 -1.48 35.67
N ASN A 370 -19.02 -2.57 35.29
CA ASN A 370 -20.05 -2.53 34.26
C ASN A 370 -21.29 -1.82 34.73
N ASP A 371 -22.17 -1.56 33.79
CA ASP A 371 -23.46 -0.92 33.95
C ASP A 371 -24.15 -1.29 35.26
N PRO A 372 -24.55 -0.35 36.12
CA PRO A 372 -24.53 1.09 35.87
C PRO A 372 -23.32 1.81 36.42
N ASP A 373 -22.33 1.09 36.96
CA ASP A 373 -21.25 1.70 37.69
C ASP A 373 -20.26 2.44 36.83
N ASN A 374 -20.31 2.22 35.51
CA ASN A 374 -19.50 2.98 34.57
C ASN A 374 -20.24 4.25 34.15
N ARG A 375 -21.38 4.58 34.74
CA ARG A 375 -22.13 5.78 34.39
C ARG A 375 -22.34 6.68 35.59
N ALA A 376 -21.36 6.84 36.51
CA ALA A 376 -21.55 7.70 37.64
C ALA A 376 -21.51 9.15 37.21
N ARG A 377 -21.99 10.07 38.02
CA ARG A 377 -21.93 11.47 37.64
C ARG A 377 -20.46 11.86 37.65
N LEU A 378 -20.02 12.66 36.68
CA LEU A 378 -18.62 12.95 36.71
C LEU A 378 -18.26 13.90 37.87
N PRO A 379 -17.18 13.59 38.59
CA PRO A 379 -16.96 14.10 39.93
C PRO A 379 -16.42 15.51 39.98
N SER A 380 -15.87 16.04 38.91
CA SER A 380 -15.14 17.28 38.92
C SER A 380 -15.00 17.77 37.50
N PHE A 381 -14.84 19.09 37.36
CA PHE A 381 -14.59 19.70 36.08
C PHE A 381 -13.23 20.41 36.14
N SER A 382 -12.29 19.78 36.84
CA SER A 382 -10.93 20.25 36.91
C SER A 382 -10.29 20.21 35.54
N THR A 383 -9.71 21.36 35.24
CA THR A 383 -9.07 21.61 34.00
C THR A 383 -7.56 21.37 34.10
N THR A 384 -7.02 20.85 35.20
CA THR A 384 -5.58 20.76 35.30
C THR A 384 -5.06 19.34 35.49
N THR A 385 -5.86 18.29 35.27
CA THR A 385 -5.37 16.92 35.44
C THR A 385 -4.44 16.62 34.29
N THR A 386 -3.47 15.71 34.44
CA THR A 386 -2.60 15.34 33.35
C THR A 386 -3.40 14.82 32.17
N ALA A 387 -4.40 13.98 32.44
CA ALA A 387 -5.22 13.44 31.38
C ALA A 387 -5.92 14.54 30.60
N TYR A 388 -6.40 15.62 31.25
CA TYR A 388 -7.02 16.72 30.51
C TYR A 388 -5.97 17.37 29.60
N GLN A 389 -4.76 17.56 30.13
CA GLN A 389 -3.70 18.16 29.37
C GLN A 389 -3.25 17.31 28.20
N VAL A 390 -3.25 15.98 28.34
CA VAL A 390 -2.90 15.06 27.26
C VAL A 390 -3.89 15.24 26.13
N ILE A 391 -5.20 15.32 26.40
CA ILE A 391 -6.18 15.48 25.33
C ILE A 391 -6.06 16.85 24.69
N GLN A 392 -5.86 17.90 25.51
CA GLN A 392 -5.67 19.26 25.04
C GLN A 392 -4.49 19.42 24.09
N LYS A 393 -3.38 18.75 24.32
CA LYS A 393 -2.23 18.87 23.42
C LYS A 393 -2.42 18.03 22.18
N LEU A 394 -3.06 16.86 22.27
CA LEU A 394 -3.13 15.97 21.11
C LEU A 394 -4.35 16.06 20.21
N ALA A 395 -5.50 16.37 20.79
CA ALA A 395 -6.74 16.45 20.03
C ALA A 395 -6.66 17.48 18.92
N PRO A 396 -6.06 18.66 19.05
CA PRO A 396 -5.87 19.59 17.93
C PRO A 396 -5.10 19.05 16.73
N LEU A 397 -4.22 18.06 16.89
CA LEU A 397 -3.43 17.56 15.78
C LEU A 397 -4.28 16.84 14.73
N ARG A 398 -5.49 16.40 15.06
CA ARG A 398 -6.36 15.75 14.09
C ARG A 398 -6.86 16.78 13.11
N LYS A 399 -7.01 18.03 13.53
CA LYS A 399 -7.40 19.06 12.60
C LYS A 399 -6.22 19.60 11.83
N SER A 400 -5.06 19.74 12.46
CA SER A 400 -3.92 20.37 11.82
C SER A 400 -2.97 19.43 11.07
N ASN A 401 -2.93 18.15 11.40
CA ASN A 401 -2.02 17.26 10.74
C ASN A 401 -2.78 16.17 10.00
N PRO A 402 -2.90 16.21 8.67
CA PRO A 402 -3.53 15.18 7.88
C PRO A 402 -2.94 13.79 8.01
N ALA A 403 -1.68 13.58 8.43
CA ALA A 403 -1.15 12.23 8.65
C ALA A 403 -1.94 11.61 9.80
N ILE A 404 -2.29 12.37 10.84
CA ILE A 404 -3.07 11.82 11.94
C ILE A 404 -4.54 11.60 11.54
N ALA A 405 -5.23 12.51 10.85
CA ALA A 405 -6.61 12.29 10.45
C ALA A 405 -6.72 11.20 9.40
N TYR A 406 -5.78 11.09 8.46
CA TYR A 406 -5.97 10.16 7.35
C TYR A 406 -4.91 9.13 7.04
N GLY A 407 -3.73 9.28 7.62
CA GLY A 407 -2.60 8.54 7.14
C GLY A 407 -2.57 7.09 7.47
N SER A 408 -1.72 6.43 6.71
CA SER A 408 -1.45 5.03 6.91
C SER A 408 -0.68 4.88 8.23
N THR A 409 -0.52 3.65 8.77
CA THR A 409 0.18 3.41 10.03
C THR A 409 1.31 2.41 9.74
N HIS A 410 2.52 2.76 10.17
CA HIS A 410 3.71 2.00 9.86
C HIS A 410 4.51 1.78 11.12
N GLU A 411 4.71 0.54 11.51
CA GLU A 411 5.51 0.28 12.68
C GLU A 411 6.98 0.46 12.28
N ARG A 412 7.66 1.38 12.99
CA ARG A 412 9.08 1.68 12.78
C ARG A 412 10.01 1.05 13.80
N TRP A 413 9.63 0.77 15.04
CA TRP A 413 10.49 0.09 16.01
C TRP A 413 9.56 -0.69 16.94
N ILE A 414 9.92 -1.85 17.48
CA ILE A 414 9.06 -2.59 18.40
C ILE A 414 9.85 -3.59 19.18
N ASN A 415 9.30 -3.91 20.34
CA ASN A 415 9.72 -5.05 21.13
C ASN A 415 8.51 -5.34 22.01
N ASN A 416 8.56 -6.21 22.99
CA ASN A 416 7.39 -6.51 23.79
C ASN A 416 6.65 -5.39 24.48
N ASP A 417 7.35 -4.33 24.88
CA ASP A 417 6.76 -3.24 25.65
C ASP A 417 6.81 -1.90 24.96
N VAL A 418 7.45 -1.78 23.79
CA VAL A 418 7.60 -0.53 23.10
C VAL A 418 7.11 -0.65 21.66
N ILE A 419 6.41 0.37 21.19
CA ILE A 419 6.12 0.47 19.78
C ILE A 419 6.38 1.92 19.39
N ILE A 420 6.96 2.13 18.20
CA ILE A 420 7.10 3.46 17.66
C ILE A 420 6.43 3.32 16.29
N TYR A 421 5.37 4.07 16.02
CA TYR A 421 4.73 3.97 14.72
C TYR A 421 4.69 5.33 14.07
N GLU A 422 4.50 5.30 12.78
CA GLU A 422 4.49 6.49 12.00
C GLU A 422 3.14 6.58 11.32
N ARG A 423 2.59 7.78 11.22
CA ARG A 423 1.40 8.03 10.48
C ARG A 423 1.88 8.86 9.33
N LYS A 424 1.43 8.56 8.12
CA LYS A 424 1.95 9.24 6.95
C LYS A 424 0.86 9.57 5.92
N PHE A 425 0.77 10.83 5.51
CA PHE A 425 -0.20 11.27 4.50
C PHE A 425 0.47 12.31 3.63
N GLY A 426 0.90 11.90 2.44
CA GLY A 426 1.66 12.76 1.55
C GLY A 426 3.00 12.99 2.24
N ASN A 427 3.38 14.22 2.53
CA ASN A 427 4.63 14.43 3.24
C ASN A 427 4.39 14.85 4.67
N ASN A 428 3.15 14.71 5.12
CA ASN A 428 2.85 15.06 6.50
C ASN A 428 3.14 13.79 7.23
N VAL A 429 3.72 13.83 8.41
CA VAL A 429 4.07 12.65 9.19
C VAL A 429 3.91 12.98 10.68
N ALA A 430 3.55 11.96 11.46
CA ALA A 430 3.58 12.02 12.91
C ALA A 430 4.23 10.71 13.37
N VAL A 431 5.10 10.75 14.37
CA VAL A 431 5.77 9.57 14.88
C VAL A 431 5.42 9.53 16.37
N VAL A 432 5.04 8.37 16.89
CA VAL A 432 4.61 8.24 18.27
C VAL A 432 5.42 7.11 18.87
N ALA A 433 5.95 7.34 20.06
CA ALA A 433 6.72 6.31 20.72
C ALA A 433 6.07 6.04 22.05
N ILE A 434 5.83 4.79 22.41
CA ILE A 434 5.16 4.46 23.66
C ILE A 434 5.93 3.32 24.29
N ASN A 435 6.29 3.48 25.56
CA ASN A 435 6.93 2.44 26.34
C ASN A 435 5.92 2.11 27.41
N ARG A 436 5.24 0.98 27.34
CA ARG A 436 4.26 0.65 28.38
C ARG A 436 4.90 0.11 29.64
N ASN A 437 6.21 -0.16 29.70
CA ASN A 437 6.79 -0.72 30.89
C ASN A 437 7.03 0.44 31.85
N MET A 438 6.49 0.33 33.06
CA MET A 438 6.56 1.44 34.00
C MET A 438 7.83 1.53 34.82
N ASN A 439 8.70 0.55 34.75
CA ASN A 439 9.93 0.62 35.51
C ASN A 439 11.19 0.40 34.70
N THR A 440 11.13 -0.03 33.45
CA THR A 440 12.33 -0.26 32.65
C THR A 440 12.42 0.77 31.50
N PRO A 441 13.44 1.64 31.40
CA PRO A 441 13.71 2.42 30.20
C PRO A 441 14.02 1.54 28.99
N ALA A 442 13.76 2.02 27.79
CA ALA A 442 14.10 1.25 26.60
C ALA A 442 15.16 1.94 25.76
N SER A 443 16.22 1.26 25.33
CA SER A 443 17.25 1.86 24.47
C SER A 443 16.82 1.73 23.02
N ILE A 444 16.56 2.85 22.33
CA ILE A 444 16.12 2.84 20.95
C ILE A 444 17.35 3.07 20.10
N THR A 445 17.68 2.14 19.22
CA THR A 445 18.79 2.32 18.33
C THR A 445 18.25 1.92 16.97
N GLY A 446 18.65 2.61 15.93
CA GLY A 446 18.28 2.17 14.60
C GLY A 446 16.91 2.66 14.14
N LEU A 447 16.35 3.69 14.77
CA LEU A 447 15.05 4.18 14.34
C LEU A 447 15.17 4.97 13.04
N VAL A 448 14.42 4.64 12.00
CA VAL A 448 14.39 5.45 10.78
C VAL A 448 12.95 5.95 10.58
N THR A 449 12.73 7.20 10.21
CA THR A 449 11.41 7.80 10.09
C THR A 449 11.37 8.55 8.77
N SER A 450 10.22 9.10 8.40
CA SER A 450 10.06 9.92 7.21
C SER A 450 10.16 11.40 7.52
N LEU A 451 10.63 11.74 8.71
CA LEU A 451 10.78 13.11 9.12
C LEU A 451 11.99 13.70 8.38
N PRO A 452 11.94 14.92 7.84
CA PRO A 452 13.13 15.67 7.42
C PRO A 452 14.05 15.97 8.58
N ARG A 453 15.32 16.37 8.36
CA ARG A 453 16.22 16.59 9.46
C ARG A 453 15.76 17.76 10.31
N GLY A 454 15.96 17.69 11.62
CA GLY A 454 15.55 18.76 12.52
C GLY A 454 15.53 18.26 13.95
N SER A 455 15.28 19.11 14.93
CA SER A 455 15.23 18.68 16.30
C SER A 455 13.79 18.79 16.76
N TYR A 456 13.06 17.70 16.61
CA TYR A 456 11.63 17.74 16.85
C TYR A 456 11.28 17.73 18.31
N ASN A 457 10.46 18.68 18.72
CA ASN A 457 10.03 18.74 20.13
C ASN A 457 8.75 17.88 20.29
N ASP A 458 8.70 17.13 21.42
CA ASP A 458 7.55 16.31 21.80
C ASP A 458 6.34 17.22 21.89
N VAL A 459 5.31 16.99 21.10
CA VAL A 459 4.07 17.72 21.16
C VAL A 459 3.48 17.61 22.57
N LEU A 460 3.70 16.53 23.34
CA LEU A 460 3.21 16.46 24.70
C LEU A 460 4.02 17.29 25.71
N GLY A 461 5.06 18.01 25.26
CA GLY A 461 5.85 18.87 26.14
C GLY A 461 6.51 18.17 27.31
N GLY A 462 6.84 16.89 27.16
CA GLY A 462 7.45 16.10 28.22
C GLY A 462 6.52 15.71 29.35
N ILE A 463 5.20 15.95 29.31
CA ILE A 463 4.36 15.61 30.47
C ILE A 463 4.17 14.13 30.65
N LEU A 464 4.38 13.31 29.61
CA LEU A 464 4.35 11.87 29.78
C LEU A 464 5.77 11.37 29.55
N ASN A 465 6.75 12.19 29.99
CA ASN A 465 8.17 11.90 29.95
C ASN A 465 8.78 11.62 28.57
N GLY A 466 8.27 12.31 27.57
CA GLY A 466 8.78 12.17 26.22
C GLY A 466 10.03 13.03 26.11
N ASN A 467 10.66 13.09 24.95
CA ASN A 467 11.93 13.78 24.80
C ASN A 467 11.99 14.37 23.40
N THR A 468 13.00 15.19 23.08
CA THR A 468 13.20 15.71 21.75
C THR A 468 13.78 14.61 20.85
N LEU A 469 13.39 14.55 19.58
CA LEU A 469 13.94 13.62 18.63
C LEU A 469 14.86 14.37 17.68
N THR A 470 16.12 13.97 17.57
CA THR A 470 17.03 14.59 16.62
C THR A 470 17.06 13.67 15.42
N VAL A 471 16.68 14.20 14.28
CA VAL A 471 16.64 13.44 13.03
C VAL A 471 17.69 14.02 12.09
N GLY A 472 18.50 13.12 11.54
CA GLY A 472 19.54 13.46 10.61
C GLY A 472 19.12 13.07 9.21
N ALA A 473 20.13 12.79 8.40
CA ALA A 473 19.90 12.52 7.00
C ALA A 473 19.29 11.17 6.83
N GLY A 474 18.41 11.11 5.84
CA GLY A 474 17.70 9.88 5.55
C GLY A 474 16.65 9.54 6.60
N GLY A 475 16.19 10.51 7.41
CA GLY A 475 15.19 10.25 8.42
C GLY A 475 15.72 9.44 9.59
N ALA A 476 17.03 9.23 9.72
CA ALA A 476 17.58 8.44 10.80
C ALA A 476 17.63 9.24 12.08
N ALA A 477 17.08 8.71 13.16
CA ALA A 477 17.07 9.43 14.40
C ALA A 477 18.32 9.14 15.22
N SER A 478 18.86 10.11 15.97
CA SER A 478 19.97 9.77 16.84
C SER A 478 19.37 8.96 17.99
N ASN A 479 20.13 7.97 18.49
CA ASN A 479 19.67 7.08 19.52
C ASN A 479 19.28 7.77 20.81
N PHE A 480 18.31 7.22 21.53
CA PHE A 480 17.82 7.84 22.73
C PHE A 480 17.29 6.75 23.64
N THR A 481 17.00 7.10 24.87
CA THR A 481 16.46 6.16 25.83
C THR A 481 15.04 6.64 26.13
N LEU A 482 14.07 5.77 25.94
CA LEU A 482 12.68 6.10 26.17
C LEU A 482 12.43 5.77 27.63
N ALA A 483 12.06 6.79 28.41
CA ALA A 483 11.77 6.67 29.84
C ALA A 483 10.73 5.60 30.17
N PRO A 484 10.72 5.00 31.36
CA PRO A 484 9.64 4.13 31.80
C PRO A 484 8.33 4.88 31.69
N GLY A 485 7.31 4.29 31.06
CA GLY A 485 6.02 4.96 30.87
C GLY A 485 6.06 6.08 29.83
N GLY A 486 7.20 6.28 29.16
CA GLY A 486 7.39 7.37 28.23
C GLY A 486 6.51 7.28 27.02
N THR A 487 6.00 8.45 26.66
CA THR A 487 5.17 8.66 25.49
C THR A 487 5.56 10.03 24.95
N ALA A 488 5.90 10.01 23.67
CA ALA A 488 6.28 11.18 22.94
C ALA A 488 5.62 11.18 21.57
N VAL A 489 5.35 12.36 21.03
CA VAL A 489 4.71 12.50 19.73
C VAL A 489 5.52 13.58 18.98
N TRP A 490 5.98 13.31 17.76
CA TRP A 490 6.78 14.26 17.00
C TRP A 490 6.11 14.40 15.65
N GLN A 491 6.15 15.51 14.96
CA GLN A 491 5.38 15.64 13.73
C GLN A 491 5.97 16.67 12.76
N TYR A 492 5.55 16.59 11.51
CA TYR A 492 5.96 17.53 10.51
C TYR A 492 4.82 17.64 9.52
N THR A 493 4.39 18.86 9.22
CA THR A 493 3.37 19.09 8.22
C THR A 493 3.86 19.97 7.10
N THR A 494 3.38 19.73 5.89
CA THR A 494 3.70 20.55 4.74
C THR A 494 2.58 20.44 3.69
N ASP A 495 2.67 21.13 2.54
CA ASP A 495 1.64 21.07 1.51
C ASP A 495 1.81 19.85 0.64
N ALA A 496 0.69 19.39 0.12
CA ALA A 496 0.68 18.29 -0.81
C ALA A 496 0.60 18.96 -2.16
N THR A 497 1.47 18.50 -3.06
CA THR A 497 1.44 18.97 -4.43
C THR A 497 0.54 18.10 -5.32
N THR A 498 0.35 16.83 -4.93
CA THR A 498 -0.43 15.89 -5.70
C THR A 498 -1.69 15.55 -4.92
N PRO A 499 -2.83 15.28 -5.57
CA PRO A 499 -4.07 14.89 -4.93
C PRO A 499 -3.94 13.61 -4.13
N ILE A 500 -4.39 13.58 -2.87
CA ILE A 500 -4.45 12.35 -2.09
C ILE A 500 -5.80 12.39 -1.38
N ILE A 501 -6.56 11.30 -1.50
CA ILE A 501 -7.88 11.18 -0.89
C ILE A 501 -7.68 10.47 0.43
N GLY A 502 -8.14 11.12 1.50
CA GLY A 502 -8.08 10.60 2.84
C GLY A 502 -9.40 9.98 3.29
N ASN A 503 -10.53 10.49 2.81
CA ASN A 503 -11.82 9.98 3.24
C ASN A 503 -12.92 10.39 2.28
N VAL A 504 -14.00 9.62 2.15
CA VAL A 504 -15.14 9.94 1.28
C VAL A 504 -16.38 9.66 2.13
N GLY A 505 -17.42 10.49 2.07
CA GLY A 505 -18.66 10.28 2.83
C GLY A 505 -19.81 10.94 2.09
N PRO A 506 -21.00 10.36 1.89
CA PRO A 506 -21.35 8.99 2.25
C PRO A 506 -20.73 7.95 1.33
N MET A 507 -20.71 6.65 1.64
CA MET A 507 -20.15 5.66 0.71
C MET A 507 -21.20 4.87 -0.07
N MET A 508 -22.47 5.28 0.01
CA MET A 508 -23.53 4.57 -0.66
C MET A 508 -24.63 5.60 -0.94
N ALA A 509 -25.01 5.85 -2.19
CA ALA A 509 -26.10 6.76 -2.54
C ALA A 509 -26.53 6.64 -3.99
N LYS A 510 -27.71 7.16 -4.32
CA LYS A 510 -28.18 7.09 -5.67
C LYS A 510 -27.55 8.21 -6.49
N PRO A 511 -27.56 8.16 -7.84
CA PRO A 511 -27.20 9.28 -8.70
C PRO A 511 -27.81 10.62 -8.33
N GLY A 512 -26.97 11.66 -8.38
CA GLY A 512 -27.42 13.00 -8.08
C GLY A 512 -27.13 13.44 -6.66
N VAL A 513 -26.85 12.54 -5.70
CA VAL A 513 -26.50 12.93 -4.36
C VAL A 513 -25.08 13.54 -4.36
N THR A 514 -24.84 14.63 -3.62
CA THR A 514 -23.52 15.21 -3.44
C THR A 514 -22.69 14.49 -2.39
N ILE A 515 -21.53 13.92 -2.74
CA ILE A 515 -20.68 13.27 -1.76
C ILE A 515 -19.52 14.21 -1.42
N THR A 516 -18.81 13.95 -0.34
CA THR A 516 -17.76 14.81 0.17
C THR A 516 -16.49 14.01 0.16
N ILE A 517 -15.46 14.47 -0.54
CA ILE A 517 -14.20 13.80 -0.69
C ILE A 517 -13.20 14.71 0.01
N ASP A 518 -12.52 14.20 1.02
CA ASP A 518 -11.57 15.00 1.77
C ASP A 518 -10.14 14.50 1.58
N GLY A 519 -9.17 15.39 1.58
CA GLY A 519 -7.78 15.02 1.44
C GLY A 519 -6.92 16.27 1.42
N ARG A 520 -5.90 16.21 0.58
CA ARG A 520 -4.93 17.27 0.43
C ARG A 520 -4.45 17.27 -1.01
N GLY A 521 -3.97 18.41 -1.51
CA GLY A 521 -3.38 18.48 -2.84
C GLY A 521 -4.36 18.52 -4.00
N PHE A 522 -5.65 18.81 -3.76
CA PHE A 522 -6.64 18.89 -4.86
C PHE A 522 -6.45 20.14 -5.73
N GLY A 523 -5.89 21.19 -5.13
CA GLY A 523 -5.65 22.44 -5.80
C GLY A 523 -6.88 23.33 -5.71
N SER A 524 -6.67 24.56 -6.13
CA SER A 524 -7.72 25.57 -6.13
C SER A 524 -8.67 25.47 -7.29
N GLY A 525 -8.22 25.01 -8.46
CA GLY A 525 -9.09 25.02 -9.63
C GLY A 525 -9.78 23.69 -9.78
N LYS A 526 -11.05 23.71 -10.24
CA LYS A 526 -11.80 22.48 -10.43
C LYS A 526 -11.05 21.54 -11.36
N GLY A 527 -10.90 20.27 -10.99
CA GLY A 527 -10.30 19.23 -11.81
C GLY A 527 -11.37 18.19 -12.19
N THR A 528 -11.06 16.90 -12.11
CA THR A 528 -11.96 15.87 -12.55
C THR A 528 -12.14 14.85 -11.46
N VAL A 529 -13.36 14.34 -11.32
CA VAL A 529 -13.61 13.26 -10.39
C VAL A 529 -14.01 12.07 -11.29
N TYR A 530 -13.39 10.93 -11.07
CA TYR A 530 -13.69 9.73 -11.82
C TYR A 530 -14.50 8.81 -10.94
N PHE A 531 -15.60 8.27 -11.44
CA PHE A 531 -16.32 7.21 -10.77
C PHE A 531 -16.07 6.15 -11.78
N GLY A 532 -15.18 5.20 -11.48
CA GLY A 532 -14.72 4.25 -12.48
C GLY A 532 -13.98 5.06 -13.56
N THR A 533 -14.37 4.87 -14.82
CA THR A 533 -13.81 5.62 -15.91
C THR A 533 -14.69 6.81 -16.29
N THR A 534 -15.83 7.01 -15.60
CA THR A 534 -16.71 8.13 -15.89
C THR A 534 -16.18 9.39 -15.23
N ALA A 535 -15.97 10.43 -16.04
CA ALA A 535 -15.42 11.67 -15.55
C ALA A 535 -16.52 12.65 -15.26
N VAL A 536 -16.44 13.33 -14.13
CA VAL A 536 -17.41 14.36 -13.83
C VAL A 536 -16.56 15.58 -13.53
N THR A 537 -17.02 16.61 -14.22
CA THR A 537 -16.36 17.90 -14.34
C THR A 537 -17.40 19.01 -14.24
N GLY A 538 -16.90 20.24 -14.28
CA GLY A 538 -17.72 21.42 -14.44
C GLY A 538 -18.75 21.63 -13.36
N ALA A 539 -20.02 21.85 -13.75
CA ALA A 539 -21.10 22.15 -12.82
C ALA A 539 -21.55 21.02 -11.89
N ASP A 540 -21.27 19.77 -12.27
CA ASP A 540 -21.56 18.62 -11.41
C ASP A 540 -20.63 18.61 -10.20
N ILE A 541 -19.49 19.33 -10.26
CA ILE A 541 -18.61 19.50 -9.13
C ILE A 541 -19.18 20.74 -8.48
N VAL A 542 -19.82 20.48 -7.36
CA VAL A 542 -20.50 21.51 -6.59
C VAL A 542 -19.47 22.37 -5.91
N ALA A 543 -18.39 21.84 -5.35
CA ALA A 543 -17.39 22.65 -4.66
C ALA A 543 -16.00 22.08 -4.84
N TRP A 544 -14.93 22.85 -5.04
CA TRP A 544 -13.58 22.28 -5.12
C TRP A 544 -12.65 23.18 -4.33
N GLU A 545 -11.86 22.67 -3.40
CA GLU A 545 -10.74 23.44 -2.87
C GLU A 545 -9.68 22.43 -2.49
N ASP A 546 -8.55 22.82 -1.91
CA ASP A 546 -7.46 21.87 -1.73
C ASP A 546 -7.72 20.70 -0.81
N THR A 547 -8.57 20.88 0.20
CA THR A 547 -8.80 19.83 1.18
C THR A 547 -10.12 19.13 1.01
N GLN A 548 -11.00 19.62 0.14
CA GLN A 548 -12.32 19.03 0.00
C GLN A 548 -12.98 19.35 -1.32
N ILE A 549 -13.59 18.30 -1.87
CA ILE A 549 -14.42 18.39 -3.07
C ILE A 549 -15.84 17.91 -2.76
N GLN A 550 -16.88 18.57 -3.26
CA GLN A 550 -18.23 18.11 -3.17
C GLN A 550 -18.64 17.95 -4.61
N VAL A 551 -19.12 16.76 -4.96
CA VAL A 551 -19.45 16.39 -6.32
C VAL A 551 -20.70 15.53 -6.37
N LYS A 552 -21.53 15.69 -7.39
CA LYS A 552 -22.73 14.88 -7.59
C LYS A 552 -22.36 13.55 -8.21
N ILE A 553 -22.98 12.47 -7.69
CA ILE A 553 -22.74 11.15 -8.25
C ILE A 553 -23.35 11.16 -9.65
N PRO A 554 -22.63 10.76 -10.71
CA PRO A 554 -23.12 10.68 -12.08
C PRO A 554 -24.17 9.59 -12.23
N ALA A 555 -24.86 9.64 -13.37
CA ALA A 555 -25.93 8.69 -13.62
C ALA A 555 -25.33 7.44 -14.24
N VAL A 556 -24.67 6.69 -13.38
CA VAL A 556 -24.06 5.45 -13.78
C VAL A 556 -24.97 4.32 -13.27
N PRO A 557 -24.90 3.11 -13.86
CA PRO A 557 -25.62 1.95 -13.39
C PRO A 557 -25.25 1.58 -11.96
N GLY A 558 -26.14 0.93 -11.21
CA GLY A 558 -25.84 0.61 -9.85
C GLY A 558 -24.68 -0.35 -9.80
N GLY A 559 -23.87 -0.24 -8.75
CA GLY A 559 -22.75 -1.15 -8.54
C GLY A 559 -21.66 -0.49 -7.73
N ILE A 560 -20.46 -1.09 -7.56
CA ILE A 560 -19.46 -0.39 -6.77
C ILE A 560 -18.30 0.05 -7.67
N TYR A 561 -17.91 1.26 -7.37
CA TYR A 561 -16.96 2.05 -8.13
C TYR A 561 -15.73 2.51 -7.35
N ASP A 562 -14.66 2.70 -8.11
CA ASP A 562 -13.44 3.26 -7.56
C ASP A 562 -13.53 4.74 -7.78
N ILE A 563 -13.13 5.54 -6.81
CA ILE A 563 -13.11 6.98 -6.97
C ILE A 563 -11.64 7.40 -7.10
N ARG A 564 -11.40 8.42 -7.90
CA ARG A 564 -10.09 8.97 -8.12
C ARG A 564 -10.30 10.43 -8.51
N VAL A 565 -9.44 11.34 -8.06
CA VAL A 565 -9.53 12.75 -8.36
C VAL A 565 -8.32 13.13 -9.22
N ALA A 566 -8.50 13.98 -10.21
CA ALA A 566 -7.36 14.48 -10.96
C ALA A 566 -7.44 15.97 -10.74
N ASN A 567 -6.33 16.60 -10.39
CA ASN A 567 -6.37 18.04 -10.21
C ASN A 567 -6.38 18.71 -11.58
N ALA A 568 -6.51 20.04 -11.63
CA ALA A 568 -6.58 20.80 -12.89
C ALA A 568 -5.41 20.62 -13.83
N ALA A 569 -4.29 20.11 -13.31
CA ALA A 569 -3.07 19.91 -14.06
C ALA A 569 -2.98 18.49 -14.60
N GLY A 570 -4.00 17.68 -14.32
CA GLY A 570 -4.08 16.31 -14.77
C GLY A 570 -3.41 15.33 -13.84
N ALA A 571 -2.81 15.73 -12.71
CA ALA A 571 -2.20 14.76 -11.80
C ALA A 571 -3.30 13.98 -11.04
N ALA A 572 -3.29 12.65 -11.07
CA ALA A 572 -4.31 11.83 -10.41
C ALA A 572 -3.96 11.32 -9.01
N SER A 573 -4.98 11.09 -8.18
CA SER A 573 -4.80 10.65 -6.81
C SER A 573 -4.70 9.14 -6.70
N ASN A 574 -4.63 8.69 -5.47
CA ASN A 574 -4.82 7.29 -5.11
C ASN A 574 -6.31 6.92 -5.35
N ILE A 575 -6.63 5.64 -5.46
CA ILE A 575 -7.98 5.15 -5.74
C ILE A 575 -8.70 5.05 -4.40
N TYR A 576 -9.94 5.48 -4.21
CA TYR A 576 -10.64 5.21 -2.97
C TYR A 576 -11.73 4.28 -3.47
N ASP A 577 -11.62 3.01 -3.15
CA ASP A 577 -12.51 2.00 -3.67
C ASP A 577 -13.79 1.82 -2.87
N ASN A 578 -14.59 0.84 -3.29
CA ASN A 578 -15.80 0.40 -2.61
C ASN A 578 -16.94 1.40 -2.53
N PHE A 579 -17.08 2.34 -3.46
CA PHE A 579 -18.17 3.28 -3.38
C PHE A 579 -19.40 2.58 -3.95
N GLU A 580 -20.58 2.55 -3.33
CA GLU A 580 -21.72 1.90 -3.94
C GLU A 580 -22.71 2.90 -4.49
N VAL A 581 -22.95 2.88 -5.80
CA VAL A 581 -23.98 3.70 -6.42
C VAL A 581 -25.23 2.82 -6.39
N LEU A 582 -26.33 3.33 -5.80
CA LEU A 582 -27.57 2.57 -5.70
C LEU A 582 -28.35 2.69 -6.99
N THR A 583 -29.27 1.79 -7.34
CA THR A 583 -30.12 1.94 -8.51
C THR A 583 -31.15 3.06 -8.29
N GLY A 584 -31.49 3.43 -7.06
CA GLY A 584 -32.39 4.54 -6.82
C GLY A 584 -32.75 4.49 -5.36
N ASP A 585 -33.93 4.98 -5.03
CA ASP A 585 -34.34 4.94 -3.64
C ASP A 585 -34.59 3.52 -3.25
N GLN A 586 -34.52 3.18 -1.97
CA GLN A 586 -34.61 1.81 -1.54
C GLN A 586 -35.90 1.55 -0.77
N VAL A 587 -36.37 0.31 -0.82
CA VAL A 587 -37.45 -0.20 0.02
C VAL A 587 -36.99 -1.59 0.48
N THR A 588 -37.45 -2.05 1.63
CA THR A 588 -37.06 -3.37 2.06
C THR A 588 -38.25 -4.31 1.81
N VAL A 589 -37.97 -5.36 1.03
CA VAL A 589 -38.95 -6.36 0.67
C VAL A 589 -38.56 -7.65 1.38
N ARG A 590 -39.52 -8.31 2.03
CA ARG A 590 -39.37 -9.61 2.66
C ARG A 590 -39.53 -10.66 1.56
N PHE A 591 -38.58 -11.54 1.28
CA PHE A 591 -38.74 -12.58 0.25
C PHE A 591 -38.95 -13.88 1.01
N VAL A 592 -39.96 -14.68 0.66
CA VAL A 592 -40.26 -15.92 1.36
C VAL A 592 -40.34 -17.02 0.29
N ILE A 593 -39.62 -18.12 0.44
CA ILE A 593 -39.70 -19.18 -0.55
C ILE A 593 -39.98 -20.46 0.21
N ASN A 594 -41.02 -21.16 -0.26
CA ASN A 594 -41.43 -22.39 0.34
C ASN A 594 -40.89 -23.58 -0.45
N ASN A 595 -40.82 -24.70 0.27
CA ASN A 595 -40.44 -26.01 -0.25
C ASN A 595 -39.03 -26.08 -0.85
N ALA A 596 -38.10 -25.43 -0.15
CA ALA A 596 -36.74 -25.35 -0.58
C ALA A 596 -35.97 -26.20 0.39
N THR A 597 -36.00 -27.51 0.21
CA THR A 597 -35.30 -28.41 1.10
C THR A 597 -33.79 -28.38 0.78
N THR A 598 -32.88 -28.50 1.73
CA THR A 598 -31.47 -28.44 1.44
C THR A 598 -30.72 -29.57 2.14
N ALA A 599 -29.50 -29.79 1.69
CA ALA A 599 -28.57 -30.72 2.31
C ALA A 599 -27.80 -30.03 3.43
N LEU A 600 -27.05 -30.76 4.27
CA LEU A 600 -26.21 -30.13 5.28
C LEU A 600 -25.19 -29.26 4.56
N GLY A 601 -25.04 -28.03 5.04
CA GLY A 601 -24.14 -27.06 4.48
C GLY A 601 -24.70 -26.38 3.25
N GLN A 602 -25.92 -26.70 2.79
CA GLN A 602 -26.49 -26.07 1.62
C GLN A 602 -27.49 -25.01 2.10
N ASN A 603 -27.45 -23.79 1.56
CA ASN A 603 -28.33 -22.73 2.02
C ASN A 603 -29.02 -22.07 0.84
N VAL A 604 -30.12 -21.35 1.07
CA VAL A 604 -30.84 -20.69 -0.01
C VAL A 604 -30.40 -19.24 -0.01
N PHE A 605 -30.26 -18.72 -1.24
CA PHE A 605 -29.82 -17.38 -1.57
C PHE A 605 -30.77 -16.85 -2.62
N LEU A 606 -30.66 -15.55 -2.85
CA LEU A 606 -31.49 -14.80 -3.77
C LEU A 606 -30.58 -14.00 -4.72
N THR A 607 -30.77 -13.91 -6.03
CA THR A 607 -30.01 -12.97 -6.85
C THR A 607 -30.97 -12.49 -7.93
N GLY A 608 -30.62 -11.42 -8.62
CA GLY A 608 -31.48 -10.82 -9.60
C GLY A 608 -30.76 -9.79 -10.44
N ASN A 609 -31.54 -9.05 -11.20
CA ASN A 609 -31.00 -8.22 -12.23
C ASN A 609 -30.64 -6.81 -11.85
N VAL A 610 -30.55 -6.42 -10.59
CA VAL A 610 -30.12 -5.08 -10.20
C VAL A 610 -28.91 -5.27 -9.31
N SER A 611 -28.08 -4.26 -9.10
CA SER A 611 -26.86 -4.45 -8.33
C SER A 611 -27.11 -4.80 -6.89
N GLU A 612 -28.26 -4.34 -6.37
CA GLU A 612 -28.67 -4.59 -4.98
C GLU A 612 -28.91 -6.06 -4.75
N LEU A 613 -29.22 -6.82 -5.82
CA LEU A 613 -29.37 -8.26 -5.74
C LEU A 613 -28.15 -9.01 -6.30
N GLY A 614 -27.01 -8.33 -6.49
CA GLY A 614 -25.80 -9.00 -6.95
C GLY A 614 -25.70 -9.16 -8.45
N ASN A 615 -26.57 -8.54 -9.25
CA ASN A 615 -26.58 -8.66 -10.71
C ASN A 615 -26.31 -10.04 -11.30
N TRP A 616 -27.12 -11.00 -10.83
CA TRP A 616 -27.11 -12.38 -11.29
C TRP A 616 -25.83 -13.17 -11.00
N ASP A 617 -24.97 -12.63 -10.13
CA ASP A 617 -23.75 -13.31 -9.80
C ASP A 617 -23.92 -14.11 -8.54
N PRO A 618 -23.84 -15.46 -8.57
CA PRO A 618 -23.99 -16.35 -7.42
C PRO A 618 -23.04 -16.03 -6.26
N ASN A 619 -21.85 -15.50 -6.58
CA ASN A 619 -20.86 -15.12 -5.57
C ASN A 619 -21.24 -13.88 -4.82
N ASN A 620 -22.11 -13.09 -5.44
CA ASN A 620 -22.64 -11.91 -4.79
C ASN A 620 -24.12 -12.07 -4.49
N ALA A 621 -24.68 -13.28 -4.38
CA ALA A 621 -26.10 -13.46 -4.11
C ALA A 621 -26.43 -13.09 -2.67
N ILE A 622 -27.69 -12.75 -2.40
CA ILE A 622 -28.17 -12.34 -1.08
C ILE A 622 -28.45 -13.56 -0.22
N GLY A 623 -27.83 -13.59 0.96
CA GLY A 623 -28.11 -14.63 1.90
C GLY A 623 -26.86 -15.10 2.64
N PRO A 624 -26.81 -16.28 3.29
CA PRO A 624 -27.90 -17.25 3.42
C PRO A 624 -29.18 -16.69 4.06
N MET A 625 -30.30 -17.10 3.50
CA MET A 625 -31.60 -16.74 4.01
C MET A 625 -31.81 -17.43 5.35
N TYR A 626 -32.78 -16.94 6.11
CA TYR A 626 -33.11 -17.41 7.43
C TYR A 626 -34.20 -18.46 7.33
N ASN A 627 -34.46 -19.30 8.33
CA ASN A 627 -35.49 -20.34 8.17
C ASN A 627 -35.96 -20.90 9.51
N GLN A 628 -35.99 -20.08 10.56
CA GLN A 628 -36.34 -20.58 11.89
C GLN A 628 -37.38 -19.86 12.71
N VAL A 629 -37.29 -18.53 12.80
CA VAL A 629 -38.18 -17.77 13.66
C VAL A 629 -39.45 -17.30 12.95
N VAL A 630 -39.37 -16.45 11.93
CA VAL A 630 -40.60 -15.95 11.33
C VAL A 630 -41.26 -17.05 10.49
N TYR A 631 -40.47 -17.85 9.80
CA TYR A 631 -40.95 -18.95 8.98
C TYR A 631 -39.94 -20.04 9.30
N GLN A 632 -40.35 -21.29 9.19
CA GLN A 632 -39.49 -22.43 9.49
C GLN A 632 -39.24 -23.24 8.26
N TYR A 633 -38.04 -23.79 8.21
CA TYR A 633 -37.62 -24.70 7.17
C TYR A 633 -38.69 -25.75 6.80
N PRO A 634 -38.98 -26.14 5.53
CA PRO A 634 -38.30 -25.66 4.33
C PRO A 634 -38.76 -24.34 3.78
N THR A 635 -39.38 -23.48 4.59
CA THR A 635 -39.64 -22.15 4.14
C THR A 635 -38.45 -21.32 4.63
N TRP A 636 -37.89 -20.54 3.72
CA TRP A 636 -36.78 -19.65 4.04
C TRP A 636 -37.24 -18.21 3.83
N TYR A 637 -36.73 -17.22 4.58
CA TYR A 637 -37.14 -15.83 4.41
C TYR A 637 -35.97 -14.87 4.59
N TYR A 638 -36.06 -13.64 4.04
CA TYR A 638 -35.01 -12.63 4.17
C TYR A 638 -35.51 -11.24 3.82
N ASP A 639 -35.08 -10.22 4.55
CA ASP A 639 -35.46 -8.83 4.35
C ASP A 639 -34.35 -8.13 3.57
N VAL A 640 -34.64 -7.66 2.37
CA VAL A 640 -33.64 -7.24 1.40
C VAL A 640 -33.95 -5.84 0.93
N SER A 641 -32.94 -4.97 0.94
CA SER A 641 -33.10 -3.63 0.39
C SER A 641 -33.01 -3.75 -1.13
N VAL A 642 -33.99 -3.16 -1.80
CA VAL A 642 -34.17 -3.34 -3.23
C VAL A 642 -34.63 -2.00 -3.79
N PRO A 643 -34.37 -1.61 -5.04
CA PRO A 643 -34.76 -0.31 -5.54
C PRO A 643 -36.29 -0.14 -5.56
N ALA A 644 -36.76 1.01 -5.13
CA ALA A 644 -38.15 1.33 -5.03
C ALA A 644 -38.77 1.67 -6.37
N GLY A 645 -40.01 1.21 -6.55
CA GLY A 645 -40.82 1.55 -7.71
C GLY A 645 -40.44 0.92 -9.01
N GLN A 646 -39.90 -0.31 -9.09
CA GLN A 646 -39.59 -0.86 -10.38
C GLN A 646 -39.73 -2.35 -10.41
N THR A 647 -39.73 -2.92 -11.61
CA THR A 647 -39.89 -4.36 -11.76
C THR A 647 -38.52 -4.98 -11.82
N ILE A 648 -38.21 -5.82 -10.84
CA ILE A 648 -36.94 -6.52 -10.77
C ILE A 648 -37.16 -7.95 -11.28
N GLU A 649 -36.11 -8.61 -11.74
CA GLU A 649 -36.17 -10.00 -12.13
C GLU A 649 -35.21 -10.70 -11.20
N PHE A 650 -35.59 -11.89 -10.75
CA PHE A 650 -34.84 -12.62 -9.77
C PHE A 650 -35.12 -14.11 -9.87
N LYS A 651 -34.30 -14.89 -9.17
CA LYS A 651 -34.42 -16.32 -9.04
C LYS A 651 -33.75 -16.66 -7.73
N PHE A 652 -34.15 -17.78 -7.12
CA PHE A 652 -33.50 -18.24 -5.94
C PHE A 652 -32.53 -19.32 -6.39
N LEU A 653 -31.57 -19.62 -5.54
CA LEU A 653 -30.58 -20.64 -5.83
C LEU A 653 -30.14 -21.26 -4.51
N LYS A 654 -29.64 -22.47 -4.55
CA LYS A 654 -29.10 -23.12 -3.37
C LYS A 654 -27.59 -23.14 -3.54
N LYS A 655 -26.80 -22.96 -2.50
CA LYS A 655 -25.36 -22.97 -2.61
C LYS A 655 -24.83 -23.84 -1.49
N GLN A 656 -23.90 -24.71 -1.84
CA GLN A 656 -23.16 -25.54 -0.89
C GLN A 656 -21.75 -25.52 -1.44
N GLY A 657 -20.84 -24.81 -0.79
CA GLY A 657 -19.45 -24.75 -1.25
C GLY A 657 -19.37 -24.08 -2.62
N SER A 658 -18.86 -24.80 -3.60
CA SER A 658 -18.73 -24.27 -4.95
C SER A 658 -19.95 -24.54 -5.83
N THR A 659 -20.93 -25.32 -5.36
CA THR A 659 -22.02 -25.75 -6.21
C THR A 659 -23.26 -24.90 -6.04
N VAL A 660 -23.73 -24.39 -7.18
CA VAL A 660 -24.89 -23.55 -7.24
C VAL A 660 -26.00 -24.36 -7.85
N THR A 661 -27.19 -24.43 -7.27
CA THR A 661 -28.32 -25.05 -7.93
C THR A 661 -29.36 -23.94 -8.18
N TRP A 662 -29.63 -23.54 -9.41
CA TRP A 662 -30.61 -22.50 -9.70
C TRP A 662 -32.00 -23.11 -9.75
N GLU A 663 -33.00 -22.32 -9.36
CA GLU A 663 -34.40 -22.69 -9.60
C GLU A 663 -34.59 -22.89 -11.10
N GLY A 664 -35.39 -23.83 -11.54
CA GLY A 664 -35.69 -23.96 -12.96
C GLY A 664 -36.84 -23.04 -13.36
N GLY A 665 -37.37 -23.19 -14.56
CA GLY A 665 -38.44 -22.35 -15.04
C GLY A 665 -37.97 -20.94 -15.42
N ALA A 666 -38.96 -20.09 -15.61
CA ALA A 666 -38.70 -18.73 -16.01
C ALA A 666 -38.23 -17.87 -14.84
N ASN A 667 -37.57 -16.74 -15.15
CA ASN A 667 -37.19 -15.76 -14.15
C ASN A 667 -38.45 -15.22 -13.48
N ARG A 668 -38.41 -14.95 -12.18
CA ARG A 668 -39.53 -14.41 -11.42
C ARG A 668 -39.49 -12.89 -11.61
N THR A 669 -40.58 -12.17 -11.55
CA THR A 669 -40.58 -10.72 -11.68
C THR A 669 -41.35 -10.18 -10.49
N PHE A 670 -41.17 -8.96 -10.06
CA PHE A 670 -41.97 -8.37 -8.99
C PHE A 670 -41.86 -6.88 -9.17
N THR A 671 -42.94 -6.11 -9.01
CA THR A 671 -42.83 -4.67 -9.04
C THR A 671 -42.77 -4.13 -7.62
N THR A 672 -41.67 -3.45 -7.27
CA THR A 672 -41.51 -3.00 -5.90
C THR A 672 -42.36 -1.77 -5.60
N PRO A 673 -42.78 -1.59 -4.34
CA PRO A 673 -43.42 -0.36 -3.90
C PRO A 673 -42.52 0.89 -4.01
N THR A 674 -43.09 2.11 -4.16
CA THR A 674 -42.29 3.33 -4.06
C THR A 674 -42.10 3.45 -2.56
N SER A 675 -41.18 4.12 -1.92
CA SER A 675 -41.07 3.87 -0.48
C SER A 675 -42.28 3.65 0.51
N GLY A 676 -42.26 2.35 0.95
CA GLY A 676 -43.03 1.59 1.95
C GLY A 676 -42.46 0.14 2.11
N THR A 677 -43.11 -0.92 2.64
CA THR A 677 -42.56 -2.28 2.72
C THR A 677 -43.34 -3.34 1.87
N ALA A 678 -42.89 -4.55 1.54
CA ALA A 678 -43.70 -5.54 0.83
C ALA A 678 -43.21 -6.97 1.06
N THR A 679 -44.05 -8.00 0.89
CA THR A 679 -43.65 -9.40 0.99
C THR A 679 -43.90 -10.19 -0.29
N VAL A 680 -42.91 -10.98 -0.72
CA VAL A 680 -42.95 -11.84 -1.88
C VAL A 680 -43.02 -13.23 -1.28
N ASN A 681 -44.03 -14.02 -1.63
CA ASN A 681 -44.18 -15.34 -1.08
C ASN A 681 -44.32 -16.30 -2.25
N VAL A 682 -43.36 -17.18 -2.49
CA VAL A 682 -43.30 -17.99 -3.68
C VAL A 682 -42.92 -19.43 -3.31
N ASN A 683 -42.86 -20.33 -4.29
CA ASN A 683 -42.61 -21.75 -4.05
C ASN A 683 -41.47 -22.18 -4.94
N TRP A 684 -40.46 -22.94 -4.48
CA TRP A 684 -39.33 -23.34 -5.31
C TRP A 684 -39.76 -24.02 -6.64
N GLN A 685 -39.26 -23.50 -7.77
CA GLN A 685 -39.49 -23.98 -9.13
C GLN A 685 -38.33 -24.92 -9.40
N PRO A 686 -38.52 -26.23 -9.51
CA PRO A 686 -37.46 -27.14 -9.88
C PRO A 686 -36.97 -26.98 -11.31
N ALA B 1 2.38 -17.86 -23.23
CA ALA B 1 3.25 -18.73 -22.46
C ALA B 1 3.06 -18.26 -21.03
N PRO B 2 3.31 -19.04 -19.98
CA PRO B 2 3.23 -18.56 -18.62
C PRO B 2 4.40 -17.61 -18.27
N ASP B 3 4.24 -16.81 -17.22
CA ASP B 3 5.25 -15.88 -16.74
C ASP B 3 6.62 -16.53 -16.46
N THR B 4 6.66 -17.78 -15.99
CA THR B 4 7.84 -18.53 -15.60
C THR B 4 8.60 -19.12 -16.79
N SER B 5 8.08 -19.01 -18.01
CA SER B 5 8.67 -19.56 -19.20
C SER B 5 10.06 -18.98 -19.50
N VAL B 6 10.96 -19.79 -20.10
CA VAL B 6 12.28 -19.32 -20.53
C VAL B 6 12.06 -18.31 -21.65
N SER B 7 10.92 -18.29 -22.36
CA SER B 7 10.76 -17.32 -23.43
C SER B 7 10.39 -15.93 -22.91
N ASN B 8 10.20 -15.72 -21.62
CA ASN B 8 9.87 -14.40 -21.12
C ASN B 8 11.17 -13.62 -20.97
N LYS B 9 11.58 -12.89 -22.00
CA LYS B 9 12.81 -12.11 -21.95
C LYS B 9 12.60 -10.77 -21.28
N GLN B 10 11.37 -10.35 -20.97
CA GLN B 10 11.18 -9.03 -20.43
C GLN B 10 11.28 -8.97 -18.94
N ASN B 11 10.90 -9.99 -18.20
CA ASN B 11 10.87 -9.92 -16.74
C ASN B 11 11.57 -11.13 -16.18
N PHE B 12 12.39 -10.90 -15.17
CA PHE B 12 13.21 -11.94 -14.59
C PHE B 12 12.94 -12.17 -13.11
N SER B 13 11.93 -11.64 -12.42
CA SER B 13 11.73 -11.86 -10.99
C SER B 13 11.53 -13.33 -10.63
N THR B 14 11.09 -14.20 -11.56
CA THR B 14 10.92 -15.61 -11.27
C THR B 14 12.22 -16.38 -11.44
N ASP B 15 13.30 -15.71 -11.89
CA ASP B 15 14.58 -16.33 -12.16
C ASP B 15 15.62 -16.15 -11.09
N VAL B 16 16.68 -16.96 -11.14
CA VAL B 16 17.82 -16.82 -10.27
C VAL B 16 18.99 -16.77 -11.25
N ILE B 17 19.69 -15.65 -11.29
CA ILE B 17 20.80 -15.45 -12.21
C ILE B 17 22.08 -15.98 -11.60
N TYR B 18 22.94 -16.62 -12.41
CA TYR B 18 24.25 -17.10 -11.96
C TYR B 18 25.24 -16.29 -12.80
N GLN B 19 26.05 -15.47 -12.14
CA GLN B 19 26.98 -14.58 -12.80
C GLN B 19 28.30 -15.29 -13.07
N ILE B 20 28.66 -15.45 -14.33
CA ILE B 20 29.89 -16.13 -14.75
C ILE B 20 30.91 -15.21 -15.40
N PHE B 21 32.14 -15.27 -14.90
CA PHE B 21 33.29 -14.65 -15.58
C PHE B 21 33.70 -15.79 -16.49
N THR B 22 33.37 -15.71 -17.77
CA THR B 22 33.58 -16.82 -18.70
C THR B 22 34.99 -17.44 -18.64
N ASP B 23 36.02 -16.62 -18.54
CA ASP B 23 37.38 -17.14 -18.55
C ASP B 23 37.73 -17.97 -17.33
N ARG B 24 37.02 -17.74 -16.21
CA ARG B 24 37.34 -18.34 -14.94
C ARG B 24 36.41 -19.48 -14.56
N PHE B 25 35.54 -19.94 -15.47
CA PHE B 25 34.60 -20.99 -15.14
C PHE B 25 35.04 -22.32 -15.71
N SER B 26 34.94 -22.60 -17.00
CA SER B 26 35.38 -23.89 -17.50
C SER B 26 35.95 -23.83 -18.90
N ASP B 27 37.16 -24.35 -19.01
CA ASP B 27 37.80 -24.42 -20.31
C ASP B 27 37.31 -25.68 -21.03
N GLY B 28 36.27 -25.56 -21.84
CA GLY B 28 35.75 -26.73 -22.55
C GLY B 28 36.44 -26.95 -23.89
N ASN B 29 37.21 -25.98 -24.36
CA ASN B 29 37.96 -26.08 -25.60
C ASN B 29 39.35 -25.47 -25.38
N PRO B 30 40.45 -26.21 -25.25
CA PRO B 30 41.79 -25.69 -25.12
C PRO B 30 42.35 -25.18 -26.43
N ALA B 31 41.80 -25.52 -27.59
CA ALA B 31 42.29 -25.04 -28.87
C ALA B 31 42.04 -23.56 -29.16
N ASN B 32 41.12 -22.92 -28.41
CA ASN B 32 40.89 -21.49 -28.51
C ASN B 32 41.67 -20.76 -27.43
N ASN B 33 42.51 -21.44 -26.65
CA ASN B 33 43.20 -20.79 -25.58
C ASN B 33 44.28 -19.90 -26.18
N PRO B 34 44.34 -18.63 -25.75
CA PRO B 34 45.44 -17.72 -26.08
C PRO B 34 46.76 -18.39 -25.75
N THR B 35 47.81 -17.91 -26.39
CA THR B 35 49.11 -18.50 -26.22
C THR B 35 50.07 -17.52 -25.55
N GLY B 36 51.19 -18.13 -25.15
CA GLY B 36 52.34 -17.36 -24.74
C GLY B 36 52.06 -16.51 -23.53
N ALA B 37 52.50 -15.28 -23.67
CA ALA B 37 52.44 -14.28 -22.63
C ALA B 37 51.04 -13.91 -22.13
N ALA B 38 50.02 -14.15 -22.98
CA ALA B 38 48.64 -13.86 -22.67
C ALA B 38 47.95 -14.94 -21.84
N PHE B 39 48.55 -16.10 -21.63
CA PHE B 39 47.85 -17.20 -21.07
C PHE B 39 48.53 -17.86 -19.89
N ASP B 40 47.78 -18.19 -18.84
CA ASP B 40 48.27 -18.96 -17.73
C ASP B 40 47.20 -19.98 -17.41
N GLY B 41 47.45 -21.19 -17.88
CA GLY B 41 46.55 -22.32 -17.73
C GLY B 41 46.36 -22.77 -16.31
N SER B 42 47.32 -22.53 -15.42
CA SER B 42 47.13 -22.87 -14.01
C SER B 42 46.28 -21.80 -13.31
N CYS B 43 46.07 -20.66 -13.98
CA CYS B 43 45.31 -19.52 -13.50
C CYS B 43 45.81 -19.04 -12.15
N THR B 44 47.14 -19.02 -12.03
CA THR B 44 47.79 -18.51 -10.84
C THR B 44 47.87 -16.99 -10.99
N ASN B 45 48.04 -16.48 -12.22
CA ASN B 45 48.15 -15.04 -12.42
C ASN B 45 46.76 -14.66 -12.88
N LEU B 46 46.07 -13.99 -11.96
CA LEU B 46 44.68 -13.64 -12.18
C LEU B 46 44.42 -12.52 -13.17
N ARG B 47 45.46 -12.03 -13.87
CA ARG B 47 45.28 -10.99 -14.88
C ARG B 47 45.47 -11.45 -16.30
N LEU B 48 45.78 -12.73 -16.43
CA LEU B 48 45.99 -13.31 -17.74
C LEU B 48 44.82 -14.22 -18.05
N TYR B 49 44.74 -14.72 -19.27
CA TYR B 49 43.71 -15.64 -19.64
C TYR B 49 44.00 -17.01 -19.03
N CYS B 50 43.01 -17.61 -18.40
CA CYS B 50 43.14 -18.97 -17.87
C CYS B 50 42.50 -20.02 -18.78
N GLY B 51 41.68 -19.65 -19.78
CA GLY B 51 41.14 -20.58 -20.77
C GLY B 51 39.64 -20.89 -20.84
N GLY B 52 38.87 -20.43 -19.86
CA GLY B 52 37.45 -20.68 -19.74
C GLY B 52 36.68 -20.09 -20.90
N ASP B 53 35.67 -20.81 -21.41
CA ASP B 53 35.03 -20.42 -22.67
C ASP B 53 33.55 -20.84 -22.72
N TRP B 54 32.87 -20.59 -23.84
CA TRP B 54 31.46 -20.89 -24.00
C TRP B 54 31.19 -22.40 -24.06
N GLN B 55 32.06 -23.20 -24.67
CA GLN B 55 31.94 -24.64 -24.63
C GLN B 55 31.98 -25.16 -23.18
N GLY B 56 32.72 -24.51 -22.29
CA GLY B 56 32.81 -24.93 -20.91
C GLY B 56 31.50 -24.72 -20.17
N ILE B 57 30.81 -23.65 -20.53
CA ILE B 57 29.50 -23.35 -19.97
C ILE B 57 28.50 -24.35 -20.57
N ILE B 58 28.57 -24.69 -21.86
CA ILE B 58 27.70 -25.68 -22.46
C ILE B 58 27.87 -27.02 -21.73
N ASN B 59 29.10 -27.44 -21.48
CA ASN B 59 29.38 -28.63 -20.71
C ASN B 59 28.79 -28.59 -19.31
N LYS B 60 28.80 -27.46 -18.60
CA LYS B 60 28.25 -27.38 -17.25
C LYS B 60 26.72 -27.28 -17.17
N ILE B 61 26.07 -26.93 -18.28
CA ILE B 61 24.62 -27.00 -18.40
C ILE B 61 24.29 -28.48 -18.67
N ASN B 62 24.97 -29.10 -19.63
CA ASN B 62 24.74 -30.48 -19.98
C ASN B 62 25.09 -31.51 -18.95
N ASP B 63 26.12 -31.36 -18.11
CA ASP B 63 26.43 -32.39 -17.14
C ASP B 63 25.65 -32.29 -15.82
N GLY B 64 24.78 -31.27 -15.73
CA GLY B 64 23.87 -31.09 -14.60
C GLY B 64 24.37 -30.17 -13.52
N TYR B 65 25.53 -29.54 -13.66
CA TYR B 65 26.05 -28.74 -12.57
C TYR B 65 25.18 -27.51 -12.38
N LEU B 66 24.94 -26.77 -13.46
CA LEU B 66 24.13 -25.57 -13.37
C LEU B 66 22.64 -25.87 -13.20
N THR B 67 22.06 -26.88 -13.88
CA THR B 67 20.61 -27.12 -13.78
C THR B 67 20.24 -27.72 -12.43
N GLY B 68 21.10 -28.55 -11.83
CA GLY B 68 20.85 -29.16 -10.53
C GLY B 68 20.79 -28.14 -9.39
N MET B 69 21.42 -26.99 -9.60
CA MET B 69 21.45 -25.93 -8.64
C MET B 69 20.15 -25.12 -8.68
N GLY B 70 19.35 -25.23 -9.73
CA GLY B 70 18.10 -24.49 -9.82
C GLY B 70 18.29 -23.14 -10.48
N ILE B 71 19.46 -22.90 -11.10
CA ILE B 71 19.76 -21.65 -11.78
C ILE B 71 18.84 -21.52 -12.99
N THR B 72 18.24 -20.37 -13.29
CA THR B 72 17.47 -20.27 -14.51
C THR B 72 17.91 -19.14 -15.46
N ALA B 73 19.02 -18.45 -15.18
CA ALA B 73 19.53 -17.45 -16.09
C ALA B 73 21.01 -17.40 -15.79
N ILE B 74 21.79 -17.10 -16.82
CA ILE B 74 23.23 -17.08 -16.74
C ILE B 74 23.67 -15.68 -17.17
N TRP B 75 24.61 -15.04 -16.52
CA TRP B 75 25.07 -13.72 -16.94
C TRP B 75 26.56 -13.90 -17.21
N ILE B 76 26.96 -13.71 -18.46
CA ILE B 76 28.34 -13.96 -18.89
C ILE B 76 29.07 -12.68 -19.33
N SER B 77 30.41 -12.76 -19.39
CA SER B 77 31.26 -11.68 -19.82
C SER B 77 30.89 -11.15 -21.19
N GLN B 78 31.15 -9.86 -21.48
CA GLN B 78 30.84 -9.26 -22.77
C GLN B 78 31.41 -10.13 -23.88
N PRO B 79 30.61 -10.52 -24.87
CA PRO B 79 31.00 -11.54 -25.85
C PRO B 79 31.82 -11.00 -27.01
N VAL B 80 31.92 -9.67 -27.12
CA VAL B 80 32.51 -9.02 -28.31
C VAL B 80 34.05 -9.11 -28.34
N GLU B 81 34.62 -8.97 -29.53
CA GLU B 81 36.06 -9.10 -29.74
C GLU B 81 36.75 -7.99 -28.97
N ASN B 82 37.73 -8.42 -28.18
CA ASN B 82 38.53 -7.54 -27.35
C ASN B 82 39.91 -7.37 -27.95
N ILE B 83 40.69 -6.39 -27.46
CA ILE B 83 42.06 -6.21 -27.93
C ILE B 83 42.90 -7.42 -27.59
N TYR B 84 43.84 -7.72 -28.47
CA TYR B 84 44.74 -8.86 -28.28
C TYR B 84 46.03 -8.56 -27.53
N SER B 85 46.35 -7.28 -27.28
CA SER B 85 47.55 -6.86 -26.57
C SER B 85 47.75 -7.40 -25.16
N VAL B 86 48.98 -7.71 -24.74
CA VAL B 86 49.23 -8.03 -23.34
C VAL B 86 49.82 -6.69 -22.85
N ILE B 87 49.21 -6.07 -21.85
CA ILE B 87 49.59 -4.74 -21.41
C ILE B 87 50.37 -4.88 -20.12
N ASN B 88 51.45 -4.13 -19.98
CA ASN B 88 52.26 -4.20 -18.77
C ASN B 88 52.02 -2.97 -17.95
N TYR B 89 51.41 -3.18 -16.80
CA TYR B 89 51.19 -2.08 -15.87
C TYR B 89 52.10 -2.39 -14.70
N SER B 90 53.18 -1.62 -14.61
CA SER B 90 54.16 -1.69 -13.52
C SER B 90 54.76 -3.05 -13.24
N GLY B 91 55.14 -3.70 -14.33
CA GLY B 91 55.74 -5.00 -14.23
C GLY B 91 54.70 -6.11 -14.27
N VAL B 92 53.42 -5.77 -14.18
CA VAL B 92 52.43 -6.82 -14.16
C VAL B 92 51.77 -6.85 -15.52
N ASN B 93 51.78 -7.98 -16.18
CA ASN B 93 51.11 -8.15 -17.47
C ASN B 93 49.61 -8.31 -17.30
N ASN B 94 48.81 -7.77 -18.22
CA ASN B 94 47.37 -7.73 -18.10
C ASN B 94 46.77 -8.08 -19.42
N THR B 95 45.69 -8.85 -19.47
CA THR B 95 45.02 -9.12 -20.74
C THR B 95 43.53 -8.78 -20.62
N ALA B 96 42.78 -8.86 -21.72
CA ALA B 96 41.36 -8.59 -21.78
C ALA B 96 40.52 -9.79 -21.35
N TYR B 97 40.94 -10.66 -20.42
CA TYR B 97 40.21 -11.86 -20.02
C TYR B 97 38.76 -11.66 -19.60
N HIS B 98 38.54 -10.47 -19.01
CA HIS B 98 37.27 -9.98 -18.45
C HIS B 98 36.24 -9.49 -19.45
N GLY B 99 36.63 -9.34 -20.73
CA GLY B 99 35.73 -8.93 -21.79
C GLY B 99 35.48 -7.42 -21.90
N TYR B 100 35.91 -6.57 -20.96
CA TYR B 100 35.71 -5.12 -21.00
C TYR B 100 36.47 -4.21 -21.96
N TRP B 101 37.42 -4.74 -22.73
CA TRP B 101 38.29 -3.92 -23.56
C TRP B 101 37.96 -4.20 -25.01
N ALA B 102 36.81 -3.73 -25.48
CA ALA B 102 36.34 -4.06 -26.81
C ALA B 102 37.08 -3.39 -27.96
N ARG B 103 37.25 -4.12 -29.05
CA ARG B 103 37.73 -3.51 -30.26
C ARG B 103 36.69 -3.73 -31.34
N ASP B 104 35.80 -4.73 -31.29
CA ASP B 104 34.78 -4.82 -32.32
C ASP B 104 33.53 -5.43 -31.71
N PHE B 105 32.50 -4.62 -31.63
CA PHE B 105 31.24 -5.01 -31.01
C PHE B 105 30.39 -5.93 -31.88
N LYS B 106 30.82 -6.24 -33.10
CA LYS B 106 30.03 -7.08 -33.99
C LYS B 106 30.70 -8.43 -34.23
N LYS B 107 31.78 -8.76 -33.54
CA LYS B 107 32.45 -10.04 -33.69
C LYS B 107 32.53 -10.71 -32.33
N THR B 108 32.89 -11.99 -32.20
CA THR B 108 33.05 -12.56 -30.87
C THR B 108 34.51 -12.43 -30.44
N ASN B 109 34.77 -12.61 -29.15
CA ASN B 109 36.13 -12.74 -28.65
C ASN B 109 36.50 -14.19 -28.90
N PRO B 110 37.41 -14.58 -29.81
CA PRO B 110 37.73 -15.96 -30.11
C PRO B 110 38.24 -16.83 -28.97
N ALA B 111 38.70 -16.26 -27.87
CA ALA B 111 39.10 -17.09 -26.75
C ALA B 111 37.84 -17.68 -26.10
N TYR B 112 36.72 -16.96 -26.17
CA TYR B 112 35.49 -17.50 -25.63
C TYR B 112 34.85 -18.43 -26.66
N GLY B 113 34.95 -18.12 -27.95
CA GLY B 113 34.44 -19.00 -28.96
C GLY B 113 34.09 -18.25 -30.23
N THR B 114 33.53 -19.02 -31.14
CA THR B 114 33.10 -18.47 -32.40
C THR B 114 31.64 -18.05 -32.29
N MET B 115 31.15 -17.47 -33.37
CA MET B 115 29.77 -17.08 -33.44
C MET B 115 28.90 -18.34 -33.34
N GLN B 116 29.33 -19.50 -33.83
CA GLN B 116 28.57 -20.73 -33.76
C GLN B 116 28.63 -21.29 -32.35
N ASP B 117 29.75 -21.12 -31.63
CA ASP B 117 29.78 -21.53 -30.23
C ASP B 117 28.83 -20.68 -29.43
N PHE B 118 28.69 -19.39 -29.81
CA PHE B 118 27.76 -18.50 -29.16
C PHE B 118 26.33 -18.98 -29.44
N LYS B 119 25.97 -19.24 -30.71
CA LYS B 119 24.64 -19.78 -31.05
C LYS B 119 24.41 -21.05 -30.25
N ASN B 120 25.36 -21.99 -30.19
CA ASN B 120 25.20 -23.23 -29.44
C ASN B 120 25.02 -23.02 -27.96
N LEU B 121 25.62 -22.01 -27.37
CA LEU B 121 25.38 -21.67 -25.97
C LEU B 121 23.94 -21.21 -25.78
N ILE B 122 23.46 -20.32 -26.67
CA ILE B 122 22.09 -19.83 -26.58
C ILE B 122 21.15 -21.03 -26.67
N ASP B 123 21.36 -21.93 -27.64
CA ASP B 123 20.47 -23.03 -27.83
C ASP B 123 20.51 -24.00 -26.70
N THR B 124 21.68 -24.40 -26.17
CA THR B 124 21.74 -25.34 -25.07
C THR B 124 21.11 -24.72 -23.84
N ALA B 125 21.29 -23.42 -23.60
CA ALA B 125 20.73 -22.77 -22.43
C ALA B 125 19.20 -22.78 -22.55
N HIS B 126 18.68 -22.39 -23.70
CA HIS B 126 17.24 -22.34 -23.89
C HIS B 126 16.63 -23.72 -23.77
N ALA B 127 17.27 -24.74 -24.39
CA ALA B 127 16.78 -26.10 -24.31
C ALA B 127 16.70 -26.60 -22.88
N HIS B 128 17.46 -25.99 -21.96
CA HIS B 128 17.44 -26.38 -20.56
C HIS B 128 16.82 -25.30 -19.69
N ASN B 129 15.97 -24.46 -20.29
CA ASN B 129 15.25 -23.37 -19.64
C ASN B 129 16.07 -22.38 -18.80
N ILE B 130 17.21 -22.05 -19.39
CA ILE B 130 18.13 -21.05 -18.86
C ILE B 130 18.18 -19.88 -19.86
N LYS B 131 17.90 -18.69 -19.34
CA LYS B 131 17.98 -17.44 -20.10
C LYS B 131 19.44 -16.98 -20.12
N VAL B 132 19.89 -16.20 -21.11
CA VAL B 132 21.30 -15.80 -21.22
C VAL B 132 21.34 -14.28 -21.15
N ILE B 133 22.12 -13.71 -20.24
CA ILE B 133 22.28 -12.28 -20.17
C ILE B 133 23.72 -12.00 -20.60
N ILE B 134 23.97 -10.94 -21.37
CA ILE B 134 25.35 -10.56 -21.72
C ILE B 134 25.71 -9.20 -21.13
N ASP B 135 26.99 -9.02 -20.76
CA ASP B 135 27.49 -7.68 -20.47
C ASP B 135 27.58 -6.89 -21.76
N PHE B 136 27.39 -5.58 -21.68
CA PHE B 136 27.56 -4.70 -22.83
C PHE B 136 28.18 -3.44 -22.23
N ALA B 137 29.31 -2.99 -22.79
CA ALA B 137 30.01 -1.85 -22.23
C ALA B 137 30.24 -0.78 -23.28
N PRO B 138 29.23 0.02 -23.65
CA PRO B 138 29.30 1.00 -24.72
C PRO B 138 29.99 2.34 -24.37
N ASN B 139 30.54 2.45 -23.17
CA ASN B 139 31.16 3.70 -22.75
C ASN B 139 32.55 3.84 -23.36
N HIS B 140 33.25 2.76 -23.73
CA HIS B 140 34.65 2.87 -24.07
C HIS B 140 35.07 1.73 -24.95
N THR B 141 36.26 1.82 -25.56
CA THR B 141 36.82 0.66 -26.24
C THR B 141 37.87 -0.01 -25.31
N SER B 142 39.15 0.41 -25.34
CA SER B 142 40.22 -0.22 -24.61
C SER B 142 41.28 0.77 -24.12
N PRO B 143 42.30 0.39 -23.34
CA PRO B 143 43.38 1.26 -22.88
C PRO B 143 44.04 1.97 -24.04
N ALA B 144 44.25 3.26 -23.99
CA ALA B 144 44.81 3.99 -25.09
C ALA B 144 45.55 5.21 -24.54
N SER B 145 46.55 5.67 -25.29
CA SER B 145 47.26 6.90 -25.01
C SER B 145 47.31 7.62 -26.35
N SER B 146 46.73 8.81 -26.49
CA SER B 146 46.84 9.51 -27.77
C SER B 146 48.29 9.99 -28.04
N ASP B 147 49.08 10.20 -26.97
CA ASP B 147 50.47 10.58 -27.07
C ASP B 147 51.36 9.48 -27.54
N ASP B 148 51.02 8.27 -27.13
CA ASP B 148 51.78 7.10 -27.50
C ASP B 148 50.92 6.13 -28.29
N PRO B 149 50.81 6.26 -29.62
CA PRO B 149 50.06 5.36 -30.45
C PRO B 149 50.48 3.93 -30.43
N SER B 150 51.68 3.60 -29.90
CA SER B 150 52.06 2.21 -29.87
C SER B 150 51.56 1.52 -28.62
N PHE B 151 51.00 2.23 -27.65
CA PHE B 151 50.53 1.58 -26.45
C PHE B 151 49.27 0.75 -26.77
N ALA B 152 49.24 -0.53 -26.38
CA ALA B 152 48.11 -1.46 -26.56
C ALA B 152 47.62 -1.37 -28.00
N GLU B 153 46.32 -1.29 -28.38
CA GLU B 153 45.92 -1.14 -29.78
C GLU B 153 45.37 0.24 -30.00
N ASN B 154 45.87 1.19 -29.22
CA ASN B 154 45.46 2.59 -29.28
C ASN B 154 43.97 2.84 -29.36
N GLY B 155 43.27 1.99 -28.60
CA GLY B 155 41.83 2.02 -28.46
C GLY B 155 41.08 1.90 -29.75
N ARG B 156 41.64 1.33 -30.83
CA ARG B 156 40.94 1.27 -32.12
C ARG B 156 39.57 0.59 -32.14
N LEU B 157 38.65 1.16 -32.93
CA LEU B 157 37.30 0.63 -33.05
C LEU B 157 37.12 0.05 -34.46
N TYR B 158 36.65 -1.18 -34.62
CA TYR B 158 36.37 -1.74 -35.93
C TYR B 158 34.87 -1.98 -36.01
N ASP B 159 34.38 -2.04 -37.22
CA ASP B 159 33.01 -2.29 -37.50
C ASP B 159 33.11 -3.54 -38.31
N ASN B 160 32.86 -4.68 -37.68
CA ASN B 160 32.91 -5.98 -38.33
C ASN B 160 34.15 -6.17 -39.22
N GLY B 161 35.30 -5.75 -38.67
CA GLY B 161 36.60 -5.86 -39.32
C GLY B 161 37.08 -4.58 -39.97
N ASN B 162 36.21 -3.63 -40.31
CA ASN B 162 36.64 -2.38 -40.92
C ASN B 162 36.98 -1.36 -39.87
N LEU B 163 38.19 -0.81 -40.00
CA LEU B 163 38.65 0.12 -38.99
C LEU B 163 37.91 1.42 -39.11
N LEU B 164 37.32 1.76 -37.97
CA LEU B 164 36.65 3.04 -37.82
C LEU B 164 37.62 4.12 -37.34
N GLY B 165 38.46 3.92 -36.33
CA GLY B 165 39.43 4.92 -35.95
C GLY B 165 40.10 4.51 -34.66
N GLY B 166 41.21 5.18 -34.34
CA GLY B 166 41.96 4.97 -33.14
C GLY B 166 41.94 6.25 -32.34
N TYR B 167 42.52 6.23 -31.13
CA TYR B 167 42.50 7.34 -30.21
C TYR B 167 43.49 8.42 -30.64
N THR B 168 44.66 8.08 -31.15
CA THR B 168 45.60 9.06 -31.68
C THR B 168 45.10 9.42 -33.08
N ASN B 169 45.08 10.72 -33.40
CA ASN B 169 44.67 11.23 -34.71
C ASN B 169 43.21 10.92 -35.03
N ASP B 170 42.45 11.17 -33.99
CA ASP B 170 41.03 11.00 -34.02
C ASP B 170 40.43 12.22 -34.68
N THR B 171 40.59 12.22 -36.00
CA THR B 171 40.14 13.26 -36.87
C THR B 171 38.62 13.20 -36.99
N GLN B 172 37.98 12.02 -36.90
CA GLN B 172 36.52 11.92 -36.92
C GLN B 172 35.84 12.30 -35.63
N ASN B 173 36.58 12.44 -34.53
CA ASN B 173 36.06 12.65 -33.20
C ASN B 173 35.12 11.60 -32.66
N LEU B 174 35.57 10.39 -32.91
CA LEU B 174 34.92 9.22 -32.41
C LEU B 174 35.08 9.13 -30.89
N PHE B 175 36.05 9.83 -30.29
CA PHE B 175 36.38 9.65 -28.88
C PHE B 175 36.38 10.99 -28.14
N HIS B 176 36.30 11.00 -26.79
CA HIS B 176 36.38 12.20 -25.99
C HIS B 176 37.84 12.48 -25.70
N HIS B 177 38.23 13.73 -25.78
CA HIS B 177 39.61 14.12 -25.53
C HIS B 177 39.65 15.30 -24.59
N TYR B 178 39.02 15.13 -23.42
CA TYR B 178 38.97 16.18 -22.39
C TYR B 178 39.87 15.83 -21.25
N GLY B 179 40.64 14.75 -21.31
CA GLY B 179 41.44 14.38 -20.17
C GLY B 179 40.71 13.41 -19.24
N GLY B 180 41.36 13.00 -18.16
CA GLY B 180 40.81 12.04 -17.22
C GLY B 180 39.99 12.70 -16.12
N THR B 181 39.05 11.90 -15.62
CA THR B 181 38.13 12.32 -14.59
C THR B 181 38.73 12.30 -13.19
N ASP B 182 38.31 13.29 -12.42
CA ASP B 182 38.63 13.29 -11.01
C ASP B 182 37.39 12.80 -10.26
N LEU B 183 36.27 12.51 -10.96
CA LEU B 183 35.00 12.07 -10.41
C LEU B 183 34.41 13.10 -9.46
N SER B 184 34.68 14.38 -9.64
CA SER B 184 34.16 15.38 -8.72
C SER B 184 32.68 15.63 -8.93
N THR B 185 32.21 15.48 -10.17
CA THR B 185 30.80 15.65 -10.47
C THR B 185 30.43 14.52 -11.42
N ILE B 186 29.12 14.38 -11.60
CA ILE B 186 28.62 13.40 -12.52
C ILE B 186 28.99 13.83 -13.93
N GLU B 187 28.87 15.12 -14.26
CA GLU B 187 29.28 15.63 -15.56
C GLU B 187 30.72 15.29 -15.88
N ASN B 188 31.58 15.48 -14.88
CA ASN B 188 32.99 15.19 -15.05
C ASN B 188 33.27 13.71 -15.34
N GLY B 189 32.61 12.78 -14.64
CA GLY B 189 32.75 11.34 -14.86
C GLY B 189 32.13 10.86 -16.15
N ILE B 190 31.27 11.66 -16.79
CA ILE B 190 30.68 11.31 -18.08
C ILE B 190 31.58 11.66 -19.29
N TYR B 191 32.06 12.90 -19.34
CA TYR B 191 32.82 13.35 -20.51
C TYR B 191 34.34 13.22 -20.42
N LYS B 192 34.89 12.97 -19.23
CA LYS B 192 36.30 12.69 -19.08
C LYS B 192 36.51 11.18 -18.98
N ASN B 193 37.73 10.74 -19.31
CA ASN B 193 38.05 9.33 -19.39
C ASN B 193 38.21 8.79 -18.00
N LEU B 194 37.93 7.51 -17.86
CA LEU B 194 38.13 6.83 -16.61
C LEU B 194 39.35 5.92 -16.85
N TYR B 195 40.30 5.89 -15.90
CA TYR B 195 41.55 5.12 -15.96
C TYR B 195 42.22 5.56 -17.26
N ASP B 196 42.62 4.68 -18.19
CA ASP B 196 43.17 5.13 -19.45
C ASP B 196 42.34 4.56 -20.61
N LEU B 197 41.05 4.32 -20.39
CA LEU B 197 40.22 3.77 -21.45
C LEU B 197 39.86 4.87 -22.43
N ALA B 198 39.88 4.57 -23.73
CA ALA B 198 39.42 5.49 -24.77
C ALA B 198 37.90 5.59 -24.66
N ASP B 199 37.40 6.70 -24.18
CA ASP B 199 35.99 6.87 -24.01
C ASP B 199 35.36 7.33 -25.31
N LEU B 200 34.34 6.57 -25.67
CA LEU B 200 33.58 6.77 -26.89
C LEU B 200 32.76 8.05 -26.82
N ASN B 201 32.67 8.75 -27.94
CA ASN B 201 31.88 9.97 -28.03
C ASN B 201 30.47 9.66 -28.59
N HIS B 202 29.46 9.52 -27.73
CA HIS B 202 28.11 9.18 -28.20
C HIS B 202 27.38 10.29 -28.97
N ASN B 203 27.94 11.51 -29.00
CA ASN B 203 27.36 12.60 -29.78
C ASN B 203 27.77 12.48 -31.25
N ASN B 204 28.68 11.59 -31.59
CA ASN B 204 29.11 11.41 -32.97
C ASN B 204 28.10 10.46 -33.62
N SER B 205 27.34 10.80 -34.68
CA SER B 205 26.38 9.91 -35.33
C SER B 205 26.92 8.55 -35.73
N SER B 206 28.15 8.43 -36.24
CA SER B 206 28.71 7.13 -36.54
C SER B 206 28.75 6.23 -35.31
N VAL B 207 29.17 6.75 -34.15
CA VAL B 207 29.32 5.94 -32.95
C VAL B 207 27.93 5.56 -32.45
N ASP B 208 27.02 6.55 -32.41
CA ASP B 208 25.64 6.33 -31.98
C ASP B 208 24.98 5.20 -32.78
N VAL B 209 24.98 5.29 -34.11
CA VAL B 209 24.36 4.30 -34.97
C VAL B 209 25.05 2.96 -34.88
N TYR B 210 26.38 2.95 -34.83
CA TYR B 210 27.15 1.73 -34.70
C TYR B 210 26.77 0.92 -33.47
N LEU B 211 26.73 1.57 -32.32
CA LEU B 211 26.46 0.92 -31.05
C LEU B 211 25.04 0.41 -30.96
N LYS B 212 24.08 1.09 -31.59
CA LYS B 212 22.67 0.66 -31.62
C LYS B 212 22.51 -0.47 -32.61
N ASP B 213 23.19 -0.45 -33.76
CA ASP B 213 23.17 -1.56 -34.70
C ASP B 213 23.83 -2.73 -34.03
N ALA B 214 24.91 -2.55 -33.22
CA ALA B 214 25.61 -3.67 -32.59
C ALA B 214 24.69 -4.33 -31.59
N ILE B 215 23.97 -3.55 -30.75
CA ILE B 215 23.13 -4.20 -29.77
C ILE B 215 22.01 -4.97 -30.47
N LYS B 216 21.45 -4.47 -31.57
CA LYS B 216 20.39 -5.20 -32.23
C LYS B 216 20.90 -6.53 -32.76
N MET B 217 22.10 -6.64 -33.28
CA MET B 217 22.68 -7.89 -33.73
C MET B 217 22.74 -8.92 -32.60
N TRP B 218 23.15 -8.56 -31.38
CA TRP B 218 23.14 -9.52 -30.29
C TRP B 218 21.69 -9.87 -29.93
N LEU B 219 20.70 -8.96 -30.03
CA LEU B 219 19.30 -9.28 -29.74
C LEU B 219 18.84 -10.28 -30.78
N ASP B 220 19.25 -10.11 -32.03
CA ASP B 220 18.93 -11.07 -33.07
C ASP B 220 19.55 -12.42 -32.85
N LEU B 221 20.68 -12.54 -32.15
CA LEU B 221 21.22 -13.85 -31.83
C LEU B 221 20.50 -14.53 -30.66
N GLY B 222 19.44 -13.92 -30.10
CA GLY B 222 18.65 -14.55 -29.08
C GLY B 222 19.04 -14.29 -27.65
N VAL B 223 19.81 -13.23 -27.34
CA VAL B 223 20.19 -13.03 -25.94
C VAL B 223 18.89 -12.58 -25.22
N ASP B 224 18.76 -12.90 -23.93
CA ASP B 224 17.55 -12.62 -23.19
C ASP B 224 17.64 -11.44 -22.27
N GLY B 225 18.84 -10.90 -22.02
CA GLY B 225 19.02 -9.78 -21.09
C GLY B 225 20.35 -9.08 -21.36
N ILE B 226 20.51 -7.84 -20.87
CA ILE B 226 21.70 -7.02 -21.09
C ILE B 226 22.09 -6.37 -19.77
N ARG B 227 23.32 -6.57 -19.31
CA ARG B 227 23.80 -5.85 -18.15
C ARG B 227 24.68 -4.77 -18.77
N VAL B 228 24.37 -3.48 -18.66
CA VAL B 228 25.29 -2.50 -19.19
C VAL B 228 26.11 -1.85 -18.06
N ASP B 229 27.37 -1.82 -18.44
CA ASP B 229 28.47 -1.28 -17.65
C ASP B 229 28.56 0.25 -17.59
N ALA B 230 29.00 0.82 -16.46
CA ALA B 230 29.29 2.25 -16.30
C ALA B 230 28.24 3.27 -16.72
N VAL B 231 27.04 2.96 -16.25
CA VAL B 231 25.81 3.70 -16.50
C VAL B 231 25.90 5.13 -15.94
N LYS B 232 26.68 5.33 -14.88
CA LYS B 232 26.89 6.63 -14.28
C LYS B 232 27.83 7.48 -15.13
N HIS B 233 28.46 6.91 -16.16
CA HIS B 233 29.51 7.56 -16.93
C HIS B 233 29.12 7.80 -18.38
N MET B 234 27.83 7.74 -18.68
CA MET B 234 27.38 8.00 -20.03
C MET B 234 26.20 8.95 -19.86
N PRO B 235 25.91 9.82 -20.82
CA PRO B 235 24.82 10.79 -20.69
C PRO B 235 23.47 10.09 -20.50
N PHE B 236 22.66 10.44 -19.48
CA PHE B 236 21.32 9.85 -19.32
C PHE B 236 20.52 9.99 -20.62
N GLY B 237 20.51 11.13 -21.33
CA GLY B 237 19.76 11.29 -22.57
C GLY B 237 20.19 10.32 -23.65
N TRP B 238 21.48 10.02 -23.78
CA TRP B 238 21.88 9.04 -24.78
C TRP B 238 21.46 7.66 -24.30
N GLN B 239 21.59 7.30 -23.01
CA GLN B 239 21.15 5.99 -22.54
C GLN B 239 19.64 5.80 -22.66
N LYS B 240 18.83 6.81 -22.42
CA LYS B 240 17.40 6.71 -22.68
C LYS B 240 17.13 6.42 -24.17
N SER B 241 17.83 7.04 -25.14
CA SER B 241 17.59 6.75 -26.55
C SER B 241 18.07 5.35 -26.94
N PHE B 242 19.13 4.86 -26.29
CA PHE B 242 19.64 3.50 -26.47
C PHE B 242 18.60 2.50 -25.96
N MET B 243 18.03 2.77 -24.78
CA MET B 243 16.99 1.91 -24.21
C MET B 243 15.75 1.92 -25.09
N ALA B 244 15.35 3.07 -25.62
CA ALA B 244 14.22 3.09 -26.55
C ALA B 244 14.56 2.29 -27.80
N THR B 245 15.77 2.30 -28.36
CA THR B 245 16.13 1.46 -29.49
C THR B 245 15.93 0.00 -29.15
N ILE B 246 16.34 -0.47 -27.97
CA ILE B 246 16.14 -1.86 -27.62
C ILE B 246 14.64 -2.15 -27.50
N ASN B 247 13.94 -1.35 -26.71
CA ASN B 247 12.54 -1.59 -26.40
C ASN B 247 11.58 -1.48 -27.57
N ASN B 248 11.92 -0.65 -28.55
CA ASN B 248 11.07 -0.52 -29.71
C ASN B 248 11.40 -1.54 -30.76
N TYR B 249 12.41 -2.38 -30.51
CA TYR B 249 12.85 -3.40 -31.46
C TYR B 249 12.56 -4.78 -30.88
N LYS B 250 13.30 -5.27 -29.89
CA LYS B 250 13.06 -6.57 -29.30
C LYS B 250 13.31 -6.34 -27.83
N PRO B 251 12.30 -5.97 -27.00
CA PRO B 251 12.47 -5.64 -25.59
C PRO B 251 12.97 -6.84 -24.82
N VAL B 252 14.00 -6.59 -24.01
CA VAL B 252 14.72 -7.61 -23.29
C VAL B 252 15.04 -6.91 -21.98
N PHE B 253 15.05 -7.65 -20.89
CA PHE B 253 15.41 -7.09 -19.58
C PHE B 253 16.81 -6.49 -19.55
N THR B 254 16.99 -5.20 -19.27
CA THR B 254 18.35 -4.70 -19.14
C THR B 254 18.47 -3.86 -17.88
N PHE B 255 19.66 -3.98 -17.28
CA PHE B 255 19.93 -3.33 -16.02
C PHE B 255 21.36 -2.83 -16.04
N GLY B 256 21.67 -1.79 -15.28
CA GLY B 256 23.00 -1.25 -15.25
C GLY B 256 23.64 -1.31 -13.90
N GLU B 257 24.94 -1.04 -13.90
CA GLU B 257 25.77 -0.93 -12.71
C GLU B 257 26.10 0.54 -12.41
N TRP B 258 25.63 1.05 -11.29
CA TRP B 258 25.93 2.37 -10.75
C TRP B 258 26.36 1.97 -9.34
N LEU B 259 27.64 2.11 -9.03
CA LEU B 259 28.16 1.67 -7.75
C LEU B 259 27.71 2.59 -6.61
N LEU B 260 27.47 2.01 -5.45
CA LEU B 260 27.05 2.75 -4.28
C LEU B 260 27.89 2.22 -3.15
N GLY B 261 28.32 3.15 -2.29
CA GLY B 261 29.15 2.89 -1.13
C GLY B 261 28.27 2.41 0.01
N VAL B 262 28.88 2.07 1.14
CA VAL B 262 28.18 1.45 2.26
C VAL B 262 26.93 2.15 2.78
N ASN B 263 26.94 3.39 3.23
CA ASN B 263 25.66 3.94 3.70
C ASN B 263 25.25 5.06 2.77
N GLU B 264 25.43 4.80 1.48
CA GLU B 264 25.21 5.83 0.50
C GLU B 264 23.83 5.62 -0.09
N ILE B 265 23.07 6.69 -0.09
CA ILE B 265 21.80 6.69 -0.80
C ILE B 265 21.97 7.97 -1.65
N SER B 266 21.70 7.81 -2.93
CA SER B 266 21.92 8.81 -3.94
C SER B 266 20.59 8.99 -4.65
N PRO B 267 20.11 10.21 -4.80
CA PRO B 267 18.86 10.54 -5.46
C PRO B 267 18.99 10.28 -6.95
N GLU B 268 20.17 10.54 -7.53
CA GLU B 268 20.38 10.35 -8.94
C GLU B 268 20.35 8.89 -9.31
N TYR B 269 20.89 8.03 -8.46
CA TYR B 269 20.80 6.57 -8.61
C TYR B 269 19.34 6.14 -8.73
N HIS B 270 18.48 6.58 -7.79
CA HIS B 270 17.07 6.21 -7.81
C HIS B 270 16.39 6.80 -9.01
N GLN B 271 16.70 8.04 -9.37
CA GLN B 271 16.14 8.65 -10.55
C GLN B 271 16.47 7.87 -11.81
N PHE B 272 17.69 7.37 -11.94
CA PHE B 272 18.09 6.58 -13.08
C PHE B 272 17.31 5.28 -13.15
N ALA B 273 17.14 4.49 -12.08
CA ALA B 273 16.35 3.25 -12.15
C ALA B 273 14.89 3.55 -12.53
N ASN B 274 14.39 4.68 -12.02
CA ASN B 274 13.00 5.01 -12.24
C ASN B 274 12.70 5.62 -13.57
N GLU B 275 13.66 6.27 -14.23
CA GLU B 275 13.39 6.97 -15.46
C GLU B 275 14.18 6.61 -16.70
N SER B 276 15.23 5.80 -16.60
CA SER B 276 16.05 5.56 -17.77
C SER B 276 15.48 4.58 -18.77
N GLY B 277 14.73 3.60 -18.27
CA GLY B 277 14.25 2.53 -19.10
C GLY B 277 14.93 1.24 -18.66
N MET B 278 15.95 1.25 -17.80
CA MET B 278 16.58 0.03 -17.37
C MET B 278 16.54 0.04 -15.87
N SER B 279 16.70 -1.12 -15.26
CA SER B 279 16.73 -1.13 -13.83
C SER B 279 18.20 -1.12 -13.40
N LEU B 280 18.56 -1.41 -12.15
CA LEU B 280 19.94 -1.34 -11.66
C LEU B 280 20.26 -2.52 -10.78
N LEU B 281 21.56 -2.85 -10.69
CA LEU B 281 22.06 -3.79 -9.69
C LEU B 281 21.77 -3.07 -8.39
N ASP B 282 21.25 -3.79 -7.42
CA ASP B 282 20.76 -3.18 -6.21
C ASP B 282 21.85 -3.17 -5.19
N PHE B 283 22.73 -2.18 -5.36
CA PHE B 283 23.85 -1.99 -4.45
C PHE B 283 23.38 -1.59 -3.05
N ARG B 284 22.29 -0.81 -2.95
CA ARG B 284 21.71 -0.42 -1.68
C ARG B 284 21.35 -1.67 -0.85
N PHE B 285 20.81 -2.69 -1.49
CA PHE B 285 20.48 -3.95 -0.87
C PHE B 285 21.76 -4.66 -0.48
N ALA B 286 22.69 -4.79 -1.43
CA ALA B 286 23.89 -5.59 -1.22
C ALA B 286 24.74 -5.08 -0.06
N GLN B 287 24.91 -3.76 -0.01
CA GLN B 287 25.70 -3.13 1.02
C GLN B 287 25.12 -3.35 2.38
N LYS B 288 23.81 -3.12 2.55
CA LYS B 288 23.17 -3.37 3.84
C LYS B 288 23.15 -4.85 4.16
N ALA B 289 22.91 -5.76 3.21
CA ALA B 289 22.98 -7.19 3.52
C ALA B 289 24.40 -7.54 4.01
N ARG B 290 25.50 -7.03 3.44
CA ARG B 290 26.85 -7.33 3.92
C ARG B 290 27.09 -6.73 5.28
N GLN B 291 26.60 -5.53 5.57
CA GLN B 291 26.73 -4.94 6.91
C GLN B 291 26.09 -5.79 7.99
N VAL B 292 24.91 -6.33 7.72
CA VAL B 292 24.18 -7.12 8.70
C VAL B 292 24.69 -8.57 8.78
N PHE B 293 24.89 -9.26 7.65
CA PHE B 293 25.24 -10.66 7.65
C PHE B 293 26.72 -11.00 7.57
N ARG B 294 27.59 -10.06 7.18
CA ARG B 294 29.01 -10.34 7.03
C ARG B 294 29.86 -9.60 8.04
N ASP B 295 29.71 -8.28 8.01
CA ASP B 295 30.58 -7.41 8.76
C ASP B 295 30.12 -7.00 10.13
N ASN B 296 28.83 -7.16 10.44
CA ASN B 296 28.26 -6.76 11.72
C ASN B 296 28.51 -5.28 12.01
N THR B 297 28.26 -4.44 11.02
CA THR B 297 28.38 -3.00 11.23
C THR B 297 26.98 -2.39 11.25
N ASP B 298 25.91 -3.21 11.34
CA ASP B 298 24.53 -2.76 11.48
C ASP B 298 23.76 -3.97 11.96
N ASN B 299 22.50 -3.79 12.42
CA ASN B 299 21.69 -4.91 12.85
C ASN B 299 20.39 -5.05 12.08
N MET B 300 19.44 -5.90 12.50
CA MET B 300 18.22 -6.13 11.74
C MET B 300 17.34 -4.91 11.56
N TYR B 301 17.39 -3.90 12.44
CA TYR B 301 16.64 -2.67 12.23
C TYR B 301 17.11 -1.94 11.00
N GLY B 302 18.40 -2.02 10.70
CA GLY B 302 18.95 -1.41 9.51
C GLY B 302 18.52 -2.20 8.28
N LEU B 303 18.44 -3.52 8.41
CA LEU B 303 17.98 -4.34 7.28
C LEU B 303 16.52 -3.99 7.00
N LYS B 304 15.67 -3.98 8.05
CA LYS B 304 14.27 -3.55 7.99
C LYS B 304 14.14 -2.18 7.34
N ALA B 305 14.94 -1.19 7.73
CA ALA B 305 14.83 0.12 7.12
C ALA B 305 15.21 0.14 5.64
N MET B 306 16.20 -0.63 5.23
CA MET B 306 16.55 -0.75 3.81
C MET B 306 15.39 -1.35 3.06
N LEU B 307 14.82 -2.42 3.58
CA LEU B 307 13.75 -3.15 2.91
C LEU B 307 12.51 -2.26 2.67
N GLU B 308 12.11 -1.54 3.71
CA GLU B 308 10.93 -0.70 3.65
C GLU B 308 11.23 0.54 2.82
N GLY B 309 12.37 1.20 3.04
CA GLY B 309 12.74 2.37 2.25
C GLY B 309 12.91 2.07 0.77
N SER B 310 13.48 0.92 0.38
CA SER B 310 13.68 0.69 -1.03
C SER B 310 12.39 0.35 -1.74
N GLU B 311 11.39 -0.20 -1.04
CA GLU B 311 10.13 -0.48 -1.71
C GLU B 311 9.43 0.80 -2.17
N VAL B 312 9.58 1.95 -1.53
CA VAL B 312 9.00 3.20 -2.04
C VAL B 312 9.94 4.00 -2.96
N ASP B 313 11.26 3.94 -2.76
CA ASP B 313 12.18 4.71 -3.58
C ASP B 313 12.39 4.15 -4.96
N TYR B 314 12.31 2.82 -5.16
CA TYR B 314 12.38 2.26 -6.48
C TYR B 314 10.94 2.20 -6.95
N ALA B 315 10.59 2.77 -8.09
CA ALA B 315 9.23 2.71 -8.57
C ALA B 315 8.92 1.26 -9.00
N GLN B 316 9.88 0.47 -9.49
CA GLN B 316 9.63 -0.92 -9.85
C GLN B 316 10.64 -1.78 -9.12
N VAL B 317 10.45 -2.03 -7.82
CA VAL B 317 11.41 -2.78 -7.03
C VAL B 317 11.54 -4.21 -7.52
N ASN B 318 10.55 -4.80 -8.19
CA ASN B 318 10.69 -6.19 -8.64
C ASN B 318 11.65 -6.37 -9.80
N ASP B 319 12.17 -5.26 -10.36
CA ASP B 319 13.13 -5.33 -11.44
C ASP B 319 14.59 -5.11 -11.02
N GLN B 320 14.86 -4.83 -9.75
CA GLN B 320 16.22 -4.57 -9.31
C GLN B 320 16.94 -5.86 -9.07
N VAL B 321 18.20 -5.88 -9.45
CA VAL B 321 18.95 -7.12 -9.36
C VAL B 321 19.77 -7.19 -8.08
N THR B 322 19.44 -8.10 -7.19
CA THR B 322 20.03 -8.15 -5.86
C THR B 322 21.18 -9.13 -5.86
N PHE B 323 22.04 -9.02 -4.87
CA PHE B 323 23.23 -9.84 -4.78
C PHE B 323 23.90 -9.54 -3.45
N ILE B 324 24.85 -10.37 -3.02
CA ILE B 324 25.62 -10.11 -1.82
C ILE B 324 27.10 -9.86 -2.12
N ASP B 325 27.56 -10.10 -3.33
CA ASP B 325 28.92 -9.78 -3.75
C ASP B 325 28.92 -9.94 -5.27
N ASN B 326 29.99 -9.47 -5.92
CA ASN B 326 30.13 -9.63 -7.35
C ASN B 326 31.55 -9.26 -7.73
N HIS B 327 31.85 -9.14 -9.01
CA HIS B 327 33.16 -8.75 -9.54
C HIS B 327 33.79 -7.45 -9.02
N ASP B 328 32.99 -6.55 -8.45
CA ASP B 328 33.44 -5.28 -7.96
C ASP B 328 33.41 -5.22 -6.43
N MET B 329 33.43 -6.34 -5.70
CA MET B 329 33.49 -6.34 -4.23
C MET B 329 34.33 -7.51 -3.76
N GLU B 330 34.82 -7.41 -2.55
CA GLU B 330 35.48 -8.53 -1.91
C GLU B 330 34.47 -9.67 -1.82
N ARG B 331 34.88 -10.91 -2.01
CA ARG B 331 33.95 -12.01 -1.89
C ARG B 331 33.38 -12.02 -0.46
N PHE B 332 32.13 -12.45 -0.37
CA PHE B 332 31.41 -12.42 0.87
C PHE B 332 32.08 -13.34 1.87
N HIS B 333 32.40 -14.57 1.51
CA HIS B 333 33.03 -15.47 2.46
C HIS B 333 34.48 -15.07 2.66
N THR B 334 34.96 -14.98 3.91
CA THR B 334 36.37 -14.72 4.16
C THR B 334 37.01 -16.05 4.51
N SER B 335 38.33 -16.22 4.34
CA SER B 335 38.99 -17.47 4.71
C SER B 335 38.97 -17.62 6.22
N ASN B 336 38.55 -18.83 6.60
CA ASN B 336 38.30 -19.16 7.99
C ASN B 336 37.29 -18.26 8.70
N GLY B 337 36.33 -17.84 7.87
CA GLY B 337 35.14 -17.13 8.29
C GLY B 337 34.04 -18.17 8.43
N ASP B 338 32.96 -17.81 9.10
CA ASP B 338 31.87 -18.73 9.35
C ASP B 338 31.04 -18.92 8.09
N ARG B 339 31.06 -20.14 7.53
CA ARG B 339 30.28 -20.45 6.34
C ARG B 339 28.81 -20.24 6.47
N ARG B 340 28.24 -20.33 7.67
CA ARG B 340 26.82 -20.11 7.87
C ARG B 340 26.42 -18.67 7.56
N LYS B 341 27.33 -17.70 7.60
CA LYS B 341 27.01 -16.32 7.23
C LYS B 341 26.62 -16.23 5.76
N LEU B 342 27.42 -16.93 4.95
CA LEU B 342 27.23 -16.94 3.51
C LEU B 342 25.92 -17.67 3.20
N GLU B 343 25.68 -18.81 3.85
CA GLU B 343 24.47 -19.61 3.66
C GLU B 343 23.24 -18.80 4.07
N GLN B 344 23.16 -18.10 5.22
CA GLN B 344 22.01 -17.26 5.51
C GLN B 344 21.79 -16.12 4.53
N ALA B 345 22.85 -15.43 4.09
CA ALA B 345 22.70 -14.30 3.19
C ALA B 345 22.25 -14.75 1.82
N LEU B 346 22.67 -15.94 1.37
CA LEU B 346 22.17 -16.56 0.15
C LEU B 346 20.67 -16.82 0.31
N ALA B 347 20.24 -17.41 1.43
CA ALA B 347 18.82 -17.65 1.70
C ALA B 347 18.02 -16.35 1.73
N PHE B 348 18.57 -15.30 2.35
CA PHE B 348 17.93 -14.02 2.41
C PHE B 348 17.74 -13.46 1.01
N THR B 349 18.79 -13.46 0.14
CA THR B 349 18.68 -12.88 -1.19
C THR B 349 17.68 -13.64 -2.08
N LEU B 350 17.76 -14.98 -2.01
CA LEU B 350 16.92 -15.88 -2.79
C LEU B 350 15.45 -15.73 -2.45
N THR B 351 15.11 -15.36 -1.22
CA THR B 351 13.72 -15.20 -0.86
C THR B 351 13.29 -13.73 -0.82
N SER B 352 14.11 -12.76 -1.23
CA SER B 352 13.70 -11.37 -1.18
C SER B 352 13.25 -10.86 -2.53
N ARG B 353 12.67 -9.66 -2.54
CA ARG B 353 12.15 -9.04 -3.75
C ARG B 353 13.24 -8.72 -4.78
N GLY B 354 12.85 -8.61 -6.05
CA GLY B 354 13.77 -8.22 -7.11
C GLY B 354 14.24 -9.45 -7.88
N VAL B 355 15.42 -9.42 -8.48
CA VAL B 355 15.88 -10.52 -9.32
C VAL B 355 17.19 -10.96 -8.69
N PRO B 356 17.34 -12.10 -8.01
CA PRO B 356 18.62 -12.45 -7.37
C PRO B 356 19.70 -12.94 -8.33
N ALA B 357 20.93 -12.47 -8.11
CA ALA B 357 22.12 -12.93 -8.82
C ALA B 357 23.12 -13.52 -7.83
N ILE B 358 23.65 -14.68 -8.16
CA ILE B 358 24.64 -15.39 -7.35
C ILE B 358 25.97 -15.30 -8.11
N TYR B 359 27.06 -14.82 -7.51
CA TYR B 359 28.36 -14.73 -8.20
C TYR B 359 28.96 -16.13 -8.22
N TYR B 360 29.42 -16.58 -9.39
CA TYR B 360 29.91 -17.93 -9.56
C TYR B 360 30.89 -18.35 -8.47
N GLY B 361 30.78 -19.58 -7.98
CA GLY B 361 31.71 -20.00 -6.98
C GLY B 361 31.22 -19.65 -5.59
N SER B 362 30.15 -18.89 -5.35
CA SER B 362 29.63 -18.68 -3.98
C SER B 362 29.28 -20.02 -3.31
N GLU B 363 28.71 -20.97 -4.07
CA GLU B 363 28.35 -22.29 -3.62
C GLU B 363 29.58 -23.17 -3.33
N GLN B 364 30.80 -22.72 -3.65
CA GLN B 364 32.03 -23.46 -3.35
C GLN B 364 32.86 -22.74 -2.28
N TYR B 365 32.26 -21.69 -1.69
CA TYR B 365 32.79 -20.83 -0.63
C TYR B 365 34.11 -20.18 -0.99
N MET B 366 34.11 -19.56 -2.17
CA MET B 366 35.28 -18.86 -2.66
C MET B 366 35.52 -17.59 -1.84
N SER B 367 36.77 -17.35 -1.46
CA SER B 367 37.22 -16.19 -0.75
C SER B 367 38.12 -15.34 -1.64
N GLY B 368 38.34 -14.08 -1.34
CA GLY B 368 39.26 -13.29 -2.13
C GLY B 368 38.92 -11.86 -1.96
N GLY B 369 39.94 -11.03 -2.07
CA GLY B 369 39.77 -9.59 -1.97
C GLY B 369 39.26 -8.98 -3.24
N ASN B 370 39.62 -7.74 -3.43
CA ASN B 370 39.17 -6.97 -4.57
C ASN B 370 39.90 -7.37 -5.84
N ASP B 371 39.38 -6.93 -7.01
CA ASP B 371 39.91 -7.14 -8.35
C ASP B 371 41.43 -7.27 -8.38
N PRO B 372 42.06 -8.34 -8.85
CA PRO B 372 41.45 -9.49 -9.51
C PRO B 372 41.25 -10.68 -8.60
N ASP B 373 41.46 -10.54 -7.29
CA ASP B 373 41.42 -11.66 -6.37
C ASP B 373 40.06 -12.27 -6.16
N ASN B 374 39.02 -11.50 -6.47
CA ASN B 374 37.67 -11.98 -6.41
C ASN B 374 37.34 -12.71 -7.69
N ARG B 375 38.24 -12.89 -8.67
CA ARG B 375 37.91 -13.55 -9.92
C ARG B 375 38.77 -14.79 -10.18
N ALA B 376 39.04 -15.58 -9.13
CA ALA B 376 39.85 -16.78 -9.30
C ALA B 376 39.07 -17.84 -10.05
N ARG B 377 39.71 -18.87 -10.58
CA ARG B 377 38.99 -19.92 -11.29
C ARG B 377 38.16 -20.63 -10.21
N LEU B 378 36.94 -21.09 -10.48
CA LEU B 378 36.27 -21.68 -9.38
C LEU B 378 36.86 -23.07 -9.12
N PRO B 379 37.09 -23.42 -7.86
CA PRO B 379 37.92 -24.53 -7.46
C PRO B 379 37.34 -25.93 -7.56
N SER B 380 36.04 -26.08 -7.74
CA SER B 380 35.40 -27.36 -7.57
C SER B 380 34.03 -27.26 -8.19
N PHE B 381 33.57 -28.42 -8.65
CA PHE B 381 32.23 -28.54 -9.16
C PHE B 381 31.44 -29.53 -8.31
N SER B 382 31.75 -29.55 -7.02
CA SER B 382 31.04 -30.37 -6.07
C SER B 382 29.59 -29.90 -5.98
N THR B 383 28.69 -30.87 -5.99
CA THR B 383 27.26 -30.65 -5.93
C THR B 383 26.73 -30.90 -4.50
N THR B 384 27.58 -31.26 -3.55
CA THR B 384 27.13 -31.55 -2.20
C THR B 384 27.47 -30.50 -1.15
N THR B 385 27.85 -29.26 -1.52
CA THR B 385 28.12 -28.27 -0.49
C THR B 385 26.77 -27.81 0.07
N THR B 386 26.71 -27.35 1.32
CA THR B 386 25.48 -26.87 1.88
C THR B 386 25.01 -25.66 1.08
N ALA B 387 25.91 -24.80 0.61
CA ALA B 387 25.51 -23.66 -0.18
C ALA B 387 24.84 -24.10 -1.49
N TYR B 388 25.33 -25.14 -2.16
CA TYR B 388 24.68 -25.61 -3.38
C TYR B 388 23.27 -26.06 -3.03
N GLN B 389 23.12 -26.79 -1.93
CA GLN B 389 21.82 -27.29 -1.53
C GLN B 389 20.87 -26.19 -1.12
N VAL B 390 21.27 -25.12 -0.40
CA VAL B 390 20.27 -24.09 -0.11
C VAL B 390 19.87 -23.39 -1.40
N ILE B 391 20.73 -23.15 -2.40
CA ILE B 391 20.28 -22.57 -3.67
C ILE B 391 19.31 -23.56 -4.36
N GLN B 392 19.65 -24.84 -4.43
CA GLN B 392 18.79 -25.84 -5.02
C GLN B 392 17.41 -25.92 -4.39
N LYS B 393 17.29 -25.67 -3.09
CA LYS B 393 16.00 -25.71 -2.42
C LYS B 393 15.19 -24.46 -2.58
N LEU B 394 15.85 -23.31 -2.71
CA LEU B 394 15.11 -22.06 -2.72
C LEU B 394 14.92 -21.41 -4.06
N ALA B 395 15.85 -21.57 -5.02
CA ALA B 395 15.67 -20.99 -6.32
C ALA B 395 14.37 -21.43 -7.00
N PRO B 396 13.91 -22.70 -7.00
CA PRO B 396 12.62 -23.12 -7.54
C PRO B 396 11.40 -22.37 -7.04
N LEU B 397 11.43 -21.88 -5.80
CA LEU B 397 10.30 -21.19 -5.21
C LEU B 397 10.02 -19.92 -5.94
N ARG B 398 10.98 -19.32 -6.65
CA ARG B 398 10.68 -18.10 -7.38
C ARG B 398 9.80 -18.45 -8.60
N LYS B 399 9.87 -19.69 -9.08
CA LYS B 399 9.04 -20.13 -10.18
C LYS B 399 7.69 -20.61 -9.64
N SER B 400 7.64 -21.29 -8.49
CA SER B 400 6.41 -21.89 -7.98
C SER B 400 5.58 -21.02 -7.06
N ASN B 401 6.19 -20.11 -6.31
CA ASN B 401 5.45 -19.27 -5.38
C ASN B 401 5.45 -17.80 -5.81
N PRO B 402 4.41 -17.21 -6.38
CA PRO B 402 4.40 -15.82 -6.79
C PRO B 402 4.59 -14.83 -5.63
N ALA B 403 4.45 -15.21 -4.34
CA ALA B 403 4.74 -14.28 -3.24
C ALA B 403 6.25 -13.95 -3.22
N ILE B 404 7.11 -14.94 -3.46
CA ILE B 404 8.57 -14.73 -3.53
C ILE B 404 8.92 -14.00 -4.82
N ALA B 405 8.33 -14.38 -5.96
CA ALA B 405 8.61 -13.68 -7.20
C ALA B 405 8.09 -12.26 -7.26
N TYR B 406 6.90 -11.95 -6.70
CA TYR B 406 6.34 -10.63 -6.89
C TYR B 406 5.85 -9.96 -5.63
N GLY B 407 5.88 -10.63 -4.49
CA GLY B 407 5.16 -10.10 -3.36
C GLY B 407 5.73 -8.90 -2.61
N SER B 408 4.87 -8.26 -1.83
CA SER B 408 5.23 -7.16 -0.95
C SER B 408 6.15 -7.72 0.17
N THR B 409 6.89 -6.94 0.95
CA THR B 409 7.73 -7.49 2.00
C THR B 409 7.20 -6.85 3.26
N HIS B 410 7.01 -7.63 4.32
CA HIS B 410 6.42 -7.13 5.53
C HIS B 410 7.10 -7.74 6.73
N GLU B 411 7.71 -6.92 7.59
CA GLU B 411 8.36 -7.41 8.79
C GLU B 411 7.27 -7.80 9.78
N ARG B 412 7.36 -8.97 10.39
CA ARG B 412 6.39 -9.48 11.36
C ARG B 412 7.01 -9.65 12.74
N TRP B 413 8.32 -9.87 12.88
CA TRP B 413 8.92 -9.99 14.20
C TRP B 413 10.34 -9.50 14.02
N ILE B 414 10.86 -8.77 15.01
CA ILE B 414 12.22 -8.29 14.89
C ILE B 414 12.85 -7.97 16.24
N ASN B 415 14.15 -8.20 16.30
CA ASN B 415 14.96 -7.69 17.38
C ASN B 415 16.35 -7.47 16.75
N ASN B 416 17.41 -7.21 17.50
CA ASN B 416 18.74 -6.95 16.94
C ASN B 416 19.35 -8.00 16.04
N ASP B 417 19.12 -9.28 16.35
CA ASP B 417 19.66 -10.36 15.57
C ASP B 417 18.69 -11.21 14.77
N VAL B 418 17.39 -11.01 14.86
CA VAL B 418 16.42 -11.92 14.26
C VAL B 418 15.52 -11.05 13.40
N ILE B 419 15.17 -11.49 12.22
CA ILE B 419 14.14 -10.80 11.48
C ILE B 419 13.23 -11.91 10.96
N ILE B 420 11.91 -11.71 10.95
CA ILE B 420 11.01 -12.64 10.32
C ILE B 420 10.17 -11.78 9.39
N TYR B 421 10.28 -12.02 8.08
CA TYR B 421 9.52 -11.22 7.13
C TYR B 421 8.57 -12.10 6.34
N GLU B 422 7.55 -11.46 5.82
CA GLU B 422 6.52 -12.13 5.06
C GLU B 422 6.48 -11.53 3.66
N ARG B 423 6.37 -12.39 2.67
CA ARG B 423 6.21 -12.01 1.27
C ARG B 423 4.77 -12.41 0.95
N LYS B 424 4.01 -11.55 0.32
CA LYS B 424 2.62 -11.84 0.05
C LYS B 424 2.20 -11.31 -1.30
N PHE B 425 1.49 -12.14 -2.02
CA PHE B 425 1.01 -11.79 -3.33
C PHE B 425 -0.30 -12.55 -3.46
N GLY B 426 -1.43 -11.82 -3.37
CA GLY B 426 -2.75 -12.44 -3.37
C GLY B 426 -2.85 -13.26 -2.10
N ASN B 427 -3.16 -14.55 -2.17
CA ASN B 427 -3.21 -15.37 -0.97
C ASN B 427 -2.01 -16.29 -0.87
N ASN B 428 -1.00 -16.08 -1.69
CA ASN B 428 0.22 -16.88 -1.63
C ASN B 428 1.09 -16.18 -0.61
N VAL B 429 1.77 -16.93 0.24
CA VAL B 429 2.51 -16.38 1.36
C VAL B 429 3.80 -17.15 1.44
N ALA B 430 4.90 -16.50 1.83
CA ALA B 430 6.18 -17.13 2.19
C ALA B 430 6.61 -16.39 3.47
N VAL B 431 7.18 -17.05 4.47
CA VAL B 431 7.59 -16.44 5.72
C VAL B 431 9.01 -16.93 5.94
N VAL B 432 9.96 -16.06 6.25
CA VAL B 432 11.36 -16.44 6.34
C VAL B 432 11.81 -15.93 7.68
N ALA B 433 12.46 -16.75 8.49
CA ALA B 433 12.93 -16.34 9.81
C ALA B 433 14.44 -16.53 9.82
N ILE B 434 15.21 -15.52 10.21
CA ILE B 434 16.66 -15.60 10.17
C ILE B 434 17.18 -15.10 11.51
N ASN B 435 17.98 -15.92 12.18
CA ASN B 435 18.62 -15.55 13.42
C ASN B 435 20.09 -15.38 13.05
N ARG B 436 20.65 -14.20 12.88
CA ARG B 436 22.09 -14.09 12.58
C ARG B 436 23.03 -14.37 13.78
N ASN B 437 22.51 -14.53 15.00
CA ASN B 437 23.40 -14.78 16.11
C ASN B 437 23.77 -16.26 16.10
N MET B 438 25.06 -16.53 15.96
CA MET B 438 25.55 -17.89 15.83
C MET B 438 25.69 -18.62 17.14
N ASN B 439 25.45 -17.97 18.27
CA ASN B 439 25.61 -18.59 19.57
C ASN B 439 24.37 -18.55 20.44
N THR B 440 23.37 -17.71 20.16
CA THR B 440 22.20 -17.60 21.02
C THR B 440 20.93 -17.95 20.27
N PRO B 441 20.11 -18.88 20.77
CA PRO B 441 18.77 -19.14 20.25
C PRO B 441 17.86 -17.95 20.54
N ALA B 442 16.81 -17.81 19.76
CA ALA B 442 15.85 -16.73 19.94
C ALA B 442 14.46 -17.31 20.26
N SER B 443 13.78 -16.86 21.32
CA SER B 443 12.43 -17.32 21.63
C SER B 443 11.44 -16.45 20.88
N ILE B 444 10.73 -17.02 19.93
CA ILE B 444 9.82 -16.25 19.15
C ILE B 444 8.46 -16.49 19.75
N THR B 445 7.97 -15.39 20.28
CA THR B 445 6.67 -15.35 20.89
C THR B 445 5.99 -14.17 20.23
N GLY B 446 4.74 -14.36 19.84
CA GLY B 446 3.93 -13.28 19.31
C GLY B 446 3.98 -13.15 17.79
N LEU B 447 4.49 -14.16 17.08
CA LEU B 447 4.57 -14.09 15.63
C LEU B 447 3.19 -14.30 15.03
N VAL B 448 2.73 -13.35 14.23
CA VAL B 448 1.48 -13.44 13.53
C VAL B 448 1.83 -13.45 12.04
N THR B 449 1.20 -14.32 11.26
CA THR B 449 1.47 -14.42 9.83
C THR B 449 0.18 -14.45 9.00
N SER B 450 0.25 -14.40 7.66
CA SER B 450 -0.93 -14.60 6.83
C SER B 450 -1.05 -16.07 6.47
N LEU B 451 -0.33 -17.00 7.11
CA LEU B 451 -0.46 -18.40 6.80
C LEU B 451 -1.80 -18.89 7.35
N PRO B 452 -2.54 -19.73 6.63
CA PRO B 452 -3.66 -20.50 7.17
C PRO B 452 -3.25 -21.36 8.36
N ARG B 453 -4.16 -21.68 9.26
CA ARG B 453 -3.79 -22.53 10.38
C ARG B 453 -3.41 -23.92 9.89
N GLY B 454 -2.39 -24.52 10.47
CA GLY B 454 -1.87 -25.81 10.06
C GLY B 454 -0.38 -25.88 10.42
N SER B 455 0.42 -26.88 10.05
CA SER B 455 1.82 -26.82 10.40
C SER B 455 2.62 -26.86 9.11
N TYR B 456 3.76 -26.19 9.08
CA TYR B 456 4.46 -25.97 7.85
C TYR B 456 5.84 -26.49 8.05
N ASN B 457 6.28 -27.31 7.12
CA ASN B 457 7.66 -27.76 7.14
C ASN B 457 8.58 -26.64 6.68
N ASP B 458 9.77 -26.60 7.24
CA ASP B 458 10.77 -25.70 6.72
C ASP B 458 11.09 -26.17 5.32
N VAL B 459 11.01 -25.33 4.29
CA VAL B 459 11.33 -25.72 2.91
C VAL B 459 12.80 -26.14 2.77
N LEU B 460 13.67 -25.57 3.61
CA LEU B 460 15.07 -25.95 3.61
C LEU B 460 15.29 -27.30 4.28
N GLY B 461 14.26 -27.97 4.80
CA GLY B 461 14.42 -29.30 5.38
C GLY B 461 15.32 -29.35 6.60
N GLY B 462 15.52 -28.23 7.27
CA GLY B 462 16.32 -28.19 8.48
C GLY B 462 17.82 -28.07 8.21
N ILE B 463 18.33 -27.91 6.97
CA ILE B 463 19.78 -27.88 6.77
C ILE B 463 20.42 -26.63 7.32
N LEU B 464 19.68 -25.55 7.54
CA LEU B 464 20.24 -24.38 8.21
C LEU B 464 19.51 -24.23 9.54
N ASN B 465 19.23 -25.37 10.15
CA ASN B 465 18.66 -25.51 11.49
C ASN B 465 17.24 -24.98 11.66
N GLY B 466 16.49 -24.91 10.57
CA GLY B 466 15.13 -24.41 10.62
C GLY B 466 14.21 -25.47 11.19
N ASN B 467 13.02 -25.04 11.56
CA ASN B 467 12.08 -25.89 12.27
C ASN B 467 10.71 -25.84 11.60
N THR B 468 9.78 -26.65 12.11
CA THR B 468 8.41 -26.71 11.63
C THR B 468 7.62 -25.63 12.34
N LEU B 469 6.78 -24.90 11.62
CA LEU B 469 5.95 -23.85 12.21
C LEU B 469 4.53 -24.39 12.38
N THR B 470 3.85 -24.12 13.51
CA THR B 470 2.45 -24.50 13.71
C THR B 470 1.71 -23.19 13.85
N VAL B 471 0.72 -22.99 13.01
CA VAL B 471 -0.02 -21.76 12.99
C VAL B 471 -1.42 -22.15 13.44
N GLY B 472 -1.94 -21.40 14.38
CA GLY B 472 -3.27 -21.59 14.89
C GLY B 472 -4.21 -20.61 14.21
N ALA B 473 -5.32 -20.30 14.85
CA ALA B 473 -6.32 -19.45 14.25
C ALA B 473 -5.82 -18.02 14.22
N GLY B 474 -6.17 -17.30 13.15
CA GLY B 474 -5.78 -15.90 13.00
C GLY B 474 -4.34 -15.75 12.54
N GLY B 475 -3.69 -16.84 12.08
CA GLY B 475 -2.31 -16.78 11.61
C GLY B 475 -1.31 -16.71 12.76
N ALA B 476 -1.73 -16.85 14.02
CA ALA B 476 -0.82 -16.72 15.15
C ALA B 476 -0.03 -18.01 15.30
N ALA B 477 1.28 -17.93 15.27
CA ALA B 477 2.14 -19.09 15.37
C ALA B 477 2.44 -19.52 16.81
N SER B 478 2.48 -20.81 17.11
CA SER B 478 2.87 -21.29 18.42
C SER B 478 4.31 -20.89 18.69
N ASN B 479 4.66 -20.62 19.95
CA ASN B 479 6.00 -20.26 20.37
C ASN B 479 6.99 -21.31 19.99
N PHE B 480 8.16 -20.85 19.54
CA PHE B 480 9.21 -21.75 19.14
C PHE B 480 10.55 -21.08 19.35
N THR B 481 11.58 -21.89 19.24
CA THR B 481 12.94 -21.44 19.36
C THR B 481 13.57 -21.50 17.97
N LEU B 482 14.13 -20.35 17.61
CA LEU B 482 14.90 -20.26 16.39
C LEU B 482 16.31 -20.55 16.89
N ALA B 483 16.85 -21.64 16.38
CA ALA B 483 18.21 -22.05 16.69
C ALA B 483 19.22 -20.94 16.42
N PRO B 484 20.39 -20.91 17.06
CA PRO B 484 21.51 -20.08 16.65
C PRO B 484 21.82 -20.30 15.17
N GLY B 485 21.94 -19.23 14.39
CA GLY B 485 22.19 -19.33 12.96
C GLY B 485 21.01 -19.95 12.20
N GLY B 486 19.87 -20.15 12.85
CA GLY B 486 18.71 -20.78 12.24
C GLY B 486 18.10 -19.90 11.16
N THR B 487 17.81 -20.59 10.05
CA THR B 487 17.10 -19.98 8.95
C THR B 487 16.03 -20.99 8.56
N ALA B 488 14.82 -20.50 8.40
CA ALA B 488 13.69 -21.33 8.06
C ALA B 488 12.81 -20.61 7.06
N VAL B 489 12.12 -21.31 6.16
CA VAL B 489 11.27 -20.68 5.15
C VAL B 489 10.01 -21.56 5.17
N TRP B 490 8.82 -20.96 5.29
CA TRP B 490 7.52 -21.64 5.35
C TRP B 490 6.61 -20.99 4.31
N GLN B 491 5.75 -21.70 3.59
CA GLN B 491 4.99 -21.05 2.53
C GLN B 491 3.61 -21.65 2.38
N TYR B 492 2.76 -20.94 1.66
CA TYR B 492 1.40 -21.37 1.34
C TYR B 492 1.04 -20.83 -0.03
N THR B 493 0.62 -21.65 -0.97
CA THR B 493 0.17 -21.14 -2.24
C THR B 493 -1.27 -21.57 -2.40
N THR B 494 -2.05 -20.78 -3.11
CA THR B 494 -3.38 -21.15 -3.52
C THR B 494 -3.67 -20.34 -4.78
N ASP B 495 -4.58 -20.74 -5.67
CA ASP B 495 -4.75 -20.00 -6.92
C ASP B 495 -5.45 -18.69 -6.66
N ALA B 496 -5.29 -17.73 -7.58
CA ALA B 496 -5.88 -16.42 -7.43
C ALA B 496 -7.05 -16.37 -8.39
N THR B 497 -8.06 -15.74 -7.79
CA THR B 497 -9.33 -15.44 -8.41
C THR B 497 -9.35 -14.07 -9.13
N THR B 498 -8.78 -13.09 -8.41
CA THR B 498 -8.71 -11.69 -8.79
C THR B 498 -7.43 -11.45 -9.57
N PRO B 499 -7.43 -10.60 -10.62
CA PRO B 499 -6.24 -10.16 -11.34
C PRO B 499 -5.26 -9.43 -10.43
N ILE B 500 -3.97 -9.78 -10.41
CA ILE B 500 -2.97 -9.04 -9.64
C ILE B 500 -1.76 -8.97 -10.58
N ILE B 501 -1.29 -7.76 -10.83
CA ILE B 501 -0.12 -7.49 -11.69
C ILE B 501 1.14 -7.52 -10.79
N GLY B 502 2.05 -8.42 -11.12
CA GLY B 502 3.30 -8.57 -10.40
C GLY B 502 4.46 -7.86 -11.12
N ASN B 503 4.49 -7.78 -12.44
CA ASN B 503 5.59 -7.07 -13.09
C ASN B 503 5.17 -6.68 -14.49
N VAL B 504 5.79 -5.66 -15.09
CA VAL B 504 5.52 -5.28 -16.50
C VAL B 504 6.90 -4.96 -17.10
N GLY B 505 7.12 -5.33 -18.35
CA GLY B 505 8.39 -5.06 -19.04
C GLY B 505 8.13 -5.04 -20.54
N PRO B 506 8.66 -4.14 -21.36
CA PRO B 506 9.43 -2.99 -20.94
C PRO B 506 8.56 -1.94 -20.29
N MET B 507 9.13 -0.97 -19.60
CA MET B 507 8.34 0.09 -19.00
C MET B 507 8.44 1.36 -19.80
N MET B 508 8.99 1.35 -21.02
CA MET B 508 9.12 2.56 -21.81
C MET B 508 9.18 2.12 -23.25
N ALA B 509 8.24 2.53 -24.10
CA ALA B 509 8.24 2.17 -25.51
C ALA B 509 7.19 2.98 -26.27
N LYS B 510 7.24 2.97 -27.60
CA LYS B 510 6.32 3.76 -28.40
C LYS B 510 5.06 2.94 -28.70
N PRO B 511 3.94 3.57 -29.12
CA PRO B 511 2.74 2.88 -29.58
C PRO B 511 2.98 1.75 -30.57
N GLY B 512 2.35 0.62 -30.34
CA GLY B 512 2.53 -0.48 -31.24
C GLY B 512 3.51 -1.49 -30.71
N VAL B 513 4.44 -1.25 -29.77
CA VAL B 513 5.23 -2.39 -29.35
C VAL B 513 4.42 -3.16 -28.29
N THR B 514 4.68 -4.48 -28.26
CA THR B 514 4.08 -5.41 -27.35
C THR B 514 4.81 -5.41 -26.00
N ILE B 515 4.04 -5.25 -24.92
CA ILE B 515 4.62 -5.35 -23.61
C ILE B 515 4.10 -6.61 -22.95
N THR B 516 4.82 -7.09 -21.96
CA THR B 516 4.48 -8.28 -21.20
C THR B 516 4.06 -7.92 -19.77
N ILE B 517 2.88 -8.36 -19.35
CA ILE B 517 2.30 -8.10 -18.04
C ILE B 517 2.23 -9.46 -17.38
N ASP B 518 2.88 -9.60 -16.23
CA ASP B 518 2.97 -10.85 -15.50
C ASP B 518 2.28 -10.80 -14.17
N GLY B 519 1.65 -11.86 -13.71
CA GLY B 519 1.02 -11.85 -12.40
C GLY B 519 0.21 -13.13 -12.23
N ARG B 520 -0.94 -13.04 -11.55
CA ARG B 520 -1.86 -14.17 -11.37
C ARG B 520 -3.30 -13.66 -11.41
N GLY B 521 -4.27 -14.54 -11.71
CA GLY B 521 -5.68 -14.20 -11.68
C GLY B 521 -6.21 -13.52 -12.92
N PHE B 522 -5.48 -13.51 -14.04
CA PHE B 522 -5.93 -12.87 -15.28
C PHE B 522 -7.03 -13.68 -15.95
N GLY B 523 -7.06 -14.98 -15.64
CA GLY B 523 -8.04 -15.91 -16.20
C GLY B 523 -7.66 -16.35 -17.61
N SER B 524 -8.39 -17.31 -18.16
CA SER B 524 -8.09 -17.82 -19.49
C SER B 524 -8.65 -17.01 -20.67
N GLY B 525 -9.72 -16.26 -20.45
CA GLY B 525 -10.35 -15.55 -21.54
C GLY B 525 -9.90 -14.11 -21.53
N LYS B 526 -9.65 -13.54 -22.71
CA LYS B 526 -9.23 -12.16 -22.83
C LYS B 526 -10.17 -11.24 -22.13
N GLY B 527 -9.60 -10.30 -21.41
CA GLY B 527 -10.36 -9.27 -20.75
C GLY B 527 -9.90 -8.00 -21.40
N THR B 528 -9.50 -7.05 -20.58
CA THR B 528 -9.14 -5.73 -21.06
C THR B 528 -7.99 -5.16 -20.25
N VAL B 529 -7.14 -4.39 -20.92
CA VAL B 529 -6.07 -3.71 -20.24
C VAL B 529 -6.19 -2.23 -20.58
N TYR B 530 -5.99 -1.45 -19.54
CA TYR B 530 -6.14 -0.02 -19.57
C TYR B 530 -4.79 0.63 -19.54
N PHE B 531 -4.58 1.62 -20.38
CA PHE B 531 -3.43 2.48 -20.28
C PHE B 531 -4.17 3.74 -19.92
N GLY B 532 -4.15 4.16 -18.66
CA GLY B 532 -4.96 5.31 -18.28
C GLY B 532 -6.44 4.93 -18.40
N THR B 533 -7.28 5.67 -19.14
CA THR B 533 -8.69 5.29 -19.30
C THR B 533 -8.90 4.59 -20.64
N THR B 534 -7.81 4.38 -21.41
CA THR B 534 -7.90 3.75 -22.72
C THR B 534 -7.88 2.25 -22.56
N ALA B 535 -9.00 1.67 -22.94
CA ALA B 535 -9.15 0.23 -22.92
C ALA B 535 -8.58 -0.33 -24.21
N VAL B 536 -7.85 -1.43 -24.05
CA VAL B 536 -7.25 -2.15 -25.15
C VAL B 536 -7.85 -3.54 -25.04
N THR B 537 -8.46 -3.99 -26.13
CA THR B 537 -9.12 -5.28 -26.18
C THR B 537 -8.91 -5.99 -27.51
N GLY B 538 -9.50 -7.19 -27.62
CA GLY B 538 -9.56 -7.94 -28.87
C GLY B 538 -8.23 -8.16 -29.52
N ALA B 539 -8.13 -7.89 -30.81
CA ALA B 539 -6.93 -8.16 -31.58
C ALA B 539 -5.60 -7.55 -31.09
N ASP B 540 -5.69 -6.49 -30.28
CA ASP B 540 -4.49 -5.86 -29.75
C ASP B 540 -3.91 -6.54 -28.53
N ILE B 541 -4.59 -7.52 -27.95
CA ILE B 541 -4.03 -8.28 -26.89
C ILE B 541 -3.53 -9.44 -27.71
N VAL B 542 -2.22 -9.50 -27.79
CA VAL B 542 -1.56 -10.50 -28.58
C VAL B 542 -1.67 -11.88 -27.93
N ALA B 543 -1.73 -11.95 -26.60
CA ALA B 543 -1.77 -13.22 -25.89
C ALA B 543 -2.34 -13.03 -24.48
N TRP B 544 -3.11 -13.97 -23.93
CA TRP B 544 -3.71 -13.78 -22.60
C TRP B 544 -3.84 -15.14 -21.99
N GLU B 545 -3.32 -15.25 -20.80
CA GLU B 545 -3.55 -16.44 -20.02
C GLU B 545 -3.45 -16.02 -18.59
N ASP B 546 -3.63 -16.94 -17.66
CA ASP B 546 -3.77 -16.52 -16.29
C ASP B 546 -2.55 -15.87 -15.68
N THR B 547 -1.33 -16.14 -16.12
CA THR B 547 -0.20 -15.52 -15.45
C THR B 547 0.52 -14.50 -16.32
N GLN B 548 0.07 -14.34 -17.57
CA GLN B 548 0.76 -13.48 -18.49
C GLN B 548 -0.12 -12.96 -19.62
N ILE B 549 -0.05 -11.66 -19.85
CA ILE B 549 -0.74 -10.98 -20.95
C ILE B 549 0.33 -10.27 -21.79
N GLN B 550 0.25 -10.35 -23.12
CA GLN B 550 1.09 -9.53 -23.98
C GLN B 550 0.13 -8.62 -24.75
N VAL B 551 0.34 -7.32 -24.78
CA VAL B 551 -0.60 -6.41 -25.40
C VAL B 551 0.17 -5.32 -26.11
N LYS B 552 -0.35 -4.85 -27.24
CA LYS B 552 0.29 -3.75 -27.95
C LYS B 552 -0.14 -2.47 -27.29
N ILE B 553 0.84 -1.58 -27.10
CA ILE B 553 0.61 -0.25 -26.54
C ILE B 553 -0.30 0.54 -27.50
N PRO B 554 -1.42 1.16 -27.07
CA PRO B 554 -2.30 1.96 -27.91
C PRO B 554 -1.65 3.28 -28.31
N ALA B 555 -2.24 3.82 -29.36
CA ALA B 555 -1.81 5.07 -29.93
C ALA B 555 -2.31 6.21 -29.07
N VAL B 556 -1.73 6.36 -27.89
CA VAL B 556 -2.03 7.44 -26.97
C VAL B 556 -0.88 8.44 -27.05
N PRO B 557 -1.09 9.71 -26.64
CA PRO B 557 -0.05 10.70 -26.45
C PRO B 557 1.13 10.22 -25.62
N GLY B 558 2.31 10.78 -25.91
CA GLY B 558 3.46 10.46 -25.10
C GLY B 558 3.21 10.91 -23.66
N GLY B 559 3.61 10.16 -22.65
CA GLY B 559 3.43 10.57 -21.27
C GLY B 559 3.51 9.36 -20.38
N ILE B 560 3.24 9.47 -19.08
CA ILE B 560 3.26 8.27 -18.27
C ILE B 560 1.86 7.90 -17.77
N TYR B 561 1.64 6.60 -17.85
CA TYR B 561 0.36 5.97 -17.68
C TYR B 561 0.36 4.91 -16.60
N ASP B 562 -0.81 4.75 -16.01
CA ASP B 562 -1.04 3.66 -15.07
C ASP B 562 -1.58 2.53 -15.91
N ILE B 563 -1.14 1.33 -15.57
CA ILE B 563 -1.64 0.18 -16.25
C ILE B 563 -2.53 -0.58 -15.27
N ARG B 564 -3.63 -1.11 -15.77
CA ARG B 564 -4.54 -1.91 -14.97
C ARG B 564 -5.10 -2.97 -15.88
N VAL B 565 -5.50 -4.12 -15.35
CA VAL B 565 -6.04 -5.25 -16.12
C VAL B 565 -7.44 -5.52 -15.56
N ALA B 566 -8.37 -5.94 -16.40
CA ALA B 566 -9.69 -6.35 -15.97
C ALA B 566 -9.86 -7.70 -16.63
N ASN B 567 -10.17 -8.73 -15.86
CA ASN B 567 -10.37 -10.04 -16.47
C ASN B 567 -11.69 -10.05 -17.23
N ALA B 568 -12.06 -11.13 -17.91
CA ALA B 568 -13.27 -11.16 -18.71
C ALA B 568 -14.58 -10.95 -17.95
N ALA B 569 -14.58 -11.18 -16.62
CA ALA B 569 -15.76 -10.97 -15.79
C ALA B 569 -15.88 -9.57 -15.21
N GLY B 570 -14.91 -8.69 -15.50
CA GLY B 570 -14.93 -7.29 -15.08
C GLY B 570 -14.17 -6.99 -13.79
N ALA B 571 -13.53 -7.96 -13.14
CA ALA B 571 -12.77 -7.72 -11.92
C ALA B 571 -11.44 -7.09 -12.34
N ALA B 572 -11.10 -5.94 -11.74
CA ALA B 572 -9.97 -5.09 -12.07
C ALA B 572 -8.79 -5.32 -11.15
N SER B 573 -7.56 -5.13 -11.62
CA SER B 573 -6.36 -5.36 -10.82
C SER B 573 -5.91 -4.15 -10.03
N ASN B 574 -4.80 -4.33 -9.32
CA ASN B 574 -4.05 -3.20 -8.75
C ASN B 574 -3.50 -2.36 -9.92
N ILE B 575 -3.18 -1.09 -9.70
CA ILE B 575 -2.57 -0.23 -10.71
C ILE B 575 -1.07 -0.48 -10.75
N TYR B 576 -0.46 -0.62 -11.92
CA TYR B 576 0.98 -0.69 -12.04
C TYR B 576 1.33 0.62 -12.76
N ASP B 577 1.80 1.57 -12.00
CA ASP B 577 2.13 2.92 -12.46
C ASP B 577 3.49 3.10 -13.12
N ASN B 578 3.66 4.35 -13.58
CA ASN B 578 4.89 4.86 -14.16
C ASN B 578 5.27 4.22 -15.48
N PHE B 579 4.30 3.88 -16.33
CA PHE B 579 4.64 3.32 -17.62
C PHE B 579 4.87 4.47 -18.57
N GLU B 580 5.98 4.53 -19.33
CA GLU B 580 6.16 5.65 -20.22
C GLU B 580 5.92 5.31 -21.68
N VAL B 581 4.97 6.01 -22.27
CA VAL B 581 4.70 5.89 -23.69
C VAL B 581 5.54 6.98 -24.37
N LEU B 582 6.38 6.61 -25.32
CA LEU B 582 7.22 7.59 -25.99
C LEU B 582 6.44 8.21 -27.13
N THR B 583 6.75 9.44 -27.51
CA THR B 583 6.13 10.01 -28.69
C THR B 583 6.53 9.23 -29.95
N GLY B 584 7.67 8.54 -29.97
CA GLY B 584 8.08 7.78 -31.14
C GLY B 584 9.48 7.24 -30.90
N ASP B 585 10.16 6.95 -32.00
CA ASP B 585 11.56 6.55 -31.93
C ASP B 585 12.38 7.74 -31.44
N GLN B 586 13.49 7.48 -30.78
CA GLN B 586 14.26 8.51 -30.11
C GLN B 586 15.58 8.75 -30.81
N VAL B 587 16.06 9.98 -30.84
CA VAL B 587 17.41 10.33 -31.26
C VAL B 587 17.95 11.20 -30.13
N THR B 588 19.25 11.23 -29.87
CA THR B 588 19.77 12.13 -28.86
C THR B 588 20.22 13.40 -29.57
N VAL B 589 19.77 14.57 -29.11
CA VAL B 589 20.18 15.88 -29.62
C VAL B 589 20.95 16.61 -28.52
N ARG B 590 22.06 17.28 -28.82
CA ARG B 590 22.78 18.11 -27.86
C ARG B 590 22.23 19.52 -27.93
N PHE B 591 21.68 20.10 -26.85
CA PHE B 591 21.14 21.45 -26.86
C PHE B 591 22.22 22.34 -26.23
N VAL B 592 22.59 23.47 -26.83
CA VAL B 592 23.63 24.36 -26.32
C VAL B 592 23.00 25.75 -26.28
N ILE B 593 23.06 26.43 -25.13
CA ILE B 593 22.49 27.76 -24.92
C ILE B 593 23.65 28.62 -24.41
N ASN B 594 23.85 29.72 -25.10
CA ASN B 594 24.95 30.62 -24.78
C ASN B 594 24.37 31.80 -24.05
N ASN B 595 25.30 32.42 -23.34
CA ASN B 595 25.07 33.65 -22.58
C ASN B 595 23.94 33.55 -21.59
N ALA B 596 23.80 32.37 -21.02
CA ALA B 596 22.80 32.12 -20.01
C ALA B 596 23.48 32.34 -18.66
N THR B 597 23.50 33.60 -18.19
CA THR B 597 24.15 33.91 -16.92
C THR B 597 23.17 33.63 -15.79
N THR B 598 23.66 33.14 -14.67
CA THR B 598 22.84 32.66 -13.60
C THR B 598 23.24 33.33 -12.27
N ALA B 599 22.28 33.33 -11.34
CA ALA B 599 22.41 33.80 -9.98
C ALA B 599 22.82 32.64 -9.10
N LEU B 600 22.91 32.87 -7.78
CA LEU B 600 23.22 31.84 -6.80
C LEU B 600 22.22 30.69 -6.91
N GLY B 601 22.72 29.52 -7.27
CA GLY B 601 21.86 28.35 -7.37
C GLY B 601 20.67 28.53 -8.31
N GLN B 602 20.84 29.35 -9.36
CA GLN B 602 19.85 29.50 -10.40
C GLN B 602 20.40 28.57 -11.47
N ASN B 603 19.61 27.78 -12.20
CA ASN B 603 20.17 26.87 -13.17
C ASN B 603 19.41 26.94 -14.47
N VAL B 604 20.00 26.52 -15.59
CA VAL B 604 19.28 26.59 -16.85
C VAL B 604 18.69 25.21 -17.10
N PHE B 605 17.49 25.22 -17.69
CA PHE B 605 16.63 24.08 -17.99
C PHE B 605 16.02 24.18 -19.37
N LEU B 606 15.60 23.04 -19.89
CA LEU B 606 15.01 22.93 -21.22
C LEU B 606 13.59 22.41 -21.07
N THR B 607 12.60 22.93 -21.80
CA THR B 607 11.28 22.32 -21.83
C THR B 607 10.76 22.56 -23.23
N GLY B 608 9.67 21.87 -23.57
CA GLY B 608 9.15 21.95 -24.90
C GLY B 608 7.85 21.21 -24.99
N ASN B 609 7.37 21.09 -26.21
CA ASN B 609 6.04 20.60 -26.48
C ASN B 609 5.83 19.11 -26.71
N VAL B 610 6.72 18.21 -26.33
CA VAL B 610 6.51 16.77 -26.44
C VAL B 610 6.75 16.25 -25.03
N SER B 611 6.23 15.11 -24.62
CA SER B 611 6.42 14.63 -23.25
C SER B 611 7.88 14.39 -22.91
N GLU B 612 8.73 14.00 -23.87
CA GLU B 612 10.16 13.85 -23.61
C GLU B 612 10.79 15.16 -23.18
N LEU B 613 10.18 16.32 -23.42
CA LEU B 613 10.62 17.64 -22.94
C LEU B 613 9.80 18.19 -21.76
N GLY B 614 8.91 17.36 -21.20
CA GLY B 614 8.12 17.72 -20.05
C GLY B 614 6.89 18.50 -20.39
N ASN B 615 6.50 18.55 -21.66
CA ASN B 615 5.32 19.24 -22.15
C ASN B 615 5.08 20.60 -21.51
N TRP B 616 6.11 21.44 -21.59
CA TRP B 616 6.11 22.80 -21.08
C TRP B 616 5.93 22.97 -19.57
N ASP B 617 5.91 21.90 -18.79
CA ASP B 617 5.73 22.05 -17.36
C ASP B 617 7.10 22.35 -16.80
N PRO B 618 7.37 23.51 -16.17
CA PRO B 618 8.67 23.86 -15.59
C PRO B 618 9.14 22.85 -14.58
N ASN B 619 8.21 22.26 -13.83
CA ASN B 619 8.54 21.22 -12.88
C ASN B 619 8.88 19.89 -13.51
N ASN B 620 8.87 19.83 -14.84
CA ASN B 620 9.22 18.64 -15.56
C ASN B 620 10.26 18.94 -16.64
N ALA B 621 10.91 20.10 -16.55
CA ALA B 621 11.93 20.51 -17.50
C ALA B 621 13.22 19.70 -17.34
N ILE B 622 13.93 19.59 -18.45
CA ILE B 622 15.18 18.86 -18.58
C ILE B 622 16.30 19.64 -17.93
N GLY B 623 16.99 19.00 -17.00
CA GLY B 623 18.13 19.63 -16.44
C GLY B 623 18.28 19.41 -14.95
N PRO B 624 19.10 20.19 -14.22
CA PRO B 624 19.89 21.30 -14.77
C PRO B 624 20.94 20.89 -15.80
N MET B 625 21.13 21.77 -16.77
CA MET B 625 22.08 21.51 -17.83
C MET B 625 23.51 21.64 -17.29
N TYR B 626 24.46 21.16 -18.06
CA TYR B 626 25.85 21.10 -17.66
C TYR B 626 26.55 22.34 -18.15
N ASN B 627 27.69 22.71 -17.57
CA ASN B 627 28.40 23.90 -17.98
C ASN B 627 29.88 23.89 -17.65
N GLN B 628 30.51 22.72 -17.49
CA GLN B 628 31.93 22.64 -17.17
C GLN B 628 32.82 22.11 -18.29
N VAL B 629 32.55 20.88 -18.73
CA VAL B 629 33.45 20.18 -19.61
C VAL B 629 33.32 20.48 -21.10
N VAL B 630 32.23 20.13 -21.78
CA VAL B 630 32.20 20.30 -23.22
C VAL B 630 32.08 21.77 -23.57
N TYR B 631 31.30 22.52 -22.80
CA TYR B 631 31.18 23.95 -22.95
C TYR B 631 31.27 24.44 -21.53
N GLN B 632 31.65 25.71 -21.37
CA GLN B 632 31.80 26.29 -20.06
C GLN B 632 30.86 27.46 -19.92
N TYR B 633 30.37 27.62 -18.69
CA TYR B 633 29.50 28.72 -18.28
C TYR B 633 29.97 30.10 -18.82
N PRO B 634 29.20 31.05 -19.36
CA PRO B 634 27.74 31.01 -19.42
C PRO B 634 27.08 30.20 -20.52
N THR B 635 27.82 29.34 -21.20
CA THR B 635 27.22 28.40 -22.11
C THR B 635 26.87 27.15 -21.28
N TRP B 636 25.69 26.57 -21.50
CA TRP B 636 25.24 25.37 -20.82
C TRP B 636 24.89 24.38 -21.94
N TYR B 637 25.05 23.07 -21.74
CA TYR B 637 24.73 22.06 -22.74
C TYR B 637 24.12 20.83 -22.07
N TYR B 638 23.39 20.00 -22.82
CA TYR B 638 22.80 18.76 -22.32
C TYR B 638 22.47 17.87 -23.50
N ASP B 639 22.61 16.57 -23.33
CA ASP B 639 22.28 15.58 -24.37
C ASP B 639 20.93 15.00 -24.01
N VAL B 640 19.91 15.17 -24.85
CA VAL B 640 18.52 14.85 -24.48
C VAL B 640 17.94 13.88 -25.51
N SER B 641 17.23 12.85 -25.04
CA SER B 641 16.51 11.94 -25.92
C SER B 641 15.24 12.65 -26.37
N VAL B 642 14.98 12.70 -27.66
CA VAL B 642 13.84 13.43 -28.19
C VAL B 642 13.24 12.63 -29.36
N PRO B 643 11.95 12.78 -29.74
CA PRO B 643 11.35 11.97 -30.79
C PRO B 643 11.99 12.32 -32.13
N ALA B 644 12.29 11.30 -32.91
CA ALA B 644 12.97 11.41 -34.17
C ALA B 644 12.05 11.80 -35.32
N GLY B 645 12.61 12.60 -36.22
CA GLY B 645 11.97 12.96 -37.45
C GLY B 645 10.84 13.95 -37.26
N GLN B 646 10.84 14.87 -36.31
CA GLN B 646 9.72 15.76 -36.19
C GLN B 646 10.12 17.10 -35.63
N THR B 647 9.25 18.07 -35.83
CA THR B 647 9.50 19.41 -35.37
C THR B 647 9.08 19.56 -33.90
N ILE B 648 10.01 19.96 -33.07
CA ILE B 648 9.73 20.17 -31.67
C ILE B 648 9.78 21.69 -31.46
N GLU B 649 9.05 22.17 -30.46
CA GLU B 649 9.08 23.57 -30.10
C GLU B 649 9.61 23.53 -28.71
N PHE B 650 10.45 24.49 -28.39
CA PHE B 650 11.13 24.44 -27.10
C PHE B 650 11.53 25.82 -26.65
N LYS B 651 11.82 25.94 -25.36
CA LYS B 651 12.37 27.13 -24.75
C LYS B 651 13.28 26.71 -23.59
N PHE B 652 14.16 27.61 -23.19
CA PHE B 652 15.04 27.40 -22.07
C PHE B 652 14.43 28.26 -20.98
N LEU B 653 14.72 27.92 -19.73
CA LEU B 653 14.20 28.64 -18.59
C LEU B 653 15.28 28.54 -17.55
N LYS B 654 15.30 29.47 -16.61
CA LYS B 654 16.21 29.42 -15.49
C LYS B 654 15.32 29.18 -14.27
N LYS B 655 15.73 28.35 -13.33
CA LYS B 655 14.95 28.20 -12.12
C LYS B 655 15.76 28.57 -10.91
N GLN B 656 15.37 29.58 -10.13
CA GLN B 656 16.00 29.88 -8.84
C GLN B 656 14.97 29.30 -7.90
N GLY B 657 15.13 28.01 -7.59
CA GLY B 657 14.22 27.31 -6.69
C GLY B 657 12.80 27.34 -7.22
N SER B 658 12.01 28.27 -6.70
CA SER B 658 10.61 28.40 -7.07
C SER B 658 10.38 29.31 -8.27
N THR B 659 11.30 30.25 -8.48
CA THR B 659 11.09 31.19 -9.54
C THR B 659 11.62 30.55 -10.81
N VAL B 660 10.75 30.51 -11.81
CA VAL B 660 11.15 30.08 -13.13
C VAL B 660 11.10 31.36 -13.96
N THR B 661 12.20 31.61 -14.67
CA THR B 661 12.37 32.78 -15.49
C THR B 661 12.45 32.18 -16.89
N TRP B 662 11.48 32.52 -17.74
CA TRP B 662 11.43 32.02 -19.09
C TRP B 662 12.24 32.92 -19.98
N GLU B 663 12.71 32.31 -21.03
CA GLU B 663 13.40 33.01 -22.07
C GLU B 663 12.31 33.80 -22.79
N GLY B 664 12.65 34.98 -23.26
CA GLY B 664 11.70 35.75 -24.03
C GLY B 664 11.66 35.30 -25.48
N GLY B 665 10.79 35.94 -26.24
CA GLY B 665 10.66 35.67 -27.67
C GLY B 665 9.66 34.58 -27.94
N ALA B 666 9.64 34.20 -29.21
CA ALA B 666 8.77 33.14 -29.70
C ALA B 666 9.46 31.81 -29.41
N ASN B 667 8.68 30.71 -29.44
CA ASN B 667 9.20 29.37 -29.20
C ASN B 667 10.17 28.97 -30.29
N ARG B 668 11.18 28.21 -29.90
CA ARG B 668 12.19 27.75 -30.84
C ARG B 668 11.64 26.49 -31.48
N THR B 669 12.02 26.28 -32.73
CA THR B 669 11.55 25.19 -33.57
C THR B 669 12.77 24.41 -34.06
N PHE B 670 12.74 23.08 -34.17
CA PHE B 670 13.86 22.30 -34.71
C PHE B 670 13.23 21.02 -35.24
N THR B 671 13.61 20.53 -36.41
CA THR B 671 13.12 19.26 -36.91
C THR B 671 14.24 18.28 -36.57
N THR B 672 13.97 17.32 -35.69
CA THR B 672 14.96 16.36 -35.24
C THR B 672 15.34 15.38 -36.36
N PRO B 673 16.57 14.83 -36.36
CA PRO B 673 16.98 13.83 -37.34
C PRO B 673 16.23 12.51 -37.19
N THR B 674 16.16 11.69 -38.23
CA THR B 674 15.51 10.40 -38.15
C THR B 674 16.39 9.38 -37.49
N SER B 675 17.70 9.57 -37.47
CA SER B 675 18.63 8.66 -36.83
C SER B 675 19.88 9.49 -36.59
N GLY B 676 20.78 9.02 -35.74
CA GLY B 676 22.01 9.76 -35.52
C GLY B 676 21.72 10.84 -34.51
N THR B 677 22.61 11.80 -34.50
CA THR B 677 22.63 12.84 -33.51
C THR B 677 22.49 14.19 -34.20
N ALA B 678 22.27 15.28 -33.46
CA ALA B 678 22.31 16.64 -33.99
C ALA B 678 22.64 17.57 -32.82
N THR B 679 23.10 18.81 -33.05
CA THR B 679 23.38 19.76 -31.98
C THR B 679 22.61 21.04 -32.29
N VAL B 680 21.96 21.68 -31.33
CA VAL B 680 21.22 22.91 -31.54
C VAL B 680 22.03 23.88 -30.74
N ASN B 681 22.60 24.95 -31.29
CA ASN B 681 23.45 25.83 -30.52
C ASN B 681 22.76 27.16 -30.65
N VAL B 682 22.40 27.81 -29.56
CA VAL B 682 21.49 28.93 -29.58
C VAL B 682 21.85 29.97 -28.50
N ASN B 683 21.38 31.22 -28.60
CA ASN B 683 21.65 32.29 -27.63
C ASN B 683 20.48 32.61 -26.76
N TRP B 684 20.72 32.91 -25.49
CA TRP B 684 19.61 33.28 -24.62
C TRP B 684 18.94 34.56 -25.14
N GLN B 685 17.62 34.44 -25.18
CA GLN B 685 16.71 35.50 -25.54
C GLN B 685 16.09 36.00 -24.25
N PRO B 686 16.40 37.23 -23.84
CA PRO B 686 15.78 37.89 -22.69
C PRO B 686 14.31 38.13 -22.96
#